data_8D4T
#
_entry.id   8D4T
#
loop_
_entity.id
_entity.type
_entity.pdbx_description
1 polymer 'Cytochrome c oxidase subunit 1'
2 polymer 'Cytochrome c oxidase subunit 2'
3 polymer 'Cytochrome c oxidase subunit 3'
4 polymer 'Cytochrome c oxidase subunit 4 isoform 1, mitochondrial'
5 polymer 'Cytochrome c oxidase subunit 5A, mitochondrial'
6 polymer 'Cytochrome c oxidase subunit 5B, mitochondrial'
7 polymer 'Cytochrome c oxidase subunit 6A2, mitochondrial'
8 polymer 'Cytochrome c oxidase subunit 6B1'
9 polymer 'Cytochrome c oxidase subunit 6C'
10 polymer 'Cytochrome c oxidase subunit 7A1, mitochondrial'
11 polymer 'Cytochrome c oxidase subunit 7B, mitochondrial'
12 polymer 'Cytochrome c oxidase subunit 7C, mitochondrial'
13 polymer 'Cytochrome c oxidase subunit 8A, mitochondrial'
14 non-polymer 'COPPER (II) ION'
15 non-polymer 'MAGNESIUM ION'
16 non-polymer 'SODIUM ION'
17 non-polymer HEME-A
18 non-polymer '(1R)-2-{[{[(2S)-2,3-DIHYDROXYPROPYL]OXY}(HYDROXY)PHOSPHORYL]OXY}-1-[(PALMITOYLOXY)METHYL]ETHYL (11E)-OCTADEC-11-ENOATE'
19 non-polymer '(1S)-2-{[(2-AMINOETHOXY)(HYDROXY)PHOSPHORYL]OXY}-1-[(STEAROYLOXY)METHYL]ETHYL (5E,8E,11E,14E)-ICOSA-5,8,11,14-TETRAENOATE'
20 non-polymer (3beta,14beta,17beta,25R)-3-[4-methoxy-3-(methoxymethyl)butoxy]spirost-5-en
21 non-polymer 'ZINC ION'
#
loop_
_entity_poly.entity_id
_entity_poly.type
_entity_poly.pdbx_seq_one_letter_code
_entity_poly.pdbx_strand_id
1 'polypeptide(L)'
;(FME)FINRWLFSTNHKDIGTLYLLFGAWAGMVGTALSLLIRAELGQPGTLLGDDQIYNVVVTAHAFVMIFFMVMPIMIG
GFGNWLVPLMIGAPDMAFPRMNNMSFWLLPPSFLLLLASSMVEAGAGTGWTVYPPLAGNLAHAGASVDLTIFSLHLAGVS
SILGAINFITTIINMKPPAMSQYQTPLFVWSVMITAVLLLLSLPVLAAGITMLLTDRNLNTTFFDPAGGGDPILYQHLFW
FFGHPEVYILILPGFGMISHIVTYYSGKKEPFGYMGMVWAMMSIGFLGFIVWAHHMFTVGMDVDTRAYFTSATMIIAIPT
GVKVFSWLATLHGGNIKWSPAMMWALGFIFLFTVGGLTGIVLANSSLDIVLHDTYYVVAHFHYVLSMGAVFAIMGGFVHW
FPLFSGYTLNDTWAKIHFAIMFVGVNMTFFPQHFLGLSGMPRRYSDYPDAYTMWNTISSMGSFISLTAVMLMVFIIWEAF
ASKREVLTVDLTTTNLEWLNGCPPPYHTFEEPTYVNL
;
N
2 'polypeptide(L)'
;(FME)AYPMQLGFQDATSPIMEELLHFHDHTLMIVFLISSLVLYIISLMLTTKLTHTSTMDAQEVETIWTILPAIILILI
ALPSLRILYMMDEINNPSLTVKTMGHQWYWSYEYTDYEDLSFDSYMIPTSELKPGELRLLEVDNRVVLPMEMTIRMLVSS
EDVLHSWAVPSLGLKTDAIPGRLNQTTLMSSRPGLYYGQCSEICGSNHSFMPIVLELVPLKYFEKWSASML
;
O
3 'polypeptide(L)'
;QTHAYHMVNPSPWPLTGALSALLMTSGLTMWFHFNSMTLLMIGLTTNMLTMYQWWRDVIRESTFQGHHTPAVQKGLRYGM
ILFIISEVLFFTGFFWAFYHSSLAPTPELGGCWPPTGIHPLNPLEVPLLNTSVLLASGVSITWAHHSLMEGDRKHMLQAL
FITITLGVYFTLLQASEYYEAPFTISDGVYGSTFFVATGFHGLHVIIGSTFLIVCFFRQLKFHFTSNHHFGFEAAAWYWH
FVDVVWLFLYVSIYWWGS
;
P
4 'polypeptide(L)'
;DYALPSYVDRRDYPLPDVAHVKNLSASQKALKEKEKASWSSLSIDEKVELYRLKFKESFAEMNRSTNEWKTVVGAAMFFI
GFTALLLIWEKHYVYGPIPHTFEEEWVAKQTKRMLDMKVAPIQGFSAKWDYDKNEWK
;
Q
5 'polypeptide(L)'
;ETDEEFDARWVTYFNKPDIDAWELRKGMNTLVGYDLVPEPKIIDAALRACRRLNDFASAVRILEVVKDKAGPHKEIYPYV
IQELRPTLNELGISTPEELGLD
;
R
6 'polypeptide(L)'
;GGVPTDEEQATGLEREVMLAARKGQDPYNILAPKATSGTKEDPNLVPSITNKRIVGCICEEDNSTVIWFWLHKGEAQRCP
SCGTHYKLVPH
;
S
7 'polypeptide(L)' GARTWRFLTFGLALPSVALCTLNSWLHSGHRERPAFIPYHHLRIRTKPFSWGDGNHTFFHNPRVNPLPTGYE T
8 'polypeptide(L)' IKNYQTAPFDSRFPNQNQTRNCWQNYLDFHRCEKAMTAKGGDVSVCEWYRRVYKSLCPISWVSTWDDRRAEGTFPGKI U
9 'polypeptide(L)' LAKPQMRGLLARRLRFHIVGAFMVSLGFATFYKFAVAEKRKKAYADFYRNYDSMKDFEEMRKAGIFQSAK V
10 'polypeptide(L)' FENRVAEKQKLFQEDNGLPVHLKGGATDNILYRVTMTLCLGGTLYSLYCLGWASF W
11 'polypeptide(L)' DFHDKYGNAVLASGATFCVAVWVYMATQIGIEWNPSPVGRVTPKEWR X
12 'polypeptide(L)' HYEEGPGKNIPFSVENKWRLLAMMTLFFGSGFAAPFFIVRHQLLKK Y
13 'polypeptide(L)' IHSLPPEGKLGIMELAVGLTSCFVTFLLPAGWILSHLETYRRP M
#
# COMPACT_ATOMS: atom_id res chain seq x y z
N PHE A 2 0.15 27.37 21.01
CA PHE A 2 -0.57 26.20 20.52
C PHE A 2 -0.44 26.15 19.00
N ILE A 3 -0.65 27.29 18.36
CA ILE A 3 -0.56 27.36 16.91
C ILE A 3 0.87 27.14 16.44
N ASN A 4 1.83 27.76 17.12
CA ASN A 4 3.23 27.58 16.75
C ASN A 4 3.64 26.12 16.85
N ARG A 5 3.12 25.44 17.87
CA ARG A 5 3.49 24.05 18.08
C ARG A 5 2.80 23.06 17.15
N TRP A 6 1.49 23.23 16.96
CA TRP A 6 0.71 22.30 16.16
C TRP A 6 0.38 22.65 14.72
N LEU A 7 0.51 23.92 14.35
CA LEU A 7 0.26 24.34 12.97
C LEU A 7 1.56 24.71 12.25
N PHE A 8 2.55 25.17 13.03
CA PHE A 8 3.83 25.59 12.47
C PHE A 8 4.97 24.66 12.87
N SER A 9 4.63 23.43 13.22
CA SER A 9 5.64 22.48 13.67
C SER A 9 6.79 22.20 12.73
N THR A 10 7.96 21.96 13.31
CA THR A 10 9.16 21.56 12.58
C THR A 10 9.80 20.46 13.43
N ASN A 11 8.96 19.74 14.18
CA ASN A 11 9.40 18.65 15.07
C ASN A 11 8.86 17.30 14.57
N HIS A 12 9.74 16.32 14.39
CA HIS A 12 9.34 15.01 13.88
C HIS A 12 8.33 14.25 14.74
N LYS A 13 8.41 14.42 16.06
CA LYS A 13 7.49 13.73 16.99
C LYS A 13 6.10 14.30 16.89
N ASP A 14 5.99 15.63 17.01
CA ASP A 14 4.70 16.29 16.90
C ASP A 14 4.07 16.03 15.54
N ILE A 15 4.87 16.09 14.48
CA ILE A 15 4.35 15.83 13.15
C ILE A 15 3.87 14.37 13.03
N GLY A 16 4.60 13.44 13.66
CA GLY A 16 4.18 12.04 13.64
C GLY A 16 2.87 11.88 14.39
N THR A 17 2.69 12.66 15.45
CA THR A 17 1.47 12.61 16.25
C THR A 17 0.29 13.11 15.42
N LEU A 18 0.49 14.20 14.70
CA LEU A 18 -0.56 14.73 13.84
C LEU A 18 -0.97 13.64 12.85
N TYR A 19 0.00 12.97 12.25
CA TYR A 19 -0.28 11.89 11.30
C TYR A 19 -1.08 10.76 11.95
N LEU A 20 -0.70 10.36 13.15
CA LEU A 20 -1.41 9.29 13.84
C LEU A 20 -2.86 9.70 14.10
N LEU A 21 -3.08 10.97 14.47
CA LEU A 21 -4.42 11.46 14.72
C LEU A 21 -5.25 11.46 13.46
N PHE A 22 -4.67 11.98 12.38
CA PHE A 22 -5.34 12.04 11.07
C PHE A 22 -5.71 10.62 10.59
N GLY A 23 -4.76 9.70 10.69
CA GLY A 23 -4.99 8.34 10.28
C GLY A 23 -6.06 7.62 11.09
N ALA A 24 -6.13 7.92 12.39
CA ALA A 24 -7.14 7.31 13.26
C ALA A 24 -8.51 7.79 12.84
N TRP A 25 -8.64 9.09 12.58
CA TRP A 25 -9.90 9.68 12.14
C TRP A 25 -10.29 9.07 10.78
N ALA A 26 -9.32 9.00 9.87
CA ALA A 26 -9.57 8.42 8.55
C ALA A 26 -10.07 7.00 8.68
N GLY A 27 -9.47 6.25 9.59
CA GLY A 27 -9.89 4.87 9.81
C GLY A 27 -11.35 4.74 10.21
N MET A 28 -11.87 5.71 10.96
CA MET A 28 -13.29 5.71 11.36
C MET A 28 -14.17 5.88 10.11
N VAL A 29 -13.77 6.82 9.24
CA VAL A 29 -14.49 7.08 7.98
C VAL A 29 -14.48 5.82 7.09
N GLY A 30 -13.31 5.20 6.96
CA GLY A 30 -13.18 4.02 6.15
C GLY A 30 -13.95 2.85 6.70
N THR A 31 -14.07 2.78 8.02
CA THR A 31 -14.83 1.69 8.65
C THR A 31 -16.32 1.90 8.39
N ALA A 32 -16.77 3.15 8.49
CA ALA A 32 -18.17 3.47 8.25
C ALA A 32 -18.55 3.06 6.84
N LEU A 33 -17.68 3.42 5.89
CA LEU A 33 -17.88 3.10 4.48
C LEU A 33 -17.95 1.60 4.26
N SER A 34 -17.12 0.84 4.97
CA SER A 34 -17.11 -0.62 4.83
C SER A 34 -18.39 -1.20 5.42
N LEU A 35 -18.97 -0.53 6.41
CA LEU A 35 -20.20 -0.99 7.01
C LEU A 35 -21.35 -0.77 6.04
N LEU A 36 -21.33 0.36 5.34
CA LEU A 36 -22.36 0.65 4.34
C LEU A 36 -22.31 -0.39 3.21
N ILE A 37 -21.10 -0.78 2.81
CA ILE A 37 -20.93 -1.80 1.78
C ILE A 37 -21.57 -3.10 2.25
N ARG A 38 -21.19 -3.56 3.43
CA ARG A 38 -21.72 -4.81 3.93
C ARG A 38 -23.19 -4.79 4.34
N ALA A 39 -23.73 -3.60 4.62
CA ALA A 39 -25.15 -3.46 4.95
C ALA A 39 -25.92 -3.70 3.65
N GLU A 40 -25.44 -3.11 2.57
CA GLU A 40 -26.13 -3.26 1.28
C GLU A 40 -26.08 -4.72 0.85
N LEU A 41 -24.98 -5.43 1.11
CA LEU A 41 -24.90 -6.84 0.70
C LEU A 41 -25.39 -7.84 1.75
N GLY A 42 -25.81 -7.36 2.92
CA GLY A 42 -26.26 -8.21 4.03
C GLY A 42 -27.43 -9.13 3.79
N GLN A 43 -28.27 -8.75 2.83
CA GLN A 43 -29.42 -9.58 2.43
C GLN A 43 -29.71 -9.22 0.95
N PRO A 44 -30.31 -10.16 0.20
CA PRO A 44 -30.64 -9.95 -1.22
C PRO A 44 -31.54 -8.75 -1.38
N GLY A 45 -31.36 -8.04 -2.49
CA GLY A 45 -32.17 -6.86 -2.74
C GLY A 45 -31.36 -5.61 -2.74
N THR A 46 -32.00 -4.44 -2.63
CA THR A 46 -31.28 -3.14 -2.64
C THR A 46 -31.61 -2.28 -1.43
N LEU A 47 -30.60 -1.69 -0.78
CA LEU A 47 -30.85 -0.92 0.45
C LEU A 47 -30.55 0.55 0.27
N LEU A 48 -29.33 0.91 -0.11
CA LEU A 48 -28.97 2.34 -0.10
C LEU A 48 -29.95 2.98 -1.05
N GLY A 49 -30.24 2.32 -2.16
CA GLY A 49 -31.31 2.85 -3.02
C GLY A 49 -30.98 2.73 -4.49
N ASP A 50 -29.81 3.23 -4.88
CA ASP A 50 -29.38 3.10 -6.29
C ASP A 50 -27.98 2.51 -6.31
N ASP A 51 -27.58 1.94 -7.44
CA ASP A 51 -26.22 1.37 -7.58
C ASP A 51 -25.21 2.50 -7.58
N GLN A 52 -25.55 3.70 -8.05
CA GLN A 52 -24.52 4.73 -8.08
C GLN A 52 -24.07 5.08 -6.68
N ILE A 53 -24.97 5.18 -5.72
CA ILE A 53 -24.50 5.46 -4.35
C ILE A 53 -23.62 4.31 -3.88
N TYR A 54 -23.91 3.07 -4.20
CA TYR A 54 -22.98 2.00 -3.77
C TYR A 54 -21.61 2.15 -4.40
N ASN A 55 -21.52 2.41 -5.71
CA ASN A 55 -20.21 2.43 -6.40
C ASN A 55 -19.40 3.63 -5.99
N VAL A 56 -19.97 4.56 -5.24
CA VAL A 56 -19.35 5.79 -4.77
C VAL A 56 -18.82 5.42 -3.39
N VAL A 57 -19.59 4.61 -2.65
CA VAL A 57 -19.20 4.15 -1.32
C VAL A 57 -17.98 3.24 -1.39
N VAL A 58 -18.00 2.28 -2.30
CA VAL A 58 -16.90 1.34 -2.48
C VAL A 58 -15.60 2.07 -2.83
N THR A 59 -15.71 3.04 -3.75
CA THR A 59 -14.56 3.82 -4.19
C THR A 59 -13.95 4.63 -3.07
N ALA A 60 -14.79 5.33 -2.30
CA ALA A 60 -14.31 6.14 -1.20
C ALA A 60 -13.70 5.25 -0.09
N HIS A 61 -14.31 4.10 0.15
CA HIS A 61 -13.79 3.18 1.17
C HIS A 61 -12.33 2.87 0.88
N ALA A 62 -12.04 2.50 -0.37
CA ALA A 62 -10.68 2.18 -0.79
C ALA A 62 -9.74 3.38 -0.68
N PHE A 63 -10.13 4.52 -1.23
CA PHE A 63 -9.28 5.71 -1.15
C PHE A 63 -8.98 6.10 0.30
N VAL A 64 -9.99 6.07 1.16
CA VAL A 64 -9.80 6.42 2.56
C VAL A 64 -8.88 5.43 3.29
N MET A 65 -9.16 4.14 3.16
CA MET A 65 -8.32 3.14 3.83
C MET A 65 -6.86 3.16 3.38
N ILE A 66 -6.64 3.31 2.08
CA ILE A 66 -5.29 3.32 1.52
C ILE A 66 -4.52 4.63 1.72
N PHE A 67 -5.06 5.72 1.20
CA PHE A 67 -4.39 7.02 1.25
C PHE A 67 -4.49 7.85 2.50
N PHE A 68 -5.57 7.66 3.25
CA PHE A 68 -5.78 8.46 4.44
C PHE A 68 -5.60 7.73 5.76
N MET A 69 -5.69 6.39 5.74
CA MET A 69 -5.50 5.61 6.97
C MET A 69 -4.15 4.88 6.99
N VAL A 70 -3.96 3.91 6.10
CA VAL A 70 -2.72 3.16 6.12
C VAL A 70 -1.44 3.96 5.89
N MET A 71 -1.35 4.69 4.78
CA MET A 71 -0.12 5.41 4.51
C MET A 71 0.24 6.46 5.55
N PRO A 72 -0.74 7.29 5.96
CA PRO A 72 -0.44 8.33 6.96
C PRO A 72 0.03 7.73 8.29
N ILE A 73 -0.59 6.65 8.72
CA ILE A 73 -0.22 6.01 9.98
C ILE A 73 1.17 5.37 9.94
N MET A 74 1.40 4.50 8.97
CA MET A 74 2.68 3.80 8.86
C MET A 74 3.87 4.66 8.52
N ILE A 75 3.74 5.44 7.46
CA ILE A 75 4.83 6.28 7.01
C ILE A 75 4.90 7.61 7.72
N GLY A 76 3.83 8.37 7.70
CA GLY A 76 3.85 9.65 8.37
C GLY A 76 3.87 9.56 9.90
N GLY A 77 3.13 8.60 10.46
CA GLY A 77 3.06 8.47 11.89
C GLY A 77 4.25 7.72 12.47
N PHE A 78 4.26 6.41 12.31
CA PHE A 78 5.36 5.63 12.84
C PHE A 78 6.69 6.05 12.22
N GLY A 79 6.68 6.34 10.91
CA GLY A 79 7.93 6.75 10.25
C GLY A 79 8.56 7.97 10.88
N ASN A 80 7.79 9.05 11.00
CA ASN A 80 8.28 10.29 11.58
C ASN A 80 8.68 10.16 13.02
N TRP A 81 7.89 9.41 13.79
CA TRP A 81 8.18 9.21 15.21
C TRP A 81 9.44 8.40 15.45
N LEU A 82 9.51 7.25 14.81
CA LEU A 82 10.59 6.31 15.02
C LEU A 82 11.87 6.43 14.24
N VAL A 83 11.80 6.82 12.97
CA VAL A 83 13.02 6.87 12.18
C VAL A 83 14.13 7.73 12.77
N PRO A 84 13.85 8.99 13.14
CA PRO A 84 14.93 9.79 13.71
C PRO A 84 15.48 9.22 15.01
N LEU A 85 14.59 8.70 15.86
CA LEU A 85 15.02 8.11 17.13
C LEU A 85 15.89 6.86 16.94
N MET A 86 15.52 6.01 15.97
CA MET A 86 16.27 4.79 15.70
C MET A 86 17.67 4.97 15.11
N ILE A 87 17.97 6.13 14.57
CA ILE A 87 19.30 6.39 14.02
C ILE A 87 20.01 7.50 14.82
N GLY A 88 19.40 7.89 15.93
CA GLY A 88 19.98 8.91 16.80
C GLY A 88 20.07 10.30 16.17
N ALA A 89 19.16 10.62 15.25
CA ALA A 89 19.15 11.91 14.58
C ALA A 89 18.33 12.91 15.37
N PRO A 90 18.70 14.20 15.30
CA PRO A 90 18.00 15.27 16.03
C PRO A 90 16.60 15.58 15.48
N ASP A 91 16.34 15.16 14.24
CA ASP A 91 15.06 15.44 13.54
C ASP A 91 15.18 14.91 12.11
N MET A 92 14.27 15.26 11.21
CA MET A 92 14.30 14.86 9.79
C MET A 92 15.19 15.87 9.04
N ALA A 93 15.64 15.52 7.84
CA ALA A 93 16.49 16.40 7.05
C ALA A 93 15.82 17.73 6.72
N PHE A 94 14.55 17.66 6.32
CA PHE A 94 13.80 18.88 5.96
C PHE A 94 12.58 18.96 6.87
N PRO A 95 12.79 19.40 8.11
CA PRO A 95 11.72 19.52 9.11
C PRO A 95 10.55 20.40 8.78
N ARG A 96 10.77 21.39 7.94
CA ARG A 96 9.70 22.30 7.54
C ARG A 96 8.91 21.68 6.39
N MET A 97 9.61 21.12 5.41
CA MET A 97 8.94 20.46 4.31
C MET A 97 8.10 19.28 4.84
N ASN A 98 8.58 18.65 5.91
CA ASN A 98 7.91 17.52 6.55
C ASN A 98 6.53 17.96 7.01
N ASN A 99 6.44 19.20 7.51
CA ASN A 99 5.17 19.71 7.99
C ASN A 99 4.21 19.93 6.84
N MET A 100 4.73 20.22 5.65
CA MET A 100 3.83 20.42 4.51
C MET A 100 3.26 19.09 4.02
N SER A 101 4.05 18.02 4.12
CA SER A 101 3.56 16.71 3.73
C SER A 101 2.33 16.39 4.57
N PHE A 102 2.36 16.78 5.83
CA PHE A 102 1.20 16.50 6.67
C PHE A 102 0.01 17.38 6.30
N TRP A 103 0.22 18.70 6.28
CA TRP A 103 -0.86 19.63 5.98
C TRP A 103 -1.52 19.53 4.62
N LEU A 104 -0.95 18.73 3.72
CA LEU A 104 -1.55 18.53 2.40
C LEU A 104 -2.64 17.47 2.50
N LEU A 105 -2.60 16.65 3.56
CA LEU A 105 -3.59 15.59 3.71
C LEU A 105 -5.01 16.07 4.04
N PRO A 106 -5.18 17.01 5.00
CA PRO A 106 -6.57 17.45 5.27
C PRO A 106 -7.23 18.02 3.97
N PRO A 107 -6.54 18.89 3.19
CA PRO A 107 -7.12 19.42 1.96
C PRO A 107 -7.44 18.26 1.00
N SER A 108 -6.50 17.31 0.89
CA SER A 108 -6.70 16.15 0.05
C SER A 108 -7.97 15.40 0.46
N PHE A 109 -8.17 15.24 1.77
CA PHE A 109 -9.34 14.55 2.30
C PHE A 109 -10.61 15.35 2.01
N LEU A 110 -10.50 16.68 2.12
CA LEU A 110 -11.64 17.56 1.87
C LEU A 110 -12.10 17.44 0.42
N LEU A 111 -11.16 17.31 -0.52
CA LEU A 111 -11.50 17.15 -1.93
C LEU A 111 -12.21 15.82 -2.18
N LEU A 112 -11.79 14.79 -1.45
CA LEU A 112 -12.42 13.49 -1.60
C LEU A 112 -13.87 13.58 -1.08
N LEU A 113 -14.06 14.27 0.05
CA LEU A 113 -15.41 14.39 0.59
C LEU A 113 -16.27 15.25 -0.33
N ALA A 114 -15.65 16.28 -0.93
CA ALA A 114 -16.37 17.17 -1.85
C ALA A 114 -16.83 16.41 -3.09
N SER A 115 -15.99 15.52 -3.61
CA SER A 115 -16.38 14.75 -4.77
C SER A 115 -17.63 13.89 -4.56
N SER A 116 -17.78 13.31 -3.37
CA SER A 116 -18.87 12.35 -3.08
C SER A 116 -20.12 13.06 -2.63
N MET A 117 -20.12 14.38 -2.69
CA MET A 117 -21.30 15.17 -2.30
C MET A 117 -21.77 15.91 -3.55
N VAL A 118 -20.89 16.55 -4.32
CA VAL A 118 -21.37 17.15 -5.56
C VAL A 118 -21.85 16.09 -6.54
N GLU A 119 -22.78 16.49 -7.41
CA GLU A 119 -23.35 15.62 -8.42
C GLU A 119 -23.76 14.27 -7.84
N ALA A 120 -23.40 13.18 -8.50
CA ALA A 120 -23.74 11.85 -8.02
C ALA A 120 -22.51 11.10 -7.49
N GLY A 121 -21.46 11.85 -7.14
CA GLY A 121 -20.23 11.25 -6.65
C GLY A 121 -19.44 10.57 -7.76
N ALA A 122 -18.28 10.02 -7.41
CA ALA A 122 -17.45 9.31 -8.36
C ALA A 122 -17.58 7.80 -8.09
N GLY A 123 -18.47 7.13 -8.81
CA GLY A 123 -18.64 5.71 -8.62
C GLY A 123 -17.88 5.02 -9.71
N THR A 124 -16.55 5.08 -9.63
CA THR A 124 -15.67 4.52 -10.65
C THR A 124 -14.78 3.37 -10.24
N GLY A 125 -14.68 3.12 -8.94
CA GLY A 125 -13.75 2.11 -8.46
C GLY A 125 -12.51 2.95 -8.11
N TRP A 126 -11.68 2.51 -7.16
CA TRP A 126 -10.51 3.31 -6.80
C TRP A 126 -9.47 3.41 -7.94
N THR A 127 -9.64 2.55 -8.95
CA THR A 127 -8.76 2.52 -10.11
C THR A 127 -9.11 3.64 -11.12
N VAL A 128 -10.31 4.22 -10.98
CA VAL A 128 -10.81 5.32 -11.82
C VAL A 128 -10.64 5.14 -13.36
N TYR A 129 -11.05 4.02 -13.92
CA TYR A 129 -10.71 3.73 -15.33
C TYR A 129 -11.53 4.47 -16.36
N PRO A 130 -10.94 5.25 -17.31
CA PRO A 130 -11.63 5.76 -18.47
C PRO A 130 -12.09 4.55 -19.27
N PRO A 131 -13.19 4.49 -20.06
CA PRO A 131 -14.17 5.54 -20.26
C PRO A 131 -15.20 5.90 -19.17
N LEU A 132 -15.38 5.11 -18.12
CA LEU A 132 -16.45 5.41 -17.12
C LEU A 132 -16.08 6.68 -16.40
N ALA A 133 -14.83 7.02 -16.26
CA ALA A 133 -14.50 8.19 -15.44
C ALA A 133 -14.43 9.41 -16.33
N GLY A 134 -14.98 9.33 -17.53
CA GLY A 134 -14.89 10.40 -18.52
C GLY A 134 -15.96 11.44 -18.35
N ASN A 135 -16.08 12.35 -19.31
CA ASN A 135 -16.98 13.51 -19.17
C ASN A 135 -18.33 13.19 -19.76
N LEU A 136 -18.58 11.95 -20.14
CA LEU A 136 -19.92 11.60 -20.63
C LEU A 136 -20.49 10.58 -19.67
N ALA A 137 -19.70 9.59 -19.32
CA ALA A 137 -20.16 8.55 -18.38
C ALA A 137 -20.32 9.15 -16.98
N HIS A 138 -19.39 9.98 -16.55
CA HIS A 138 -19.45 10.64 -15.23
C HIS A 138 -19.22 12.13 -15.41
N ALA A 139 -20.22 12.87 -15.87
CA ALA A 139 -20.00 14.28 -16.21
C ALA A 139 -20.18 15.10 -14.96
N GLY A 140 -19.51 16.25 -14.87
CA GLY A 140 -19.58 16.97 -13.61
C GLY A 140 -18.26 16.94 -12.85
N ALA A 141 -18.20 17.70 -11.77
CA ALA A 141 -16.99 17.83 -10.95
C ALA A 141 -16.49 16.65 -10.11
N SER A 142 -17.35 15.66 -9.82
CA SER A 142 -16.94 14.54 -8.97
C SER A 142 -15.60 13.89 -9.29
N VAL A 143 -15.44 13.35 -10.49
CA VAL A 143 -14.17 12.70 -10.84
C VAL A 143 -13.01 13.68 -10.83
N ASP A 144 -13.26 14.94 -11.17
CA ASP A 144 -12.19 15.93 -11.14
C ASP A 144 -11.73 16.23 -9.71
N LEU A 145 -12.67 16.23 -8.76
CA LEU A 145 -12.29 16.47 -7.37
C LEU A 145 -11.48 15.29 -6.83
N THR A 146 -11.80 14.09 -7.31
CA THR A 146 -11.11 12.87 -6.93
C THR A 146 -9.66 12.88 -7.44
N ILE A 147 -9.47 13.32 -8.68
CA ILE A 147 -8.14 13.41 -9.29
C ILE A 147 -7.30 14.42 -8.50
N PHE A 148 -7.88 15.57 -8.17
CA PHE A 148 -7.16 16.59 -7.42
C PHE A 148 -6.78 16.10 -6.01
N SER A 149 -7.57 15.19 -5.46
CA SER A 149 -7.25 14.61 -4.13
C SER A 149 -6.03 13.74 -4.26
N LEU A 150 -5.94 12.95 -5.31
CA LEU A 150 -4.81 12.03 -5.53
C LEU A 150 -3.54 12.82 -5.80
N HIS A 151 -3.63 13.94 -6.49
CA HIS A 151 -2.44 14.79 -6.69
C HIS A 151 -1.92 15.30 -5.36
N LEU A 152 -2.76 15.82 -4.48
CA LEU A 152 -2.31 16.39 -3.19
C LEU A 152 -1.77 15.27 -2.31
N ALA A 153 -2.38 14.09 -2.32
CA ALA A 153 -1.87 12.91 -1.59
C ALA A 153 -0.54 12.45 -2.18
N GLY A 154 -0.40 12.48 -3.48
CA GLY A 154 0.88 12.15 -4.13
C GLY A 154 1.95 13.17 -3.93
N VAL A 155 1.66 14.46 -3.96
CA VAL A 155 2.69 15.49 -3.65
C VAL A 155 3.10 15.25 -2.20
N SER A 156 2.16 14.93 -1.32
CA SER A 156 2.48 14.71 0.10
C SER A 156 3.42 13.54 0.29
N SER A 157 3.17 12.41 -0.37
CA SER A 157 4.06 11.23 -0.29
C SER A 157 5.39 11.41 -1.00
N ILE A 158 5.46 12.06 -2.15
CA ILE A 158 6.76 12.39 -2.81
C ILE A 158 7.58 13.38 -1.95
N LEU A 159 6.99 14.33 -1.22
CA LEU A 159 7.76 15.34 -0.44
C LEU A 159 8.02 14.71 0.92
N GLY A 160 7.46 13.55 1.20
CA GLY A 160 7.73 12.73 2.37
C GLY A 160 8.81 11.72 2.04
N ALA A 161 8.78 11.20 0.81
CA ALA A 161 9.76 10.21 0.37
C ALA A 161 11.14 10.83 0.28
N ILE A 162 11.20 12.04 -0.28
CA ILE A 162 12.48 12.75 -0.41
C ILE A 162 13.10 12.98 0.98
N ASN A 163 12.24 13.38 1.91
CA ASN A 163 12.66 13.64 3.30
C ASN A 163 13.18 12.36 4.00
N PHE A 164 12.44 11.25 3.88
CA PHE A 164 12.87 10.01 4.50
C PHE A 164 14.16 9.48 3.91
N ILE A 165 14.31 9.50 2.60
CA ILE A 165 15.51 8.91 1.95
C ILE A 165 16.71 9.79 2.28
N THR A 166 16.56 11.10 2.31
CA THR A 166 17.66 11.98 2.69
C THR A 166 18.05 11.80 4.16
N THR A 167 17.06 11.75 5.04
CA THR A 167 17.32 11.57 6.47
C THR A 167 18.07 10.26 6.76
N ILE A 168 17.60 9.16 6.18
CA ILE A 168 18.17 7.84 6.39
C ILE A 168 19.57 7.67 5.82
N ILE A 169 19.89 8.22 4.66
CA ILE A 169 21.25 8.12 4.09
C ILE A 169 22.18 9.14 4.74
N ASN A 170 21.73 10.37 5.01
CA ASN A 170 22.60 11.43 5.49
C ASN A 170 22.72 11.69 6.97
N MET A 171 21.77 11.24 7.78
CA MET A 171 21.81 11.58 9.18
C MET A 171 22.02 10.51 10.23
N LYS A 172 22.71 9.43 9.86
CA LYS A 172 23.00 8.36 10.83
C LYS A 172 24.33 8.77 11.48
N PRO A 173 24.69 8.16 12.63
CA PRO A 173 25.98 8.52 13.24
C PRO A 173 27.08 8.17 12.22
N PRO A 174 28.18 8.94 12.19
CA PRO A 174 29.29 8.72 11.25
C PRO A 174 29.82 7.28 11.16
N ALA A 175 29.80 6.56 12.27
CA ALA A 175 30.29 5.18 12.31
C ALA A 175 29.26 4.13 11.86
N MET A 176 27.99 4.50 11.82
CA MET A 176 26.92 3.57 11.46
C MET A 176 26.73 3.41 9.95
N SER A 177 26.96 2.20 9.42
CA SER A 177 26.75 1.99 8.00
C SER A 177 25.26 1.66 7.81
N GLN A 178 24.86 1.50 6.56
CA GLN A 178 23.43 1.30 6.30
C GLN A 178 23.11 -0.07 6.87
N TYR A 179 24.09 -0.94 6.91
CA TYR A 179 23.84 -2.32 7.36
C TYR A 179 24.01 -2.41 8.86
N GLN A 180 23.76 -1.32 9.56
CA GLN A 180 23.77 -1.32 11.02
C GLN A 180 22.54 -0.54 11.46
N THR A 181 21.62 -0.26 10.52
CA THR A 181 20.37 0.44 10.85
C THR A 181 19.29 -0.62 11.07
N PRO A 182 18.32 -0.31 11.94
CA PRO A 182 17.24 -1.27 12.23
C PRO A 182 16.41 -1.58 10.98
N LEU A 183 15.79 -2.76 10.96
CA LEU A 183 14.98 -3.15 9.82
C LEU A 183 13.80 -2.21 9.53
N PHE A 184 13.23 -1.57 10.54
CA PHE A 184 12.14 -0.65 10.28
C PHE A 184 12.62 0.54 9.47
N VAL A 185 13.83 1.01 9.78
CA VAL A 185 14.42 2.13 9.04
C VAL A 185 14.62 1.69 7.57
N TRP A 186 15.10 0.48 7.33
CA TRP A 186 15.28 -0.07 5.96
C TRP A 186 13.94 -0.23 5.27
N SER A 187 12.88 -0.61 5.99
CA SER A 187 11.55 -0.74 5.40
C SER A 187 10.99 0.60 4.93
N VAL A 188 11.24 1.65 5.70
CA VAL A 188 10.79 2.99 5.36
C VAL A 188 11.56 3.55 4.17
N MET A 189 12.84 3.24 4.06
CA MET A 189 13.64 3.70 2.92
C MET A 189 13.18 2.99 1.65
N ILE A 190 12.96 1.69 1.66
CA ILE A 190 12.62 1.01 0.39
C ILE A 190 11.17 1.31 0.07
N THR A 191 10.38 1.80 1.02
CA THR A 191 9.03 2.29 0.74
C THR A 191 9.12 3.68 0.12
N ALA A 192 9.98 4.53 0.66
CA ALA A 192 10.17 5.89 0.14
C ALA A 192 10.68 5.86 -1.30
N VAL A 193 11.58 4.95 -1.65
CA VAL A 193 12.19 4.89 -3.01
C VAL A 193 11.14 4.35 -3.98
N LEU A 194 10.10 3.68 -3.49
CA LEU A 194 9.07 3.10 -4.37
C LEU A 194 8.04 4.18 -4.57
N LEU A 195 7.75 5.00 -3.57
CA LEU A 195 6.85 6.16 -3.68
C LEU A 195 7.42 7.17 -4.66
N LEU A 196 8.71 7.43 -4.54
CA LEU A 196 9.38 8.41 -5.40
C LEU A 196 9.29 8.07 -6.88
N LEU A 197 9.32 6.78 -7.20
CA LEU A 197 9.38 6.31 -8.61
C LEU A 197 8.02 5.90 -9.16
N SER A 198 7.06 5.56 -8.32
CA SER A 198 5.70 5.23 -8.79
C SER A 198 4.67 6.36 -8.84
N LEU A 199 4.55 7.14 -7.79
CA LEU A 199 3.52 8.20 -7.76
C LEU A 199 3.72 9.22 -8.88
N PRO A 200 4.90 9.53 -9.47
CA PRO A 200 4.94 10.44 -10.62
C PRO A 200 4.27 9.85 -11.88
N VAL A 201 4.28 8.54 -12.02
CA VAL A 201 3.63 7.91 -13.15
C VAL A 201 2.12 8.02 -12.96
N LEU A 202 1.66 7.79 -11.74
CA LEU A 202 0.24 7.92 -11.44
C LEU A 202 -0.17 9.36 -11.76
N ALA A 203 0.62 10.32 -11.27
CA ALA A 203 0.34 11.73 -11.51
C ALA A 203 0.23 12.03 -13.01
N ALA A 204 1.12 11.44 -13.81
CA ALA A 204 1.08 11.66 -15.24
C ALA A 204 -0.27 11.13 -15.77
N GLY A 205 -0.59 9.89 -15.38
CA GLY A 205 -1.81 9.25 -15.82
C GLY A 205 -3.11 9.95 -15.46
N ILE A 206 -3.24 10.39 -14.21
CA ILE A 206 -4.47 11.05 -13.81
C ILE A 206 -4.54 12.48 -14.38
N THR A 207 -3.39 13.05 -14.72
CA THR A 207 -3.37 14.38 -15.34
C THR A 207 -3.91 14.23 -16.76
N MET A 208 -3.59 13.11 -17.40
CA MET A 208 -4.08 12.86 -18.73
C MET A 208 -5.60 12.59 -18.71
N LEU A 209 -6.13 11.95 -17.67
CA LEU A 209 -7.59 11.79 -17.61
C LEU A 209 -8.11 13.20 -17.46
N LEU A 210 -7.55 13.97 -16.57
CA LEU A 210 -8.05 15.32 -16.32
C LEU A 210 -8.17 16.13 -17.60
N THR A 211 -7.15 16.04 -18.46
CA THR A 211 -7.16 16.79 -19.71
C THR A 211 -8.19 16.19 -20.67
N ASP A 212 -8.39 14.88 -20.61
CA ASP A 212 -9.35 14.19 -21.49
C ASP A 212 -10.73 14.65 -21.07
N ARG A 213 -10.92 14.90 -19.80
CA ARG A 213 -12.22 15.31 -19.25
C ARG A 213 -12.43 16.82 -19.46
N ASN A 214 -11.39 17.66 -19.47
CA ASN A 214 -11.58 19.11 -19.54
C ASN A 214 -10.93 19.94 -20.63
N LEU A 215 -9.94 19.38 -21.32
CA LEU A 215 -9.23 20.14 -22.33
C LEU A 215 -9.31 19.50 -23.72
N ASN A 216 -10.22 18.55 -23.86
CA ASN A 216 -10.43 17.88 -25.13
C ASN A 216 -9.25 17.06 -25.70
N THR A 217 -8.41 16.56 -24.82
CA THR A 217 -7.33 15.68 -25.26
C THR A 217 -8.02 14.31 -25.41
N THR A 218 -7.34 13.35 -26.02
CA THR A 218 -7.95 12.04 -26.26
C THR A 218 -6.91 10.97 -26.03
N PHE A 219 -6.20 10.98 -24.90
CA PHE A 219 -5.24 9.94 -24.55
C PHE A 219 -5.92 8.58 -24.40
N PHE A 220 -7.14 8.57 -23.85
CA PHE A 220 -7.84 7.32 -23.60
C PHE A 220 -9.13 7.16 -24.37
N ASP A 221 -9.51 8.15 -25.19
CA ASP A 221 -10.80 8.11 -25.93
C ASP A 221 -10.61 7.35 -27.24
N PRO A 222 -11.29 6.22 -27.49
CA PRO A 222 -11.07 5.42 -28.67
C PRO A 222 -11.45 6.18 -29.94
N ALA A 223 -12.47 7.02 -29.88
CA ALA A 223 -12.95 7.82 -31.03
C ALA A 223 -11.87 8.74 -31.59
N GLY A 224 -11.07 9.31 -30.72
CA GLY A 224 -10.00 10.23 -31.14
C GLY A 224 -8.70 9.50 -31.35
N GLY A 225 -8.71 8.18 -31.24
CA GLY A 225 -7.50 7.44 -31.56
C GLY A 225 -6.73 7.04 -30.33
N GLY A 226 -7.32 7.19 -29.16
CA GLY A 226 -6.56 6.90 -27.96
C GLY A 226 -6.92 5.55 -27.46
N ASP A 227 -6.53 5.22 -26.23
CA ASP A 227 -6.75 3.84 -25.81
C ASP A 227 -7.02 3.77 -24.31
N PRO A 228 -8.23 3.23 -23.93
CA PRO A 228 -8.57 3.07 -22.55
C PRO A 228 -7.58 2.21 -21.78
N ILE A 229 -6.92 1.26 -22.45
CA ILE A 229 -5.94 0.36 -21.85
C ILE A 229 -4.64 1.07 -21.48
N LEU A 230 -4.35 2.20 -22.15
CA LEU A 230 -3.15 2.97 -21.82
C LEU A 230 -3.27 3.44 -20.37
N TYR A 231 -4.45 3.92 -19.99
CA TYR A 231 -4.67 4.37 -18.62
C TYR A 231 -4.37 3.25 -17.62
N GLN A 232 -4.83 2.04 -17.93
CA GLN A 232 -4.64 0.91 -17.04
C GLN A 232 -3.16 0.64 -16.80
N HIS A 233 -2.35 0.71 -17.86
CA HIS A 233 -0.90 0.50 -17.73
C HIS A 233 -0.27 1.55 -16.83
N LEU A 234 -0.61 2.82 -17.07
CA LEU A 234 -0.09 3.92 -16.28
C LEU A 234 -0.53 3.80 -14.83
N PHE A 235 -1.79 3.44 -14.61
CA PHE A 235 -2.29 3.29 -13.25
C PHE A 235 -1.61 2.14 -12.53
N TRP A 236 -1.64 0.96 -13.13
CA TRP A 236 -1.06 -0.20 -12.49
C TRP A 236 0.45 -0.17 -12.34
N PHE A 237 1.13 0.61 -13.18
CA PHE A 237 2.57 0.73 -13.06
C PHE A 237 2.86 1.35 -11.67
N PHE A 238 1.93 2.19 -11.21
CA PHE A 238 1.98 2.79 -9.86
C PHE A 238 1.27 1.83 -8.88
N GLY A 239 0.13 1.31 -9.31
CA GLY A 239 -0.71 0.44 -8.49
C GLY A 239 -0.07 -0.76 -7.85
N HIS A 240 0.75 -1.51 -8.57
CA HIS A 240 1.38 -2.63 -7.90
C HIS A 240 2.41 -2.12 -6.86
N PRO A 241 3.34 -1.24 -7.26
CA PRO A 241 4.29 -0.75 -6.25
C PRO A 241 3.53 -0.25 -5.03
N GLU A 242 2.36 0.36 -5.24
CA GLU A 242 1.55 0.88 -4.15
C GLU A 242 1.19 -0.19 -3.13
N VAL A 243 0.87 -1.40 -3.56
CA VAL A 243 0.51 -2.39 -2.57
C VAL A 243 1.72 -2.80 -1.75
N TYR A 244 2.92 -2.73 -2.32
CA TYR A 244 4.13 -3.07 -1.57
C TYR A 244 4.51 -1.90 -0.64
N ILE A 245 4.10 -0.70 -1.03
CA ILE A 245 4.31 0.50 -0.21
C ILE A 245 3.41 0.36 1.03
N LEU A 246 2.24 -0.26 0.87
CA LEU A 246 1.31 -0.45 1.97
C LEU A 246 1.75 -1.52 2.98
N ILE A 247 2.52 -2.50 2.52
CA ILE A 247 2.94 -3.58 3.40
C ILE A 247 4.40 -3.52 3.89
N LEU A 248 5.29 -2.86 3.17
CA LEU A 248 6.69 -2.80 3.61
C LEU A 248 6.95 -2.25 5.01
N PRO A 249 6.36 -1.08 5.38
CA PRO A 249 6.58 -0.56 6.73
C PRO A 249 5.99 -1.54 7.75
N GLY A 250 4.97 -2.28 7.32
CA GLY A 250 4.34 -3.29 8.15
C GLY A 250 5.36 -4.39 8.43
N PHE A 251 6.02 -4.87 7.37
CA PHE A 251 7.09 -5.89 7.51
C PHE A 251 8.15 -5.39 8.48
N GLY A 252 8.52 -4.12 8.36
CA GLY A 252 9.51 -3.53 9.24
C GLY A 252 9.07 -3.55 10.70
N MET A 253 7.83 -3.14 10.99
CA MET A 253 7.34 -3.15 12.36
C MET A 253 7.22 -4.56 12.89
N ILE A 254 6.79 -5.50 12.04
CA ILE A 254 6.66 -6.90 12.46
C ILE A 254 8.01 -7.45 12.91
N SER A 255 9.07 -7.11 12.18
CA SER A 255 10.40 -7.57 12.56
C SER A 255 10.77 -7.06 13.94
N HIS A 256 10.46 -5.81 14.23
CA HIS A 256 10.77 -5.26 15.55
C HIS A 256 9.96 -5.89 16.65
N ILE A 257 8.66 -6.06 16.41
CA ILE A 257 7.75 -6.64 17.39
C ILE A 257 8.09 -8.10 17.71
N VAL A 258 8.31 -8.90 16.68
CA VAL A 258 8.65 -10.31 16.86
C VAL A 258 9.98 -10.45 17.62
N THR A 259 10.98 -9.66 17.25
CA THR A 259 12.27 -9.69 17.92
C THR A 259 12.13 -9.28 19.39
N TYR A 260 11.43 -8.17 19.62
CA TYR A 260 11.22 -7.66 20.96
C TYR A 260 10.52 -8.64 21.88
N TYR A 261 9.34 -9.13 21.49
CA TYR A 261 8.61 -10.06 22.34
C TYR A 261 9.10 -11.50 22.38
N SER A 262 10.15 -11.80 21.62
CA SER A 262 10.77 -13.12 21.64
C SER A 262 11.93 -13.00 22.61
N GLY A 263 12.15 -11.80 23.15
CA GLY A 263 13.23 -11.56 24.08
C GLY A 263 14.58 -11.66 23.39
N LYS A 264 14.61 -11.39 22.09
CA LYS A 264 15.82 -11.46 21.29
C LYS A 264 16.46 -10.08 21.13
N LYS A 265 17.78 -10.06 20.97
CA LYS A 265 18.48 -8.79 20.79
C LYS A 265 18.50 -8.40 19.31
N GLU A 266 18.15 -9.34 18.44
CA GLU A 266 18.19 -9.07 17.01
C GLU A 266 17.31 -10.04 16.26
N PRO A 267 16.85 -9.64 15.06
CA PRO A 267 16.01 -10.50 14.24
C PRO A 267 16.93 -11.53 13.56
N PHE A 268 16.38 -12.66 13.18
CA PHE A 268 17.18 -13.72 12.55
C PHE A 268 17.53 -13.27 11.16
N GLY A 269 18.74 -13.57 10.75
CA GLY A 269 19.16 -13.25 9.40
C GLY A 269 18.89 -11.84 8.89
N TYR A 270 19.46 -10.87 9.59
CA TYR A 270 19.33 -9.46 9.25
C TYR A 270 19.58 -9.13 7.78
N MET A 271 20.63 -9.73 7.22
CA MET A 271 21.04 -9.40 5.84
C MET A 271 20.13 -10.06 4.83
N GLY A 272 19.60 -11.23 5.11
CA GLY A 272 18.62 -11.82 4.19
C GLY A 272 17.35 -11.03 4.11
N MET A 273 16.86 -10.51 5.23
CA MET A 273 15.65 -9.65 5.27
C MET A 273 15.92 -8.31 4.60
N VAL A 274 17.09 -7.69 4.76
CA VAL A 274 17.46 -6.44 4.03
C VAL A 274 17.44 -6.73 2.53
N TRP A 275 18.00 -7.85 2.08
CA TRP A 275 18.00 -8.26 0.65
C TRP A 275 16.60 -8.57 0.17
N ALA A 276 15.78 -9.21 0.99
CA ALA A 276 14.40 -9.57 0.61
C ALA A 276 13.54 -8.34 0.44
N MET A 277 13.73 -7.31 1.24
CA MET A 277 12.98 -6.05 1.11
C MET A 277 13.52 -5.24 -0.05
N MET A 278 14.74 -5.46 -0.51
CA MET A 278 15.26 -4.75 -1.70
C MET A 278 14.77 -5.48 -2.94
N SER A 279 14.63 -6.81 -2.89
CA SER A 279 14.04 -7.59 -4.00
C SER A 279 12.54 -7.39 -4.11
N ILE A 280 11.79 -7.38 -3.02
CA ILE A 280 10.31 -7.24 -3.06
C ILE A 280 10.00 -5.85 -3.55
N GLY A 281 10.99 -4.99 -3.64
CA GLY A 281 10.78 -3.61 -4.08
C GLY A 281 11.18 -3.43 -5.51
N PHE A 282 12.06 -4.27 -6.03
CA PHE A 282 12.50 -4.20 -7.44
C PHE A 282 11.58 -5.10 -8.24
N LEU A 283 11.19 -6.24 -7.67
CA LEU A 283 10.24 -7.06 -8.41
C LEU A 283 8.87 -6.38 -8.54
N GLY A 284 8.50 -5.61 -7.53
CA GLY A 284 7.23 -4.91 -7.52
C GLY A 284 7.02 -3.94 -8.67
N PHE A 285 8.08 -3.61 -9.41
CA PHE A 285 8.02 -2.64 -10.53
C PHE A 285 8.09 -3.34 -11.88
N ILE A 286 8.00 -4.66 -11.96
CA ILE A 286 7.94 -5.36 -13.23
C ILE A 286 6.83 -6.41 -13.36
N VAL A 287 5.76 -6.24 -12.58
CA VAL A 287 4.68 -7.22 -12.58
C VAL A 287 3.26 -6.63 -12.74
N TRP A 288 3.16 -5.32 -12.92
CA TRP A 288 1.88 -4.62 -12.97
C TRP A 288 0.76 -5.19 -13.83
N ALA A 289 1.10 -5.74 -14.99
CA ALA A 289 0.09 -6.26 -15.88
C ALA A 289 -0.71 -7.46 -15.38
N HIS A 290 -0.39 -7.99 -14.19
CA HIS A 290 -1.20 -9.08 -13.63
C HIS A 290 -2.58 -8.56 -13.20
N HIS A 291 -2.77 -7.26 -13.30
CA HIS A 291 -4.05 -6.61 -13.02
C HIS A 291 -4.80 -6.41 -14.34
N MET A 292 -4.26 -6.98 -15.41
CA MET A 292 -4.83 -6.81 -16.74
C MET A 292 -4.87 -8.10 -17.55
N PHE A 293 -4.96 -9.23 -16.88
CA PHE A 293 -4.97 -10.53 -17.56
C PHE A 293 -6.17 -10.79 -18.48
N THR A 294 -7.25 -10.01 -18.36
CA THR A 294 -8.41 -10.22 -19.24
C THR A 294 -8.63 -9.13 -20.27
N VAL A 295 -7.73 -8.15 -20.35
CA VAL A 295 -7.91 -7.04 -21.30
C VAL A 295 -7.60 -7.40 -22.72
N GLY A 296 -7.00 -8.58 -22.93
CA GLY A 296 -6.67 -9.01 -24.28
C GLY A 296 -5.22 -8.83 -24.71
N MET A 297 -4.28 -9.21 -23.85
CA MET A 297 -2.85 -9.10 -24.20
C MET A 297 -2.36 -10.39 -24.82
N ASP A 298 -1.25 -10.30 -25.52
CA ASP A 298 -0.63 -11.45 -26.16
C ASP A 298 -0.34 -12.51 -25.12
N VAL A 299 -0.35 -13.77 -25.55
CA VAL A 299 -0.09 -14.88 -24.64
C VAL A 299 1.32 -14.88 -24.04
N ASP A 300 2.32 -14.46 -24.81
CA ASP A 300 3.69 -14.41 -24.29
C ASP A 300 3.82 -13.35 -23.21
N THR A 301 3.15 -12.21 -23.40
CA THR A 301 3.16 -11.15 -22.39
C THR A 301 2.51 -11.68 -21.10
N ARG A 302 1.43 -12.45 -21.27
CA ARG A 302 0.75 -13.04 -20.13
C ARG A 302 1.58 -14.13 -19.43
N ALA A 303 2.37 -14.87 -20.19
CA ALA A 303 3.23 -15.91 -19.63
C ALA A 303 4.34 -15.23 -18.83
N TYR A 304 4.86 -14.11 -19.34
CA TYR A 304 5.90 -13.38 -18.64
C TYR A 304 5.36 -12.84 -17.31
N PHE A 305 4.25 -12.11 -17.36
CA PHE A 305 3.69 -11.56 -16.13
C PHE A 305 3.30 -12.58 -15.09
N THR A 306 2.94 -13.79 -15.52
CA THR A 306 2.58 -14.85 -14.60
C THR A 306 3.86 -15.28 -13.86
N SER A 307 4.92 -15.50 -14.63
CA SER A 307 6.20 -15.93 -14.10
C SER A 307 6.89 -14.93 -13.20
N ALA A 308 6.96 -13.69 -13.63
CA ALA A 308 7.59 -12.63 -12.86
C ALA A 308 6.88 -12.43 -11.54
N THR A 309 5.56 -12.59 -11.55
CA THR A 309 4.71 -12.38 -10.34
C THR A 309 4.97 -13.46 -9.33
N MET A 310 5.31 -14.65 -9.76
CA MET A 310 5.46 -15.78 -8.81
C MET A 310 6.88 -15.79 -8.27
N ILE A 311 7.76 -14.94 -8.75
CA ILE A 311 9.14 -14.86 -8.22
C ILE A 311 9.11 -13.93 -7.02
N ILE A 312 8.04 -13.17 -6.84
CA ILE A 312 7.88 -12.23 -5.69
C ILE A 312 7.66 -13.08 -4.45
N ALA A 313 7.23 -14.33 -4.61
CA ALA A 313 7.01 -15.26 -3.49
C ALA A 313 8.31 -15.65 -2.81
N ILE A 314 9.37 -15.94 -3.56
CA ILE A 314 10.70 -16.31 -2.99
C ILE A 314 11.19 -15.21 -2.04
N PRO A 315 11.30 -13.90 -2.37
CA PRO A 315 11.71 -12.92 -1.41
C PRO A 315 10.81 -12.82 -0.18
N THR A 316 9.49 -12.90 -0.33
CA THR A 316 8.51 -12.75 0.79
C THR A 316 8.55 -14.00 1.66
N GLY A 317 9.23 -15.04 1.23
CA GLY A 317 9.34 -16.28 2.00
C GLY A 317 10.61 -16.32 2.79
N VAL A 318 11.58 -15.50 2.45
CA VAL A 318 12.82 -15.41 3.26
C VAL A 318 12.55 -14.42 4.38
N LYS A 319 11.37 -13.80 4.44
CA LYS A 319 10.96 -12.97 5.57
C LYS A 319 10.08 -13.76 6.55
N VAL A 320 9.13 -14.51 6.02
CA VAL A 320 8.22 -15.28 6.84
C VAL A 320 8.97 -16.28 7.70
N PHE A 321 9.90 -16.98 7.04
CA PHE A 321 10.73 -18.06 7.64
C PHE A 321 11.90 -17.50 8.40
N SER A 322 12.07 -16.21 8.47
CA SER A 322 13.01 -15.50 9.36
C SER A 322 12.27 -15.01 10.62
N TRP A 323 11.01 -14.61 10.46
CA TRP A 323 10.21 -14.18 11.61
C TRP A 323 9.98 -15.40 12.53
N LEU A 324 9.72 -16.55 11.92
CA LEU A 324 9.52 -17.79 12.67
C LEU A 324 10.83 -18.16 13.36
N ALA A 325 11.95 -17.96 12.65
CA ALA A 325 13.27 -18.28 13.21
C ALA A 325 13.68 -17.30 14.30
N THR A 326 13.02 -16.15 14.35
CA THR A 326 13.30 -15.18 15.40
C THR A 326 12.54 -15.63 16.67
N LEU A 327 11.37 -16.22 16.48
CA LEU A 327 10.56 -16.73 17.60
C LEU A 327 11.28 -17.94 18.21
N HIS A 328 11.95 -18.70 17.36
CA HIS A 328 12.67 -19.92 17.73
C HIS A 328 13.65 -19.71 18.87
N GLY A 329 13.42 -20.42 19.98
CA GLY A 329 14.28 -20.32 21.13
C GLY A 329 14.06 -19.08 21.99
N GLY A 330 13.00 -18.34 21.71
CA GLY A 330 12.75 -17.13 22.47
C GLY A 330 12.05 -17.33 23.78
N ASN A 331 12.21 -16.36 24.68
CA ASN A 331 11.51 -16.36 25.95
C ASN A 331 10.29 -15.50 25.57
N ILE A 332 9.27 -16.16 25.01
CA ILE A 332 8.07 -15.48 24.52
C ILE A 332 7.21 -14.73 25.53
N LYS A 333 7.00 -13.44 25.27
CA LYS A 333 6.16 -12.58 26.09
C LYS A 333 4.84 -12.43 25.32
N TRP A 334 3.77 -13.05 25.84
CA TRP A 334 2.45 -13.01 25.20
C TRP A 334 1.70 -11.70 25.35
N SER A 335 2.35 -10.61 24.97
CA SER A 335 1.74 -9.29 25.06
C SER A 335 0.76 -9.13 23.90
N PRO A 336 -0.12 -8.11 23.97
CA PRO A 336 -1.08 -7.87 22.90
C PRO A 336 -0.38 -7.63 21.55
N ALA A 337 0.74 -6.91 21.56
CA ALA A 337 1.50 -6.62 20.33
C ALA A 337 1.98 -7.89 19.66
N MET A 338 2.46 -8.82 20.47
CA MET A 338 2.92 -10.10 19.96
C MET A 338 1.77 -10.82 19.28
N MET A 339 0.59 -10.77 19.89
CA MET A 339 -0.57 -11.44 19.32
C MET A 339 -0.89 -10.91 17.93
N TRP A 340 -0.86 -9.60 17.78
CA TRP A 340 -1.12 -8.97 16.49
C TRP A 340 -0.09 -9.43 15.47
N ALA A 341 1.17 -9.54 15.91
CA ALA A 341 2.25 -9.95 15.00
C ALA A 341 2.13 -11.40 14.60
N LEU A 342 1.72 -12.27 15.53
CA LEU A 342 1.54 -13.68 15.21
C LEU A 342 0.36 -13.84 14.23
N GLY A 343 -0.71 -13.09 14.45
CA GLY A 343 -1.85 -13.14 13.55
C GLY A 343 -1.42 -12.65 12.18
N PHE A 344 -0.59 -11.61 12.16
CA PHE A 344 -0.09 -11.07 10.90
C PHE A 344 0.65 -12.14 10.11
N ILE A 345 1.61 -12.81 10.74
CA ILE A 345 2.40 -13.82 10.05
C ILE A 345 1.54 -14.85 9.35
N PHE A 346 0.56 -15.41 10.07
CA PHE A 346 -0.31 -16.44 9.49
C PHE A 346 -1.27 -15.90 8.43
N LEU A 347 -2.02 -14.85 8.79
CA LEU A 347 -2.99 -14.27 7.88
C LEU A 347 -2.39 -13.64 6.62
N PHE A 348 -1.23 -13.01 6.75
CA PHE A 348 -0.56 -12.43 5.58
C PHE A 348 -0.13 -13.55 4.64
N THR A 349 0.36 -14.66 5.21
CA THR A 349 0.80 -15.80 4.42
C THR A 349 -0.37 -16.34 3.56
N VAL A 350 -1.54 -16.47 4.18
CA VAL A 350 -2.74 -16.94 3.50
C VAL A 350 -3.07 -16.00 2.34
N GLY A 351 -3.08 -14.70 2.62
CA GLY A 351 -3.38 -13.71 1.58
C GLY A 351 -2.33 -13.72 0.48
N GLY A 352 -1.08 -13.91 0.87
CA GLY A 352 -0.03 -13.95 -0.14
C GLY A 352 -0.20 -15.16 -1.03
N LEU A 353 -0.57 -16.28 -0.42
CA LEU A 353 -0.75 -17.53 -1.17
C LEU A 353 -1.89 -17.43 -2.18
N THR A 354 -2.99 -16.78 -1.83
CA THR A 354 -4.07 -16.66 -2.78
C THR A 354 -3.63 -15.67 -3.89
N GLY A 355 -2.65 -14.82 -3.57
CA GLY A 355 -2.11 -13.90 -4.56
C GLY A 355 -1.37 -14.72 -5.62
N ILE A 356 -0.76 -15.83 -5.19
CA ILE A 356 0.04 -16.72 -6.10
C ILE A 356 -0.92 -17.56 -6.92
N VAL A 357 -2.13 -17.73 -6.43
CA VAL A 357 -3.13 -18.43 -7.22
C VAL A 357 -3.55 -17.48 -8.36
N LEU A 358 -3.78 -16.22 -8.01
CA LEU A 358 -4.19 -15.19 -8.97
C LEU A 358 -3.13 -14.85 -10.00
N ALA A 359 -1.86 -15.07 -9.68
CA ALA A 359 -0.74 -14.80 -10.60
C ALA A 359 -0.83 -15.62 -11.88
N ASN A 360 -1.51 -16.76 -11.81
CA ASN A 360 -1.67 -17.62 -12.97
C ASN A 360 -2.73 -17.05 -13.91
N SER A 361 -2.29 -16.44 -15.02
CA SER A 361 -3.22 -15.82 -15.96
C SER A 361 -4.34 -16.74 -16.44
N SER A 362 -4.06 -18.04 -16.50
CA SER A 362 -5.06 -19.03 -16.92
C SER A 362 -6.22 -19.01 -15.92
N LEU A 363 -5.90 -19.25 -14.66
CA LEU A 363 -6.90 -19.24 -13.59
C LEU A 363 -7.51 -17.87 -13.39
N ASP A 364 -6.69 -16.83 -13.52
CA ASP A 364 -7.18 -15.49 -13.33
C ASP A 364 -8.29 -15.13 -14.27
N ILE A 365 -8.40 -15.83 -15.40
CA ILE A 365 -9.48 -15.52 -16.33
C ILE A 365 -10.79 -15.65 -15.58
N VAL A 366 -10.91 -16.74 -14.84
CA VAL A 366 -12.12 -17.01 -14.06
C VAL A 366 -12.19 -16.28 -12.71
N LEU A 367 -11.05 -15.98 -12.09
CA LEU A 367 -11.08 -15.30 -10.79
C LEU A 367 -11.08 -13.78 -10.88
N HIS A 368 -10.62 -13.24 -12.00
CA HIS A 368 -10.57 -11.80 -12.13
C HIS A 368 -11.93 -11.15 -11.96
N ASP A 369 -11.94 -9.98 -11.33
CA ASP A 369 -13.15 -9.19 -11.09
C ASP A 369 -14.23 -9.97 -10.32
N THR A 370 -13.80 -10.89 -9.47
CA THR A 370 -14.70 -11.66 -8.63
C THR A 370 -14.24 -11.45 -7.18
N TYR A 371 -15.05 -11.93 -6.25
CA TYR A 371 -14.72 -11.81 -4.84
C TYR A 371 -13.51 -12.60 -4.37
N TYR A 372 -12.91 -13.41 -5.25
CA TYR A 372 -11.71 -14.13 -4.84
C TYR A 372 -10.57 -13.10 -4.70
N VAL A 373 -10.60 -12.06 -5.54
CA VAL A 373 -9.60 -11.01 -5.50
C VAL A 373 -9.81 -10.20 -4.24
N VAL A 374 -11.07 -9.88 -3.95
CA VAL A 374 -11.41 -9.11 -2.74
C VAL A 374 -10.96 -9.85 -1.47
N ALA A 375 -11.08 -11.18 -1.47
CA ALA A 375 -10.66 -12.01 -0.36
C ALA A 375 -9.14 -11.90 -0.23
N HIS A 376 -8.45 -12.08 -1.34
CA HIS A 376 -6.99 -11.98 -1.37
C HIS A 376 -6.49 -10.67 -0.75
N PHE A 377 -6.90 -9.55 -1.31
CA PHE A 377 -6.40 -8.30 -0.78
C PHE A 377 -6.84 -7.87 0.59
N HIS A 378 -7.96 -8.39 1.09
CA HIS A 378 -8.39 -8.04 2.44
C HIS A 378 -7.57 -8.83 3.46
N TYR A 379 -7.08 -10.00 3.08
CA TYR A 379 -6.24 -10.78 3.97
C TYR A 379 -4.90 -10.08 4.12
N VAL A 380 -4.34 -9.57 3.02
CA VAL A 380 -3.05 -8.88 3.09
C VAL A 380 -3.17 -7.44 3.61
N LEU A 381 -4.33 -6.80 3.41
CA LEU A 381 -4.54 -5.43 3.86
C LEU A 381 -5.28 -5.28 5.15
N SER A 382 -6.48 -5.87 5.21
CA SER A 382 -7.30 -5.77 6.41
C SER A 382 -6.81 -6.68 7.54
N MET A 383 -5.94 -7.61 7.21
CA MET A 383 -5.37 -8.47 8.24
C MET A 383 -3.88 -8.19 8.28
N GLY A 384 -3.21 -8.18 7.14
CA GLY A 384 -1.79 -7.90 7.18
C GLY A 384 -1.44 -6.48 7.62
N ALA A 385 -1.67 -5.50 6.75
CA ALA A 385 -1.38 -4.10 7.06
C ALA A 385 -1.97 -3.63 8.38
N VAL A 386 -3.25 -3.90 8.57
CA VAL A 386 -3.96 -3.50 9.77
C VAL A 386 -3.40 -4.15 11.04
N PHE A 387 -3.08 -5.44 11.01
CA PHE A 387 -2.51 -6.09 12.20
C PHE A 387 -1.13 -5.50 12.52
N ALA A 388 -0.34 -5.20 11.50
CA ALA A 388 0.97 -4.59 11.73
C ALA A 388 0.76 -3.21 12.38
N ILE A 389 -0.23 -2.45 11.91
CA ILE A 389 -0.52 -1.15 12.50
C ILE A 389 -0.99 -1.28 13.96
N MET A 390 -1.88 -2.24 14.21
CA MET A 390 -2.38 -2.45 15.57
C MET A 390 -1.26 -2.89 16.50
N GLY A 391 -0.41 -3.82 16.02
CA GLY A 391 0.71 -4.32 16.81
C GLY A 391 1.69 -3.20 17.14
N GLY A 392 2.04 -2.41 16.12
CA GLY A 392 2.94 -1.30 16.33
C GLY A 392 2.33 -0.26 17.26
N PHE A 393 1.03 -0.02 17.11
CA PHE A 393 0.35 0.95 17.95
C PHE A 393 0.35 0.55 19.43
N VAL A 394 0.00 -0.70 19.74
CA VAL A 394 0.01 -1.08 21.15
C VAL A 394 1.42 -1.17 21.71
N HIS A 395 2.37 -1.58 20.88
CA HIS A 395 3.76 -1.67 21.31
C HIS A 395 4.38 -0.30 21.61
N TRP A 396 4.18 0.66 20.71
CA TRP A 396 4.78 1.98 20.89
C TRP A 396 3.94 3.05 21.55
N PHE A 397 2.67 2.77 21.82
CA PHE A 397 1.82 3.75 22.47
C PHE A 397 2.46 4.28 23.76
N PRO A 398 3.02 3.39 24.61
CA PRO A 398 3.65 3.87 25.86
C PRO A 398 4.81 4.83 25.59
N LEU A 399 5.53 4.60 24.50
CA LEU A 399 6.64 5.48 24.13
C LEU A 399 6.13 6.85 23.69
N PHE A 400 5.12 6.87 22.83
CA PHE A 400 4.60 8.12 22.32
C PHE A 400 3.87 8.94 23.38
N SER A 401 3.11 8.28 24.24
CA SER A 401 2.32 8.99 25.25
C SER A 401 2.87 9.07 26.66
N GLY A 402 3.66 8.09 27.06
CA GLY A 402 4.19 8.07 28.42
C GLY A 402 3.27 7.27 29.33
N TYR A 403 2.17 6.74 28.76
CA TYR A 403 1.19 5.96 29.50
C TYR A 403 1.06 4.53 28.99
N THR A 404 0.65 3.59 29.83
CA THR A 404 0.55 2.18 29.41
C THR A 404 -0.93 1.81 29.29
N LEU A 405 -1.31 1.00 28.31
CA LEU A 405 -2.67 0.60 28.00
C LEU A 405 -2.99 -0.54 28.97
N ASN A 406 -4.24 -0.92 29.04
CA ASN A 406 -4.62 -2.06 29.87
C ASN A 406 -4.45 -3.28 28.95
N ASP A 407 -3.46 -4.13 29.27
CA ASP A 407 -3.16 -5.32 28.47
C ASP A 407 -4.31 -6.28 28.27
N THR A 408 -5.11 -6.49 29.31
CA THR A 408 -6.23 -7.42 29.18
C THR A 408 -7.23 -6.88 28.18
N TRP A 409 -7.58 -5.60 28.27
CA TRP A 409 -8.51 -5.01 27.32
C TRP A 409 -7.93 -5.11 25.90
N ALA A 410 -6.61 -4.91 25.76
CA ALA A 410 -5.96 -4.98 24.45
C ALA A 410 -6.03 -6.39 23.86
N LYS A 411 -5.96 -7.41 24.73
CA LYS A 411 -6.05 -8.80 24.28
C LYS A 411 -7.47 -9.15 23.88
N ILE A 412 -8.44 -8.54 24.55
CA ILE A 412 -9.87 -8.73 24.23
C ILE A 412 -10.15 -8.11 22.85
N HIS A 413 -9.59 -6.92 22.63
CA HIS A 413 -9.69 -6.19 21.36
C HIS A 413 -9.15 -7.06 20.21
N PHE A 414 -7.97 -7.64 20.40
CA PHE A 414 -7.39 -8.51 19.41
C PHE A 414 -8.30 -9.73 19.09
N ALA A 415 -8.82 -10.38 20.13
CA ALA A 415 -9.69 -11.55 19.95
C ALA A 415 -10.95 -11.23 19.10
N ILE A 416 -11.62 -10.13 19.43
CA ILE A 416 -12.81 -9.71 18.70
C ILE A 416 -12.47 -9.42 17.23
N MET A 417 -11.42 -8.64 17.01
CA MET A 417 -11.01 -8.28 15.66
C MET A 417 -10.64 -9.50 14.83
N PHE A 418 -9.98 -10.46 15.47
CA PHE A 418 -9.53 -11.66 14.79
C PHE A 418 -10.73 -12.45 14.24
N VAL A 419 -11.77 -12.58 15.06
CA VAL A 419 -12.98 -13.29 14.67
C VAL A 419 -13.70 -12.50 13.58
N GLY A 420 -13.81 -11.20 13.80
CA GLY A 420 -14.49 -10.32 12.86
C GLY A 420 -13.95 -10.35 11.45
N VAL A 421 -12.65 -10.09 11.27
CA VAL A 421 -12.07 -10.09 9.92
C VAL A 421 -12.09 -11.45 9.24
N ASN A 422 -11.92 -12.53 9.99
CA ASN A 422 -11.95 -13.84 9.37
C ASN A 422 -13.36 -14.24 8.93
N MET A 423 -14.34 -13.88 9.74
CA MET A 423 -15.74 -14.18 9.41
C MET A 423 -16.15 -13.31 8.21
N THR A 424 -15.61 -12.11 8.14
CA THR A 424 -15.93 -11.21 7.03
C THR A 424 -15.35 -11.70 5.69
N PHE A 425 -14.05 -11.98 5.67
CA PHE A 425 -13.38 -12.32 4.44
C PHE A 425 -13.18 -13.76 4.02
N PHE A 426 -13.17 -14.69 4.98
CA PHE A 426 -12.98 -16.08 4.56
C PHE A 426 -14.05 -16.59 3.58
N PRO A 427 -15.34 -16.33 3.87
CA PRO A 427 -16.42 -16.79 2.98
C PRO A 427 -16.34 -16.18 1.58
N GLN A 428 -15.66 -15.03 1.47
CA GLN A 428 -15.54 -14.37 0.17
C GLN A 428 -14.74 -15.20 -0.84
N HIS A 429 -13.94 -16.17 -0.37
CA HIS A 429 -13.20 -17.03 -1.28
C HIS A 429 -14.22 -17.86 -2.06
N PHE A 430 -15.21 -18.39 -1.33
CA PHE A 430 -16.27 -19.22 -1.92
C PHE A 430 -17.08 -18.44 -2.94
N LEU A 431 -17.47 -17.21 -2.56
CA LEU A 431 -18.22 -16.34 -3.44
C LEU A 431 -17.43 -16.08 -4.73
N GLY A 432 -16.11 -15.98 -4.60
CA GLY A 432 -15.27 -15.72 -5.76
C GLY A 432 -15.17 -16.93 -6.67
N LEU A 433 -14.84 -18.07 -6.11
CA LEU A 433 -14.71 -19.29 -6.89
C LEU A 433 -16.00 -19.58 -7.62
N SER A 434 -17.13 -19.35 -6.94
CA SER A 434 -18.44 -19.61 -7.53
C SER A 434 -18.92 -18.52 -8.50
N GLY A 435 -18.12 -17.49 -8.69
CA GLY A 435 -18.48 -16.44 -9.65
C GLY A 435 -19.12 -15.12 -9.28
N MET A 436 -19.16 -14.74 -8.01
CA MET A 436 -19.77 -13.45 -7.67
C MET A 436 -18.85 -12.30 -8.10
N PRO A 437 -19.34 -11.41 -8.98
CA PRO A 437 -18.56 -10.27 -9.46
C PRO A 437 -18.29 -9.18 -8.41
N ARG A 438 -17.23 -8.40 -8.63
CA ARG A 438 -16.87 -7.30 -7.75
C ARG A 438 -17.72 -6.11 -8.14
N ARG A 439 -17.89 -5.16 -7.23
CA ARG A 439 -18.55 -3.88 -7.54
C ARG A 439 -20.04 -4.08 -7.84
N TYR A 440 -20.66 -5.15 -7.35
CA TYR A 440 -22.08 -5.47 -7.60
C TYR A 440 -22.90 -5.13 -6.36
N SER A 441 -23.93 -4.26 -6.45
CA SER A 441 -24.79 -3.83 -5.32
C SER A 441 -25.69 -4.93 -4.82
N ASP A 442 -26.02 -5.90 -5.63
CA ASP A 442 -26.91 -7.02 -5.38
C ASP A 442 -26.39 -8.21 -6.16
N TYR A 443 -26.80 -9.40 -5.75
CA TYR A 443 -26.32 -10.62 -6.36
C TYR A 443 -27.40 -11.69 -6.53
N PRO A 444 -27.15 -12.66 -7.41
CA PRO A 444 -28.11 -13.75 -7.64
C PRO A 444 -28.34 -14.48 -6.32
N ASP A 445 -29.53 -15.02 -6.15
CA ASP A 445 -29.92 -15.71 -4.93
C ASP A 445 -28.99 -16.76 -4.35
N ALA A 446 -28.32 -17.52 -5.21
CA ALA A 446 -27.41 -18.56 -4.75
C ALA A 446 -26.28 -18.06 -3.83
N TYR A 447 -25.93 -16.78 -3.95
CA TYR A 447 -24.82 -16.18 -3.17
C TYR A 447 -25.21 -15.64 -1.79
N THR A 448 -26.47 -15.79 -1.43
CA THR A 448 -27.00 -15.27 -0.18
C THR A 448 -26.35 -15.71 1.13
N MET A 449 -26.10 -17.00 1.32
CA MET A 449 -25.52 -17.44 2.59
C MET A 449 -24.20 -16.79 2.93
N TRP A 450 -23.23 -16.92 2.02
CA TRP A 450 -21.90 -16.36 2.26
C TRP A 450 -21.91 -14.84 2.41
N ASN A 451 -22.75 -14.14 1.66
CA ASN A 451 -22.85 -12.68 1.82
C ASN A 451 -23.45 -12.28 3.16
N THR A 452 -24.44 -13.02 3.63
CA THR A 452 -25.01 -12.78 4.98
C THR A 452 -23.88 -12.98 5.99
N ILE A 453 -23.22 -14.13 6.04
CA ILE A 453 -22.18 -14.40 7.03
C ILE A 453 -21.09 -13.34 6.97
N SER A 454 -20.68 -12.94 5.76
CA SER A 454 -19.65 -11.92 5.61
C SER A 454 -20.07 -10.58 6.25
N SER A 455 -21.32 -10.17 6.04
CA SER A 455 -21.82 -8.93 6.62
C SER A 455 -21.91 -8.96 8.15
N MET A 456 -22.18 -10.11 8.72
CA MET A 456 -22.24 -10.25 10.18
C MET A 456 -20.84 -10.25 10.76
N GLY A 457 -19.84 -10.70 10.04
CA GLY A 457 -18.45 -10.59 10.47
C GLY A 457 -18.02 -9.13 10.49
N SER A 458 -18.50 -8.34 9.53
CA SER A 458 -18.13 -6.93 9.47
C SER A 458 -18.66 -6.15 10.67
N PHE A 459 -19.75 -6.62 11.27
CA PHE A 459 -20.31 -5.96 12.46
C PHE A 459 -19.45 -6.29 13.67
N ILE A 460 -18.86 -7.48 13.66
CA ILE A 460 -17.99 -7.88 14.77
C ILE A 460 -16.77 -6.98 14.75
N SER A 461 -16.27 -6.68 13.54
CA SER A 461 -15.11 -5.80 13.41
C SER A 461 -15.46 -4.39 13.90
N LEU A 462 -16.68 -3.94 13.61
CA LEU A 462 -17.13 -2.62 14.06
C LEU A 462 -17.04 -2.59 15.59
N THR A 463 -17.48 -3.67 16.22
CA THR A 463 -17.45 -3.74 17.69
C THR A 463 -16.01 -3.60 18.23
N ALA A 464 -15.06 -4.21 17.52
CA ALA A 464 -13.65 -4.11 17.88
C ALA A 464 -13.11 -2.68 17.71
N VAL A 465 -13.52 -1.99 16.64
CA VAL A 465 -13.08 -0.62 16.42
C VAL A 465 -13.59 0.33 17.53
N MET A 466 -14.84 0.13 17.94
CA MET A 466 -15.43 0.94 19.00
C MET A 466 -14.70 0.67 20.30
N LEU A 467 -14.39 -0.61 20.55
CA LEU A 467 -13.69 -0.96 21.78
C LEU A 467 -12.30 -0.31 21.82
N MET A 468 -11.62 -0.29 20.67
CA MET A 468 -10.29 0.31 20.62
C MET A 468 -10.31 1.77 21.02
N VAL A 469 -11.34 2.52 20.61
CA VAL A 469 -11.43 3.93 20.99
C VAL A 469 -11.57 4.03 22.51
N PHE A 470 -12.38 3.15 23.09
CA PHE A 470 -12.57 3.15 24.53
C PHE A 470 -11.24 2.86 25.23
N ILE A 471 -10.51 1.87 24.71
CA ILE A 471 -9.23 1.47 25.31
C ILE A 471 -8.22 2.61 25.34
N ILE A 472 -8.16 3.40 24.27
CA ILE A 472 -7.24 4.53 24.23
C ILE A 472 -7.70 5.55 25.25
N TRP A 473 -8.99 5.78 25.42
CA TRP A 473 -9.48 6.74 26.43
C TRP A 473 -9.00 6.18 27.73
N GLU A 474 -9.34 4.96 28.04
CA GLU A 474 -9.02 4.44 29.36
C GLU A 474 -7.57 4.66 29.74
N ALA A 475 -6.66 4.51 28.78
CA ALA A 475 -5.25 4.72 29.06
C ALA A 475 -4.97 6.18 29.44
N PHE A 476 -5.51 7.13 28.67
CA PHE A 476 -5.32 8.53 28.96
C PHE A 476 -6.09 8.97 30.21
N ALA A 477 -7.17 8.28 30.52
CA ALA A 477 -8.00 8.58 31.70
C ALA A 477 -7.34 8.15 33.00
N SER A 478 -6.75 6.95 33.02
CA SER A 478 -6.10 6.41 34.21
C SER A 478 -4.71 6.97 34.48
N LYS A 479 -3.98 7.33 33.43
CA LYS A 479 -2.64 7.89 33.58
C LYS A 479 -1.60 7.06 34.34
N ARG A 480 -1.34 5.84 33.84
CA ARG A 480 -0.31 4.92 34.41
C ARG A 480 0.99 5.10 33.65
N GLU A 481 2.00 5.69 34.26
CA GLU A 481 3.24 6.02 33.55
C GLU A 481 4.16 4.83 33.36
N VAL A 482 5.16 4.91 32.49
CA VAL A 482 6.09 3.78 32.16
C VAL A 482 7.35 3.88 33.01
N LEU A 483 7.57 2.93 33.92
CA LEU A 483 8.78 2.86 34.79
C LEU A 483 10.03 2.42 34.05
N THR A 484 10.08 1.16 33.60
CA THR A 484 11.29 0.58 33.03
C THR A 484 10.90 -0.14 31.75
N VAL A 485 11.62 0.08 30.66
CA VAL A 485 11.38 -0.67 29.40
C VAL A 485 12.50 -1.69 29.36
N ASP A 486 12.19 -2.96 29.08
CA ASP A 486 13.25 -3.92 28.90
C ASP A 486 13.83 -3.86 27.46
N LEU A 487 15.04 -4.37 27.30
CA LEU A 487 15.72 -4.44 26.00
C LEU A 487 16.09 -3.12 25.35
N THR A 488 16.34 -2.10 26.14
CA THR A 488 16.71 -0.83 25.56
C THR A 488 18.06 -0.91 24.84
N THR A 489 18.89 -1.89 25.18
CA THR A 489 20.20 -1.99 24.52
C THR A 489 20.05 -2.23 23.02
N THR A 490 18.92 -2.78 22.59
CA THR A 490 18.71 -3.03 21.17
C THR A 490 17.43 -2.37 20.62
N ASN A 491 16.97 -1.33 21.29
CA ASN A 491 15.78 -0.61 20.89
C ASN A 491 16.00 0.84 21.30
N LEU A 492 16.89 1.52 20.57
CA LEU A 492 17.27 2.90 20.82
C LEU A 492 16.15 3.91 20.98
N GLU A 493 15.03 3.68 20.29
CA GLU A 493 13.92 4.63 20.37
C GLU A 493 13.34 4.81 21.78
N TRP A 494 13.58 3.84 22.66
CA TRP A 494 13.06 3.92 24.05
C TRP A 494 14.04 4.54 25.04
N LEU A 495 15.29 4.69 24.62
CA LEU A 495 16.36 5.16 25.49
C LEU A 495 16.29 6.59 26.05
N ASN A 496 15.39 7.40 25.51
CA ASN A 496 15.22 8.77 26.00
C ASN A 496 13.97 8.92 26.87
N GLY A 497 13.44 7.80 27.34
CA GLY A 497 12.25 7.84 28.19
C GLY A 497 10.93 7.95 27.45
N CYS A 498 9.83 7.94 28.20
CA CYS A 498 8.48 8.01 27.66
C CYS A 498 7.60 9.11 28.24
N PRO A 499 7.24 10.13 27.45
CA PRO A 499 7.64 10.29 26.05
C PRO A 499 9.01 10.95 26.03
N PRO A 500 9.75 10.79 24.94
CA PRO A 500 11.08 11.43 24.89
C PRO A 500 10.88 12.95 24.85
N PRO A 501 11.91 13.73 25.30
CA PRO A 501 11.87 15.17 25.21
C PRO A 501 11.57 15.74 23.83
N TYR A 502 11.15 17.00 23.72
CA TYR A 502 10.74 17.52 22.40
C TYR A 502 12.00 17.48 21.58
N HIS A 503 13.12 17.66 22.22
CA HIS A 503 14.43 17.73 21.53
C HIS A 503 15.33 16.58 21.96
N THR A 504 15.49 15.57 21.10
CA THR A 504 16.29 14.43 21.52
C THR A 504 17.55 14.45 20.67
N PHE A 505 18.60 13.84 21.20
CA PHE A 505 19.88 13.77 20.51
C PHE A 505 20.50 15.14 20.13
N GLU A 506 20.37 16.12 21.04
CA GLU A 506 20.99 17.45 20.84
C GLU A 506 22.48 17.22 20.89
N GLU A 507 22.82 16.24 21.70
CA GLU A 507 24.21 15.78 21.82
C GLU A 507 24.19 14.41 21.15
N PRO A 508 24.69 14.19 19.92
CA PRO A 508 24.58 12.89 19.26
C PRO A 508 25.18 11.72 20.04
N THR A 509 24.79 10.51 19.65
CA THR A 509 25.32 9.32 20.29
C THR A 509 26.78 9.21 19.93
N VAL A 511 29.58 6.62 18.76
CA VAL A 511 29.75 5.30 18.16
C VAL A 511 31.14 5.22 17.53
N ASN A 512 31.97 4.35 18.11
CA ASN A 512 33.35 4.09 17.68
C ASN A 512 33.41 3.43 16.33
N LEU A 513 34.45 3.75 15.56
CA LEU A 513 34.64 3.13 14.25
C LEU A 513 35.56 1.93 14.40
N ALA B 2 -24.29 -20.82 -10.38
CA ALA B 2 -23.89 -21.15 -9.02
C ALA B 2 -25.14 -21.61 -8.27
N TYR B 3 -24.96 -22.53 -7.34
CA TYR B 3 -26.08 -23.03 -6.54
C TYR B 3 -25.85 -22.61 -5.07
N PRO B 4 -26.91 -22.65 -4.24
CA PRO B 4 -26.77 -22.27 -2.83
C PRO B 4 -25.66 -22.99 -2.06
N MET B 5 -24.91 -22.23 -1.27
CA MET B 5 -23.79 -22.77 -0.47
C MET B 5 -22.62 -23.38 -1.25
N GLN B 6 -22.40 -22.90 -2.46
CA GLN B 6 -21.32 -23.44 -3.27
C GLN B 6 -19.96 -23.03 -2.70
N LEU B 7 -19.04 -23.98 -2.66
CA LEU B 7 -17.71 -23.70 -2.13
C LEU B 7 -16.68 -23.46 -3.24
N GLY B 8 -16.73 -24.25 -4.31
CA GLY B 8 -15.76 -24.10 -5.38
C GLY B 8 -16.29 -23.62 -6.72
N PHE B 9 -15.63 -24.04 -7.79
CA PHE B 9 -16.02 -23.64 -9.13
C PHE B 9 -17.29 -24.30 -9.65
N GLN B 10 -18.00 -23.57 -10.52
CA GLN B 10 -19.19 -24.10 -11.16
C GLN B 10 -18.68 -25.26 -12.02
N ASP B 11 -19.49 -26.30 -12.17
CA ASP B 11 -19.09 -27.47 -12.95
C ASP B 11 -18.65 -27.07 -14.35
N ALA B 12 -17.53 -27.65 -14.79
CA ALA B 12 -16.96 -27.37 -16.10
C ALA B 12 -17.83 -27.80 -17.27
N THR B 13 -18.05 -26.87 -18.18
CA THR B 13 -18.87 -27.10 -19.36
C THR B 13 -18.02 -27.27 -20.62
N SER B 14 -16.78 -26.79 -20.57
CA SER B 14 -15.86 -26.89 -21.69
C SER B 14 -14.61 -27.66 -21.28
N PRO B 15 -13.87 -28.21 -22.24
CA PRO B 15 -12.66 -28.97 -21.92
C PRO B 15 -11.61 -28.11 -21.19
N ILE B 16 -11.53 -26.83 -21.56
CA ILE B 16 -10.58 -25.91 -20.93
C ILE B 16 -10.94 -25.64 -19.48
N MET B 17 -12.23 -25.45 -19.18
CA MET B 17 -12.63 -25.20 -17.79
C MET B 17 -12.33 -26.45 -16.94
N GLU B 18 -12.42 -27.63 -17.54
CA GLU B 18 -12.10 -28.87 -16.83
C GLU B 18 -10.62 -28.82 -16.47
N GLU B 19 -9.82 -28.35 -17.43
CA GLU B 19 -8.38 -28.23 -17.30
C GLU B 19 -8.02 -27.30 -16.11
N LEU B 20 -8.76 -26.21 -16.00
CA LEU B 20 -8.56 -25.24 -14.93
C LEU B 20 -8.94 -25.82 -13.58
N LEU B 21 -10.00 -26.63 -13.54
CA LEU B 21 -10.39 -27.25 -12.28
C LEU B 21 -9.28 -28.13 -11.74
N HIS B 22 -8.68 -28.95 -12.59
CA HIS B 22 -7.60 -29.81 -12.13
C HIS B 22 -6.36 -28.98 -11.75
N PHE B 23 -6.10 -27.89 -12.47
CA PHE B 23 -4.97 -27.03 -12.13
C PHE B 23 -5.23 -26.35 -10.79
N HIS B 24 -6.47 -25.92 -10.56
CA HIS B 24 -6.80 -25.21 -9.30
C HIS B 24 -6.61 -26.17 -8.15
N ASP B 25 -7.05 -27.41 -8.31
CA ASP B 25 -6.97 -28.40 -7.22
C ASP B 25 -5.51 -28.62 -6.87
N HIS B 26 -4.62 -28.71 -7.85
CA HIS B 26 -3.17 -28.85 -7.59
C HIS B 26 -2.64 -27.62 -6.86
N THR B 27 -2.99 -26.42 -7.30
CA THR B 27 -2.55 -25.17 -6.62
C THR B 27 -3.08 -25.12 -5.19
N LEU B 28 -4.32 -25.51 -4.93
CA LEU B 28 -4.87 -25.57 -3.57
C LEU B 28 -4.09 -26.57 -2.76
N MET B 29 -3.65 -27.69 -3.30
CA MET B 29 -2.84 -28.61 -2.45
C MET B 29 -1.57 -27.90 -1.97
N ILE B 30 -0.87 -27.17 -2.82
CA ILE B 30 0.33 -26.38 -2.40
C ILE B 30 -0.04 -25.28 -1.41
N VAL B 31 -1.17 -24.58 -1.58
CA VAL B 31 -1.63 -23.61 -0.55
C VAL B 31 -1.91 -24.35 0.75
N PHE B 32 -2.57 -25.51 0.69
CA PHE B 32 -2.91 -26.32 1.89
C PHE B 32 -1.66 -26.81 2.61
N LEU B 33 -0.58 -27.09 1.91
CA LEU B 33 0.67 -27.49 2.58
C LEU B 33 1.36 -26.30 3.22
N ILE B 34 1.63 -25.21 2.49
CA ILE B 34 2.47 -24.11 3.06
C ILE B 34 1.69 -23.25 4.03
N SER B 35 0.38 -23.37 4.12
CA SER B 35 -0.39 -22.41 4.95
C SER B 35 -0.61 -23.07 6.29
N SER B 36 -0.64 -24.41 6.26
CA SER B 36 -0.85 -25.27 7.46
C SER B 36 0.50 -25.61 8.03
N LEU B 37 1.55 -25.62 7.21
CA LEU B 37 2.92 -25.80 7.75
C LEU B 37 3.33 -24.54 8.49
N VAL B 38 3.00 -23.37 7.95
CA VAL B 38 3.36 -22.14 8.63
C VAL B 38 2.63 -22.03 9.98
N LEU B 39 1.35 -22.38 10.00
CA LEU B 39 0.57 -22.32 11.24
C LEU B 39 1.14 -23.32 12.24
N TYR B 40 1.51 -24.52 11.79
CA TYR B 40 2.10 -25.58 12.66
C TYR B 40 3.43 -25.09 13.20
N ILE B 41 4.28 -24.53 12.36
CA ILE B 41 5.56 -24.04 12.82
C ILE B 41 5.41 -22.91 13.85
N ILE B 42 4.44 -22.03 13.65
CA ILE B 42 4.22 -20.96 14.61
C ILE B 42 3.92 -21.61 15.94
N SER B 43 3.01 -22.59 15.95
CA SER B 43 2.66 -23.24 17.21
C SER B 43 3.85 -23.99 17.82
N LEU B 44 4.69 -24.58 16.98
CA LEU B 44 5.87 -25.30 17.47
C LEU B 44 6.85 -24.36 18.17
N MET B 45 7.07 -23.17 17.58
CA MET B 45 8.00 -22.19 18.13
C MET B 45 7.52 -21.66 19.46
N LEU B 46 6.20 -21.58 19.62
CA LEU B 46 5.59 -21.01 20.82
C LEU B 46 5.27 -21.93 21.97
N THR B 47 5.55 -23.22 21.82
CA THR B 47 5.19 -24.20 22.85
C THR B 47 6.31 -24.90 23.62
N THR B 48 7.41 -24.19 23.85
CA THR B 48 8.53 -24.75 24.59
C THR B 48 9.17 -23.75 25.55
N LYS B 49 9.59 -24.24 26.71
CA LYS B 49 10.25 -23.44 27.73
C LYS B 49 11.75 -23.40 27.45
N LEU B 50 12.24 -24.28 26.60
CA LEU B 50 13.67 -24.30 26.24
C LEU B 50 13.98 -23.07 25.40
N THR B 51 15.13 -22.46 25.58
CA THR B 51 15.54 -21.24 24.91
C THR B 51 16.93 -21.30 24.28
N HIS B 52 17.13 -20.38 23.33
CA HIS B 52 18.37 -20.21 22.62
C HIS B 52 18.23 -18.79 22.10
N THR B 53 18.77 -17.85 22.87
CA THR B 53 18.70 -16.44 22.55
C THR B 53 19.98 -15.81 21.99
N SER B 54 21.06 -16.58 21.90
CA SER B 54 22.30 -16.03 21.35
C SER B 54 22.23 -15.99 19.81
N THR B 55 23.19 -15.31 19.19
CA THR B 55 23.15 -15.13 17.73
C THR B 55 23.06 -16.47 17.03
N MET B 56 22.04 -16.64 16.19
CA MET B 56 21.95 -17.86 15.37
C MET B 56 22.40 -17.42 13.99
N ASP B 57 23.34 -18.15 13.39
CA ASP B 57 23.91 -17.75 12.08
C ASP B 57 23.05 -18.32 10.94
N ALA B 58 22.63 -17.46 10.00
CA ALA B 58 21.92 -17.99 8.81
C ALA B 58 22.97 -18.37 7.78
N GLN B 59 23.82 -19.35 8.11
CA GLN B 59 24.83 -19.84 7.16
C GLN B 59 24.13 -20.64 6.06
N GLU B 60 23.75 -21.89 6.35
CA GLU B 60 23.17 -22.77 5.30
C GLU B 60 21.64 -22.68 5.28
N VAL B 61 21.05 -22.03 6.29
CA VAL B 61 19.57 -21.89 6.35
C VAL B 61 19.15 -21.10 5.11
N GLU B 62 19.95 -20.12 4.70
CA GLU B 62 19.66 -19.26 3.52
C GLU B 62 19.58 -20.06 2.23
N THR B 63 20.45 -21.04 2.01
CA THR B 63 20.47 -21.73 0.69
C THR B 63 19.14 -22.41 0.40
N ILE B 64 18.61 -23.13 1.37
CA ILE B 64 17.27 -23.77 1.18
C ILE B 64 16.25 -22.66 0.98
N TRP B 65 16.43 -21.50 1.60
CA TRP B 65 15.40 -20.44 1.52
C TRP B 65 15.23 -19.97 0.07
N THR B 66 16.31 -19.88 -0.70
CA THR B 66 16.19 -19.34 -2.08
C THR B 66 16.04 -20.50 -3.06
N ILE B 67 16.88 -21.54 -2.95
CA ILE B 67 16.84 -22.68 -3.93
C ILE B 67 15.57 -23.52 -3.82
N LEU B 68 15.11 -23.91 -2.63
CA LEU B 68 13.87 -24.75 -2.60
C LEU B 68 12.57 -24.01 -3.02
N PRO B 69 12.19 -22.80 -2.57
CA PRO B 69 10.93 -22.18 -2.95
C PRO B 69 10.96 -21.93 -4.46
N ALA B 70 12.14 -21.71 -5.03
CA ALA B 70 12.13 -21.56 -6.49
C ALA B 70 11.56 -22.85 -7.13
N ILE B 71 11.89 -24.05 -6.62
CA ILE B 71 11.43 -25.34 -7.24
C ILE B 71 9.91 -25.50 -7.21
N ILE B 72 9.25 -25.18 -6.09
CA ILE B 72 7.76 -25.26 -6.11
C ILE B 72 7.16 -24.23 -7.09
N LEU B 73 7.73 -23.04 -7.19
CA LEU B 73 7.09 -22.01 -8.04
C LEU B 73 7.22 -22.49 -9.48
N ILE B 74 7.90 -23.60 -9.71
CA ILE B 74 8.06 -24.20 -11.03
C ILE B 74 6.98 -25.26 -11.25
N LEU B 75 6.69 -26.00 -10.18
CA LEU B 75 5.66 -27.04 -10.18
C LEU B 75 4.25 -26.47 -10.40
N ILE B 76 4.09 -25.16 -10.13
CA ILE B 76 2.79 -24.43 -10.30
C ILE B 76 2.79 -23.73 -11.66
N ALA B 77 3.92 -23.21 -12.12
CA ALA B 77 4.06 -22.53 -13.41
C ALA B 77 3.96 -23.45 -14.63
N LEU B 78 4.57 -24.60 -14.55
CA LEU B 78 4.54 -25.53 -15.69
C LEU B 78 3.10 -25.83 -16.08
N PRO B 79 2.19 -26.48 -15.32
CA PRO B 79 0.83 -26.74 -15.83
C PRO B 79 0.03 -25.46 -16.12
N SER B 80 0.35 -24.38 -15.41
CA SER B 80 -0.33 -23.10 -15.61
C SER B 80 -0.06 -22.56 -17.01
N LEU B 81 1.20 -22.64 -17.44
CA LEU B 81 1.59 -22.15 -18.75
C LEU B 81 1.18 -23.12 -19.86
N ARG B 82 1.10 -24.41 -19.54
CA ARG B 82 0.65 -25.41 -20.49
C ARG B 82 -0.79 -25.06 -20.85
N ILE B 83 -1.59 -24.78 -19.83
CA ILE B 83 -2.98 -24.42 -20.04
C ILE B 83 -3.08 -23.08 -20.77
N LEU B 84 -2.25 -22.14 -20.38
CA LEU B 84 -2.26 -20.82 -21.00
C LEU B 84 -2.08 -20.90 -22.51
N TYR B 85 -1.11 -21.70 -22.94
CA TYR B 85 -0.82 -21.85 -24.36
C TYR B 85 -1.90 -22.63 -25.10
N MET B 86 -2.47 -23.59 -24.38
CA MET B 86 -3.54 -24.43 -24.88
C MET B 86 -4.75 -23.55 -25.24
N MET B 87 -5.05 -22.54 -24.40
CA MET B 87 -6.16 -21.64 -24.65
C MET B 87 -5.89 -20.74 -25.86
N ASP B 88 -4.61 -20.61 -26.24
CA ASP B 88 -4.27 -19.74 -27.38
C ASP B 88 -4.12 -20.56 -28.68
N GLU B 89 -4.17 -21.90 -28.60
CA GLU B 89 -3.99 -22.77 -29.79
C GLU B 89 -4.97 -22.42 -30.90
N ILE B 90 -4.58 -22.67 -32.17
CA ILE B 90 -5.43 -22.31 -33.34
C ILE B 90 -6.73 -23.09 -33.21
N ASN B 91 -7.88 -22.44 -33.38
CA ASN B 91 -9.12 -23.19 -33.06
C ASN B 91 -9.94 -23.68 -34.26
N ASN B 92 -9.70 -23.16 -35.46
CA ASN B 92 -10.54 -23.54 -36.63
C ASN B 92 -12.04 -23.31 -36.35
N PRO B 93 -12.54 -22.08 -36.07
CA PRO B 93 -13.96 -21.95 -35.76
C PRO B 93 -14.97 -22.26 -36.89
N SER B 94 -16.20 -22.67 -36.57
CA SER B 94 -17.22 -22.96 -37.58
C SER B 94 -18.21 -21.81 -37.63
N LEU B 95 -18.15 -20.96 -36.60
CA LEU B 95 -19.04 -19.82 -36.45
C LEU B 95 -18.37 -18.66 -35.72
N THR B 96 -18.72 -17.42 -36.10
CA THR B 96 -18.20 -16.25 -35.41
C THR B 96 -19.39 -15.42 -34.97
N VAL B 97 -19.41 -15.10 -33.68
CA VAL B 97 -20.46 -14.28 -33.11
C VAL B 97 -19.80 -13.12 -32.40
N LYS B 98 -20.40 -11.94 -32.50
CA LYS B 98 -19.88 -10.76 -31.87
C LYS B 98 -20.86 -10.32 -30.78
N THR B 99 -20.34 -9.71 -29.72
CA THR B 99 -21.18 -9.17 -28.66
C THR B 99 -20.65 -7.81 -28.31
N MET B 100 -21.57 -6.85 -28.22
CA MET B 100 -21.20 -5.49 -27.91
C MET B 100 -21.80 -5.17 -26.56
N GLY B 101 -20.97 -4.67 -25.67
CA GLY B 101 -21.46 -4.28 -24.36
C GLY B 101 -22.06 -2.91 -24.46
N HIS B 102 -23.12 -2.66 -23.69
CA HIS B 102 -23.77 -1.34 -23.68
C HIS B 102 -24.14 -1.03 -22.27
N GLN B 103 -24.38 0.25 -22.03
CA GLN B 103 -24.80 0.64 -20.72
C GLN B 103 -26.17 0.12 -20.39
N TRP B 104 -25.95 -1.08 -19.86
CA TRP B 104 -26.81 -2.06 -19.26
C TRP B 104 -27.58 -3.11 -20.00
N TYR B 105 -26.89 -3.69 -20.96
CA TYR B 105 -27.37 -4.81 -21.76
C TYR B 105 -26.30 -5.19 -22.79
N TRP B 106 -26.44 -6.39 -23.34
CA TRP B 106 -25.51 -6.86 -24.34
C TRP B 106 -26.28 -7.01 -25.65
N SER B 107 -25.60 -6.75 -26.77
CA SER B 107 -26.21 -6.95 -28.07
C SER B 107 -25.35 -8.01 -28.77
N TYR B 108 -25.97 -8.82 -29.60
CA TYR B 108 -25.26 -9.86 -30.31
C TYR B 108 -25.43 -9.74 -31.83
N GLU B 109 -24.42 -10.21 -32.56
CA GLU B 109 -24.42 -10.13 -34.00
C GLU B 109 -23.90 -11.41 -34.59
N TYR B 110 -24.68 -12.10 -35.40
CA TYR B 110 -24.17 -13.32 -36.04
C TYR B 110 -24.11 -13.02 -37.52
N THR B 111 -23.13 -12.27 -37.98
CA THR B 111 -23.11 -11.83 -39.40
C THR B 111 -22.10 -12.62 -40.26
N ASP B 112 -22.11 -13.95 -40.19
CA ASP B 112 -21.33 -14.77 -41.11
C ASP B 112 -22.04 -14.84 -42.48
N TYR B 113 -23.36 -15.09 -42.43
CA TYR B 113 -24.03 -15.26 -43.73
C TYR B 113 -25.17 -14.27 -43.88
N GLU B 114 -25.99 -14.07 -42.85
CA GLU B 114 -27.03 -13.00 -42.92
C GLU B 114 -27.13 -12.33 -41.56
N ASP B 115 -27.59 -11.09 -41.49
CA ASP B 115 -27.61 -10.37 -40.18
C ASP B 115 -28.61 -11.01 -39.24
N LEU B 116 -28.23 -11.20 -37.97
CA LEU B 116 -29.14 -11.80 -36.98
C LEU B 116 -28.86 -11.05 -35.70
N SER B 117 -29.02 -9.75 -35.69
CA SER B 117 -28.61 -8.99 -34.50
C SER B 117 -29.77 -8.84 -33.55
N PHE B 118 -29.51 -8.70 -32.25
CA PHE B 118 -30.55 -8.42 -31.26
C PHE B 118 -29.96 -7.97 -29.93
N ASP B 119 -30.79 -7.34 -29.12
CA ASP B 119 -30.37 -6.90 -27.80
C ASP B 119 -30.77 -7.98 -26.80
N SER B 120 -30.07 -8.01 -25.66
CA SER B 120 -30.31 -9.00 -24.64
C SER B 120 -30.33 -8.29 -23.30
N TYR B 121 -31.55 -8.14 -22.74
CA TYR B 121 -31.79 -7.46 -21.47
C TYR B 121 -32.15 -8.41 -20.34
N MET B 122 -31.83 -7.99 -19.11
CA MET B 122 -32.15 -8.78 -17.93
C MET B 122 -33.66 -8.73 -17.74
N ILE B 123 -34.31 -9.86 -17.46
CA ILE B 123 -35.78 -9.90 -17.21
C ILE B 123 -36.01 -9.37 -15.79
N PRO B 124 -36.63 -8.19 -15.56
CA PRO B 124 -36.84 -7.56 -14.25
C PRO B 124 -37.47 -8.55 -13.28
N THR B 125 -37.11 -8.45 -12.00
CA THR B 125 -37.62 -9.39 -10.98
C THR B 125 -39.14 -9.47 -10.94
N SER B 126 -39.79 -8.32 -11.16
CA SER B 126 -41.23 -8.25 -11.17
C SER B 126 -41.84 -9.00 -12.34
N GLU B 127 -41.15 -9.07 -13.46
CA GLU B 127 -41.75 -9.74 -14.62
C GLU B 127 -41.12 -11.11 -14.76
N LEU B 128 -40.56 -11.65 -13.69
CA LEU B 128 -39.89 -12.95 -13.82
C LEU B 128 -41.00 -13.95 -13.69
N LYS B 129 -41.18 -14.81 -14.67
CA LYS B 129 -42.27 -15.81 -14.65
C LYS B 129 -41.86 -16.82 -13.61
N PRO B 130 -42.75 -17.51 -12.89
CA PRO B 130 -42.33 -18.36 -11.80
C PRO B 130 -41.25 -19.36 -12.19
N GLY B 131 -40.21 -19.48 -11.36
CA GLY B 131 -39.10 -20.39 -11.65
C GLY B 131 -37.92 -19.74 -12.31
N GLU B 132 -37.97 -18.45 -12.60
CA GLU B 132 -36.89 -17.82 -13.35
C GLU B 132 -35.90 -17.20 -12.38
N LEU B 133 -34.60 -17.51 -12.54
CA LEU B 133 -33.60 -16.95 -11.65
C LEU B 133 -33.51 -15.45 -11.62
N ARG B 134 -33.60 -14.89 -10.41
CA ARG B 134 -33.52 -13.44 -10.22
C ARG B 134 -32.13 -12.90 -10.63
N LEU B 135 -32.12 -11.80 -11.38
CA LEU B 135 -30.92 -11.13 -11.88
C LEU B 135 -30.15 -11.85 -12.97
N LEU B 136 -30.54 -13.08 -13.29
CA LEU B 136 -29.84 -13.87 -14.28
C LEU B 136 -30.48 -14.12 -15.63
N GLU B 137 -31.81 -14.06 -15.69
CA GLU B 137 -32.52 -14.32 -16.96
C GLU B 137 -32.50 -13.11 -17.88
N VAL B 138 -32.49 -13.37 -19.18
CA VAL B 138 -32.55 -12.31 -20.18
C VAL B 138 -33.70 -12.61 -21.15
N ASP B 139 -34.19 -11.59 -21.84
CA ASP B 139 -35.28 -11.80 -22.81
C ASP B 139 -34.83 -12.64 -24.02
N ASN B 140 -33.68 -12.28 -24.60
CA ASN B 140 -33.13 -13.00 -25.76
C ASN B 140 -31.82 -13.66 -25.41
N ARG B 141 -31.79 -14.99 -25.42
CA ARG B 141 -30.56 -15.73 -25.11
C ARG B 141 -29.64 -15.85 -26.32
N VAL B 142 -28.39 -16.19 -26.06
CA VAL B 142 -27.39 -16.34 -27.10
C VAL B 142 -27.46 -17.80 -27.53
N VAL B 143 -28.27 -18.07 -28.54
CA VAL B 143 -28.41 -19.42 -29.07
C VAL B 143 -27.14 -19.77 -29.81
N LEU B 144 -26.54 -20.92 -29.47
CA LEU B 144 -25.30 -21.35 -30.08
C LEU B 144 -25.32 -22.84 -30.26
N PRO B 145 -24.58 -23.34 -31.24
CA PRO B 145 -24.50 -24.78 -31.51
C PRO B 145 -23.53 -25.47 -30.55
N MET B 146 -23.98 -26.55 -29.92
CA MET B 146 -23.14 -27.28 -28.99
C MET B 146 -22.09 -28.12 -29.74
N GLU B 147 -21.07 -28.55 -29.01
CA GLU B 147 -19.95 -29.36 -29.51
C GLU B 147 -19.27 -28.81 -30.75
N MET B 148 -19.25 -27.48 -30.86
CA MET B 148 -18.64 -26.76 -31.98
C MET B 148 -17.75 -25.63 -31.51
N THR B 149 -16.62 -25.46 -32.19
CA THR B 149 -15.74 -24.34 -31.84
C THR B 149 -16.39 -23.11 -32.37
N ILE B 150 -16.58 -22.13 -31.53
CA ILE B 150 -17.13 -20.82 -31.89
C ILE B 150 -16.16 -19.71 -31.52
N ARG B 151 -16.06 -18.70 -32.37
CA ARG B 151 -15.20 -17.56 -32.08
C ARG B 151 -16.11 -16.44 -31.59
N MET B 152 -15.84 -15.96 -30.39
CA MET B 152 -16.60 -14.85 -29.85
C MET B 152 -15.73 -13.61 -29.93
N LEU B 153 -16.27 -12.52 -30.47
CA LEU B 153 -15.55 -11.27 -30.56
C LEU B 153 -16.31 -10.35 -29.62
N VAL B 154 -15.57 -9.67 -28.74
CA VAL B 154 -16.18 -8.78 -27.74
C VAL B 154 -15.68 -7.33 -27.85
N SER B 155 -16.61 -6.40 -27.74
CA SER B 155 -16.27 -4.99 -27.77
C SER B 155 -17.38 -4.28 -27.03
N SER B 156 -17.32 -2.95 -27.03
CA SER B 156 -18.32 -2.16 -26.35
C SER B 156 -18.58 -0.87 -27.11
N GLU B 157 -19.78 -0.33 -26.95
CA GLU B 157 -20.14 0.89 -27.63
C GLU B 157 -20.14 2.10 -26.72
N ASP B 158 -19.71 1.92 -25.47
CA ASP B 158 -19.66 3.04 -24.50
C ASP B 158 -18.47 2.94 -23.55
N VAL B 159 -18.65 2.32 -22.38
CA VAL B 159 -17.61 2.25 -21.33
C VAL B 159 -16.94 0.89 -21.40
N LEU B 160 -16.20 0.45 -20.39
CA LEU B 160 -15.68 -0.92 -20.46
C LEU B 160 -16.60 -1.84 -19.68
N HIS B 161 -16.92 -3.00 -20.22
CA HIS B 161 -17.80 -4.04 -19.67
C HIS B 161 -16.88 -5.26 -19.78
N SER B 162 -17.34 -6.41 -19.31
CA SER B 162 -16.53 -7.61 -19.46
C SER B 162 -17.49 -8.78 -19.61
N TRP B 163 -17.36 -9.50 -20.71
CA TRP B 163 -18.22 -10.62 -21.05
C TRP B 163 -17.70 -11.92 -20.42
N ALA B 164 -18.46 -12.44 -19.44
CA ALA B 164 -18.05 -13.64 -18.73
C ALA B 164 -19.08 -14.76 -18.67
N VAL B 165 -18.60 -16.00 -18.70
CA VAL B 165 -19.42 -17.18 -18.55
C VAL B 165 -18.54 -18.16 -17.77
N PRO B 166 -18.62 -18.10 -16.44
CA PRO B 166 -17.83 -18.96 -15.56
C PRO B 166 -17.80 -20.46 -15.89
N SER B 167 -18.95 -21.05 -16.18
CA SER B 167 -18.97 -22.49 -16.49
C SER B 167 -18.14 -22.88 -17.71
N LEU B 168 -17.87 -21.92 -18.59
CA LEU B 168 -17.06 -22.18 -19.78
C LEU B 168 -15.62 -21.68 -19.64
N GLY B 169 -15.33 -21.02 -18.52
CA GLY B 169 -14.01 -20.50 -18.25
C GLY B 169 -13.72 -19.26 -19.09
N LEU B 170 -14.74 -18.46 -19.31
CA LEU B 170 -14.61 -17.28 -20.14
C LEU B 170 -14.78 -15.97 -19.43
N LYS B 171 -13.96 -14.98 -19.82
CA LYS B 171 -14.02 -13.61 -19.34
C LYS B 171 -13.12 -12.80 -20.26
N THR B 172 -13.75 -11.97 -21.08
CA THR B 172 -13.08 -11.14 -22.05
C THR B 172 -13.63 -9.74 -21.91
N ASP B 173 -12.68 -8.81 -21.84
CA ASP B 173 -13.06 -7.41 -21.62
C ASP B 173 -13.73 -6.82 -22.84
N ALA B 174 -14.75 -6.01 -22.62
CA ALA B 174 -15.41 -5.33 -23.73
C ALA B 174 -14.92 -3.88 -23.71
N ILE B 175 -13.99 -3.58 -24.61
CA ILE B 175 -13.35 -2.27 -24.66
C ILE B 175 -13.73 -1.55 -25.93
N PRO B 176 -14.12 -0.25 -25.82
CA PRO B 176 -14.51 0.49 -26.97
C PRO B 176 -13.34 0.63 -27.93
N GLY B 177 -13.59 0.49 -29.23
CA GLY B 177 -12.53 0.71 -30.19
C GLY B 177 -11.59 -0.49 -30.34
N ARG B 178 -11.91 -1.57 -29.64
CA ARG B 178 -11.09 -2.79 -29.66
C ARG B 178 -11.97 -4.04 -29.82
N LEU B 179 -11.47 -5.01 -30.58
CA LEU B 179 -12.20 -6.22 -30.83
C LEU B 179 -11.44 -7.38 -30.21
N ASN B 180 -11.85 -7.82 -29.01
CA ASN B 180 -11.18 -8.93 -28.33
C ASN B 180 -11.78 -10.25 -28.72
N GLN B 181 -10.90 -11.22 -28.90
CA GLN B 181 -11.33 -12.54 -29.31
C GLN B 181 -11.14 -13.61 -28.25
N THR B 182 -12.09 -14.54 -28.21
CA THR B 182 -12.00 -15.69 -27.34
C THR B 182 -12.75 -16.82 -28.05
N THR B 183 -12.51 -18.07 -27.68
CA THR B 183 -13.13 -19.20 -28.39
C THR B 183 -13.93 -20.05 -27.42
N LEU B 184 -15.17 -20.33 -27.74
CA LEU B 184 -16.16 -21.01 -26.91
C LEU B 184 -16.39 -22.41 -27.49
N MET B 185 -16.59 -23.40 -26.62
CA MET B 185 -16.83 -24.76 -27.08
C MET B 185 -17.51 -25.52 -25.96
N SER B 186 -18.83 -25.70 -26.04
CA SER B 186 -19.56 -26.42 -25.00
C SER B 186 -19.66 -27.92 -25.28
N SER B 187 -19.33 -28.73 -24.27
CA SER B 187 -19.36 -30.19 -24.35
C SER B 187 -20.79 -30.68 -24.20
N ARG B 188 -21.68 -29.80 -23.75
CA ARG B 188 -23.06 -30.19 -23.51
C ARG B 188 -24.10 -29.14 -23.89
N PRO B 189 -25.37 -29.57 -24.05
CA PRO B 189 -26.46 -28.66 -24.39
C PRO B 189 -26.89 -28.02 -23.06
N GLY B 190 -27.68 -26.96 -23.11
CA GLY B 190 -28.13 -26.37 -21.86
C GLY B 190 -28.13 -24.87 -21.82
N LEU B 191 -28.32 -24.33 -20.62
CA LEU B 191 -28.30 -22.89 -20.40
C LEU B 191 -27.10 -22.56 -19.50
N TYR B 192 -26.27 -21.62 -19.94
CA TYR B 192 -25.08 -21.22 -19.19
C TYR B 192 -25.08 -19.73 -18.94
N TYR B 193 -24.95 -19.38 -17.66
CA TYR B 193 -25.02 -17.99 -17.22
C TYR B 193 -23.70 -17.31 -16.86
N GLY B 194 -23.73 -15.99 -16.94
CA GLY B 194 -22.59 -15.18 -16.62
C GLY B 194 -23.10 -13.79 -16.34
N GLN B 195 -22.22 -12.91 -15.85
CA GLN B 195 -22.59 -11.54 -15.52
C GLN B 195 -21.50 -10.53 -15.92
N CYS B 196 -21.89 -9.28 -16.20
CA CYS B 196 -20.93 -8.24 -16.59
C CYS B 196 -19.85 -8.13 -15.54
N SER B 197 -18.60 -8.26 -15.98
CA SER B 197 -17.48 -8.24 -15.05
C SER B 197 -16.48 -7.06 -15.07
N GLU B 198 -16.98 -5.87 -15.31
CA GLU B 198 -16.20 -4.65 -15.26
C GLU B 198 -17.20 -3.56 -14.93
N ILE B 199 -16.94 -2.86 -13.81
CA ILE B 199 -17.81 -1.79 -13.32
C ILE B 199 -18.13 -0.83 -14.47
N CYS B 200 -19.43 -0.69 -14.77
CA CYS B 200 -19.89 0.14 -15.88
C CYS B 200 -20.97 1.14 -15.54
N GLY B 201 -21.14 1.41 -14.27
CA GLY B 201 -22.07 2.47 -13.91
C GLY B 201 -23.08 2.07 -12.88
N SER B 202 -24.28 2.58 -13.02
CA SER B 202 -25.34 2.35 -12.03
C SER B 202 -26.06 1.03 -12.24
N ASN B 203 -25.79 0.30 -13.29
CA ASN B 203 -26.57 -0.93 -13.51
C ASN B 203 -25.61 -2.00 -13.94
N HIS B 204 -24.39 -2.00 -13.43
CA HIS B 204 -23.41 -3.07 -13.68
C HIS B 204 -24.01 -4.35 -13.18
N SER B 205 -24.66 -4.30 -12.04
CA SER B 205 -25.20 -5.53 -11.41
C SER B 205 -26.25 -6.16 -12.29
N PHE B 206 -26.85 -5.40 -13.18
CA PHE B 206 -28.01 -5.90 -13.94
C PHE B 206 -27.79 -5.99 -15.44
N MET B 207 -26.87 -6.84 -15.91
CA MET B 207 -26.78 -7.05 -17.35
C MET B 207 -26.11 -8.38 -17.59
N PRO B 208 -26.83 -9.47 -17.28
CA PRO B 208 -26.35 -10.85 -17.42
C PRO B 208 -26.24 -11.37 -18.84
N ILE B 209 -25.60 -12.54 -18.94
CA ILE B 209 -25.35 -13.21 -20.19
C ILE B 209 -25.91 -14.61 -20.05
N VAL B 210 -26.68 -15.05 -21.03
CA VAL B 210 -27.25 -16.39 -20.97
C VAL B 210 -27.04 -17.08 -22.31
N LEU B 211 -26.29 -18.18 -22.30
CA LEU B 211 -26.02 -18.94 -23.51
C LEU B 211 -26.96 -20.11 -23.60
N GLU B 212 -27.51 -20.35 -24.79
CA GLU B 212 -28.40 -21.48 -24.98
C GLU B 212 -27.72 -22.41 -26.00
N LEU B 213 -27.21 -23.54 -25.51
CA LEU B 213 -26.51 -24.50 -26.35
C LEU B 213 -27.44 -25.61 -26.83
N VAL B 214 -27.60 -25.71 -28.14
CA VAL B 214 -28.48 -26.70 -28.75
C VAL B 214 -27.75 -27.36 -29.93
N PRO B 215 -28.29 -28.48 -30.45
CA PRO B 215 -27.61 -29.12 -31.59
C PRO B 215 -27.67 -28.22 -32.83
N LEU B 216 -26.70 -28.41 -33.72
CA LEU B 216 -26.57 -27.65 -34.96
C LEU B 216 -27.91 -27.36 -35.68
N LYS B 217 -28.66 -28.43 -35.91
CA LYS B 217 -29.97 -28.38 -36.56
C LYS B 217 -30.88 -27.29 -36.04
N TYR B 218 -31.03 -27.28 -34.72
CA TYR B 218 -31.88 -26.31 -34.05
C TYR B 218 -31.29 -24.91 -34.16
N PHE B 219 -29.96 -24.85 -34.13
CA PHE B 219 -29.26 -23.59 -34.23
C PHE B 219 -29.64 -22.91 -35.56
N GLU B 220 -29.58 -23.70 -36.63
CA GLU B 220 -29.90 -23.27 -37.99
C GLU B 220 -31.33 -22.72 -38.16
N LYS B 221 -32.32 -23.48 -37.64
CA LYS B 221 -33.73 -23.08 -37.71
C LYS B 221 -33.90 -21.78 -36.98
N TRP B 222 -33.30 -21.74 -35.79
CA TRP B 222 -33.38 -20.58 -34.96
C TRP B 222 -32.85 -19.37 -35.74
N SER B 223 -31.70 -19.57 -36.40
CA SER B 223 -31.01 -18.54 -37.20
C SER B 223 -32.01 -17.86 -38.13
N ALA B 224 -32.54 -18.70 -39.01
CA ALA B 224 -33.53 -18.32 -40.00
C ALA B 224 -34.69 -17.51 -39.39
N SER B 225 -35.40 -18.15 -38.47
CA SER B 225 -36.53 -17.51 -37.81
C SER B 225 -36.22 -16.21 -37.04
N MET B 226 -34.94 -15.96 -36.70
CA MET B 226 -34.58 -14.75 -35.97
C MET B 226 -34.25 -13.56 -36.91
N LEU B 227 -34.15 -13.84 -38.21
CA LEU B 227 -33.92 -12.73 -39.18
C LEU B 227 -35.25 -12.29 -39.77
N GLN C 1 23.40 22.33 20.83
CA GLN C 1 23.46 21.09 20.08
C GLN C 1 24.95 20.82 19.80
N THR C 2 25.34 19.57 19.69
CA THR C 2 26.71 19.25 19.36
C THR C 2 26.75 18.39 18.11
N HIS C 3 25.74 18.57 17.26
CA HIS C 3 25.67 17.90 15.96
C HIS C 3 25.65 19.09 14.97
N ALA C 4 25.86 18.82 13.69
CA ALA C 4 25.93 19.85 12.67
C ALA C 4 24.63 20.12 11.92
N TYR C 5 23.53 19.49 12.32
CA TYR C 5 22.26 19.66 11.61
C TYR C 5 21.44 20.87 11.98
N HIS C 6 20.52 21.22 11.08
CA HIS C 6 19.68 22.40 11.22
C HIS C 6 18.32 22.19 11.84
N MET C 7 18.13 22.77 13.02
CA MET C 7 16.85 22.70 13.73
C MET C 7 16.10 23.95 13.25
N VAL C 8 15.13 23.77 12.35
CA VAL C 8 14.39 24.89 11.77
C VAL C 8 13.33 25.52 12.66
N ASN C 9 13.25 26.86 12.64
CA ASN C 9 12.27 27.59 13.46
C ASN C 9 10.86 27.22 13.01
N PRO C 10 9.89 27.14 13.96
CA PRO C 10 8.50 26.81 13.58
C PRO C 10 8.11 27.78 12.48
N SER C 11 7.56 27.24 11.40
CA SER C 11 7.19 28.06 10.24
C SER C 11 5.76 27.93 9.75
N PRO C 12 5.18 29.03 9.27
CA PRO C 12 3.80 29.00 8.77
C PRO C 12 3.68 28.60 7.29
N TRP C 13 4.79 28.61 6.56
CA TRP C 13 4.77 28.31 5.14
C TRP C 13 4.27 26.93 4.74
N PRO C 14 4.60 25.87 5.52
CA PRO C 14 4.07 24.56 5.13
C PRO C 14 2.53 24.63 5.08
N LEU C 15 1.93 25.29 6.06
CA LEU C 15 0.48 25.42 6.11
C LEU C 15 -0.05 26.31 4.98
N THR C 16 0.56 27.47 4.76
CA THR C 16 0.08 28.33 3.69
C THR C 16 0.27 27.64 2.34
N GLY C 17 1.32 26.83 2.23
CA GLY C 17 1.56 26.12 0.99
C GLY C 17 0.51 25.05 0.74
N ALA C 18 0.16 24.30 1.79
CA ALA C 18 -0.84 23.26 1.67
C ALA C 18 -2.20 23.86 1.33
N LEU C 19 -2.53 24.98 1.97
CA LEU C 19 -3.80 25.65 1.73
C LEU C 19 -3.85 26.22 0.32
N SER C 20 -2.73 26.74 -0.15
CA SER C 20 -2.68 27.27 -1.51
C SER C 20 -2.92 26.11 -2.53
N ALA C 21 -2.47 24.89 -2.21
CA ALA C 21 -2.69 23.73 -3.06
C ALA C 21 -4.20 23.44 -3.13
N LEU C 22 -4.88 23.55 -1.99
CA LEU C 22 -6.32 23.33 -1.90
C LEU C 22 -7.04 24.39 -2.74
N LEU C 23 -6.59 25.63 -2.61
CA LEU C 23 -7.18 26.72 -3.37
C LEU C 23 -6.97 26.56 -4.87
N MET C 24 -5.79 26.08 -5.30
CA MET C 24 -5.54 25.90 -6.73
C MET C 24 -6.34 24.76 -7.36
N THR C 25 -6.45 23.64 -6.66
CA THR C 25 -7.21 22.50 -7.17
C THR C 25 -8.71 22.81 -7.11
N SER C 26 -9.14 23.41 -6.01
CA SER C 26 -10.53 23.84 -5.84
C SER C 26 -10.79 24.83 -6.96
N GLY C 27 -9.82 25.71 -7.16
CA GLY C 27 -9.89 26.75 -8.18
C GLY C 27 -10.02 26.20 -9.59
N LEU C 28 -9.23 25.17 -9.92
CA LEU C 28 -9.32 24.56 -11.24
C LEU C 28 -10.70 23.94 -11.43
N THR C 29 -11.24 23.32 -10.38
CA THR C 29 -12.55 22.70 -10.45
C THR C 29 -13.62 23.77 -10.72
N MET C 30 -13.53 24.88 -10.00
CA MET C 30 -14.47 25.99 -10.15
C MET C 30 -14.41 26.55 -11.57
N TRP C 31 -13.20 26.64 -12.12
CA TRP C 31 -13.01 27.15 -13.47
C TRP C 31 -13.56 26.19 -14.53
N PHE C 32 -13.22 24.91 -14.41
CA PHE C 32 -13.65 23.89 -15.36
C PHE C 32 -15.15 23.59 -15.32
N HIS C 33 -15.78 23.82 -14.17
CA HIS C 33 -17.20 23.49 -14.02
C HIS C 33 -18.18 24.54 -13.61
N PHE C 34 -17.72 25.59 -12.96
CA PHE C 34 -18.65 26.61 -12.52
C PHE C 34 -18.20 27.96 -13.01
N ASN C 35 -17.58 27.94 -14.18
CA ASN C 35 -17.06 29.11 -14.84
C ASN C 35 -16.66 30.31 -13.96
N SER C 36 -15.66 30.11 -13.11
CA SER C 36 -15.16 31.17 -12.25
C SER C 36 -13.70 30.91 -11.93
N MET C 37 -12.89 31.96 -12.01
CA MET C 37 -11.46 31.88 -11.74
C MET C 37 -11.03 32.51 -10.43
N THR C 38 -12.00 32.92 -9.62
CA THR C 38 -11.72 33.57 -8.35
C THR C 38 -10.85 32.74 -7.42
N LEU C 39 -11.29 31.52 -7.12
CA LEU C 39 -10.55 30.61 -6.26
C LEU C 39 -9.16 30.36 -6.81
N LEU C 40 -9.09 30.08 -8.11
CA LEU C 40 -7.83 29.82 -8.78
C LEU C 40 -6.85 30.98 -8.62
N MET C 41 -7.35 32.19 -8.81
CA MET C 41 -6.52 33.39 -8.68
C MET C 41 -5.93 33.53 -7.28
N ILE C 42 -6.76 33.30 -6.27
CA ILE C 42 -6.30 33.39 -4.88
C ILE C 42 -5.27 32.29 -4.64
N GLY C 43 -5.54 31.07 -5.00
CA GLY C 43 -4.56 29.98 -4.84
C GLY C 43 -3.20 30.32 -5.38
N LEU C 44 -3.11 30.78 -6.62
CA LEU C 44 -1.81 31.12 -7.25
C LEU C 44 -1.12 32.29 -6.54
N THR C 45 -1.83 33.31 -6.09
CA THR C 45 -1.18 34.39 -5.32
C THR C 45 -0.57 33.85 -4.03
N THR C 46 -1.27 33.03 -3.26
CA THR C 46 -0.77 32.52 -1.96
C THR C 46 0.30 31.48 -2.16
N ASN C 47 0.31 30.77 -3.28
CA ASN C 47 1.45 29.87 -3.52
C ASN C 47 2.67 30.71 -3.74
N MET C 48 2.62 31.77 -4.53
CA MET C 48 3.83 32.55 -4.82
C MET C 48 4.32 33.28 -3.58
N LEU C 49 3.41 33.68 -2.70
CA LEU C 49 3.79 34.46 -1.51
C LEU C 49 4.32 33.48 -0.45
N THR C 50 3.83 32.26 -0.38
CA THR C 50 4.41 31.22 0.51
C THR C 50 5.77 30.84 0.01
N MET C 51 5.91 30.62 -1.29
CA MET C 51 7.20 30.24 -1.90
C MET C 51 8.20 31.38 -1.78
N TYR C 52 7.82 32.64 -1.95
CA TYR C 52 8.83 33.71 -1.76
C TYR C 52 9.26 33.66 -0.33
N GLN C 53 8.33 33.49 0.56
CA GLN C 53 8.66 33.58 1.98
C GLN C 53 9.32 32.30 2.47
N TRP C 54 9.19 31.18 1.79
CA TRP C 54 9.84 29.94 2.19
C TRP C 54 11.30 29.98 1.72
N TRP C 55 11.51 30.24 0.43
CA TRP C 55 12.87 30.29 -0.11
C TRP C 55 13.67 31.48 0.40
N ARG C 56 12.97 32.57 0.70
CA ARG C 56 13.60 33.75 1.27
C ARG C 56 14.20 33.32 2.63
N ASP C 57 13.42 32.58 3.40
CA ASP C 57 13.86 32.12 4.72
C ASP C 57 15.03 31.14 4.60
N VAL C 58 15.06 30.33 3.55
CA VAL C 58 16.17 29.39 3.38
C VAL C 58 17.45 30.19 3.13
N ILE C 59 17.34 31.29 2.39
CA ILE C 59 18.49 32.16 2.13
C ILE C 59 18.94 32.81 3.44
N ARG C 60 17.98 33.27 4.24
CA ARG C 60 18.29 33.88 5.52
C ARG C 60 19.02 32.89 6.46
N GLU C 61 18.54 31.65 6.49
CA GLU C 61 19.13 30.61 7.32
C GLU C 61 20.53 30.20 6.92
N SER C 62 20.84 30.32 5.63
CA SER C 62 22.13 29.91 5.11
C SER C 62 23.14 31.04 4.93
N THR C 63 22.85 31.96 4.01
CA THR C 63 23.76 33.08 3.75
C THR C 63 23.91 33.99 4.97
N PHE C 64 22.79 34.31 5.63
CA PHE C 64 22.78 35.23 6.78
C PHE C 64 23.02 34.64 8.17
N GLN C 65 22.50 33.45 8.44
CA GLN C 65 22.68 32.85 9.77
C GLN C 65 23.72 31.73 9.87
N GLY C 66 24.21 31.23 8.74
CA GLY C 66 25.22 30.20 8.74
C GLY C 66 24.81 28.80 9.14
N HIS C 67 23.54 28.43 8.92
CA HIS C 67 23.09 27.10 9.30
C HIS C 67 23.46 25.96 8.35
N HIS C 68 23.94 26.29 7.15
CA HIS C 68 24.32 25.28 6.19
C HIS C 68 25.74 24.77 6.30
N THR C 69 25.95 23.90 7.26
CA THR C 69 27.22 23.25 7.49
C THR C 69 27.34 22.22 6.36
N PRO C 70 28.52 21.60 6.20
CA PRO C 70 28.71 20.60 5.14
C PRO C 70 27.68 19.45 5.15
N ALA C 71 27.27 19.03 6.34
CA ALA C 71 26.29 17.96 6.52
C ALA C 71 24.92 18.38 5.99
N VAL C 72 24.54 19.62 6.29
CA VAL C 72 23.26 20.16 5.84
C VAL C 72 23.28 20.31 4.33
N GLN C 73 24.40 20.75 3.79
CA GLN C 73 24.49 20.94 2.35
C GLN C 73 24.43 19.60 1.58
N LYS C 74 24.99 18.55 2.19
CA LYS C 74 25.01 17.19 1.57
C LYS C 74 23.61 16.60 1.60
N GLY C 75 22.80 16.97 2.54
CA GLY C 75 21.41 16.55 2.55
C GLY C 75 20.62 17.25 1.45
N LEU C 76 20.86 18.54 1.28
CA LEU C 76 20.18 19.30 0.25
C LEU C 76 20.54 18.76 -1.14
N ARG C 77 21.77 18.28 -1.31
CA ARG C 77 22.18 17.68 -2.57
C ARG C 77 21.34 16.44 -2.87
N TYR C 78 21.19 15.58 -1.88
CA TYR C 78 20.40 14.35 -2.07
C TYR C 78 18.95 14.72 -2.30
N GLY C 79 18.45 15.73 -1.63
CA GLY C 79 17.09 16.21 -1.83
C GLY C 79 16.79 16.65 -3.26
N MET C 80 17.70 17.43 -3.84
CA MET C 80 17.55 17.93 -5.18
C MET C 80 17.65 16.80 -6.21
N ILE C 81 18.58 15.87 -6.00
CA ILE C 81 18.73 14.76 -6.94
C ILE C 81 17.45 13.93 -6.92
N LEU C 82 16.91 13.67 -5.73
CA LEU C 82 15.70 12.88 -5.61
C LEU C 82 14.50 13.58 -6.27
N PHE C 83 14.42 14.89 -6.11
CA PHE C 83 13.34 15.66 -6.71
C PHE C 83 13.41 15.54 -8.24
N ILE C 84 14.61 15.70 -8.78
CA ILE C 84 14.79 15.60 -10.22
C ILE C 84 14.39 14.19 -10.70
N ILE C 85 14.74 13.15 -9.94
CA ILE C 85 14.38 11.79 -10.31
C ILE C 85 12.87 11.65 -10.44
N SER C 86 12.14 12.20 -9.48
CA SER C 86 10.68 12.11 -9.54
C SER C 86 10.14 12.88 -10.75
N GLU C 87 10.81 13.96 -11.15
CA GLU C 87 10.37 14.73 -12.30
C GLU C 87 10.59 13.91 -13.57
N VAL C 88 11.67 13.14 -13.60
CA VAL C 88 11.99 12.29 -14.74
C VAL C 88 10.90 11.24 -14.92
N LEU C 89 10.48 10.65 -13.81
CA LEU C 89 9.44 9.63 -13.85
C LEU C 89 8.09 10.20 -14.31
N PHE C 90 7.84 11.46 -13.99
CA PHE C 90 6.61 12.15 -14.37
C PHE C 90 6.60 12.24 -15.89
N PHE C 91 7.72 12.68 -16.47
CA PHE C 91 7.82 12.78 -17.94
C PHE C 91 7.76 11.42 -18.62
N THR C 92 8.31 10.41 -17.95
CA THR C 92 8.30 9.05 -18.48
C THR C 92 6.87 8.63 -18.78
N GLY C 93 5.93 9.03 -17.94
CA GLY C 93 4.54 8.68 -18.16
C GLY C 93 4.02 9.26 -19.47
N PHE C 94 4.44 10.49 -19.77
CA PHE C 94 4.05 11.16 -21.01
C PHE C 94 4.70 10.52 -22.24
N PHE C 95 5.95 10.09 -22.12
CA PHE C 95 6.62 9.41 -23.23
C PHE C 95 5.97 8.05 -23.48
N TRP C 96 5.57 7.39 -22.40
CA TRP C 96 4.91 6.10 -22.49
C TRP C 96 3.61 6.31 -23.30
N ALA C 97 2.85 7.35 -22.95
CA ALA C 97 1.60 7.65 -23.69
C ALA C 97 1.89 7.93 -25.15
N PHE C 98 3.04 8.50 -25.49
CA PHE C 98 3.40 8.79 -26.90
C PHE C 98 3.83 7.53 -27.63
N TYR C 99 4.61 6.68 -27.00
CA TYR C 99 5.14 5.47 -27.67
C TYR C 99 4.08 4.38 -27.63
N HIS C 100 2.95 4.61 -26.95
CA HIS C 100 1.83 3.69 -27.00
C HIS C 100 0.93 4.04 -28.19
N SER C 101 0.60 5.32 -28.32
CA SER C 101 -0.27 5.83 -29.38
C SER C 101 0.35 5.79 -30.77
N SER C 102 1.68 5.91 -30.78
CA SER C 102 2.44 6.02 -32.05
C SER C 102 2.78 4.68 -32.64
N LEU C 103 3.19 3.77 -31.81
CA LEU C 103 3.65 2.48 -32.34
C LEU C 103 2.46 1.55 -32.52
N ALA C 104 1.24 2.06 -32.39
CA ALA C 104 0.11 1.21 -32.78
C ALA C 104 -1.03 2.17 -33.12
N PRO C 105 -0.98 2.87 -34.28
CA PRO C 105 -1.99 3.84 -34.57
C PRO C 105 -3.32 3.13 -34.77
N THR C 106 -4.32 3.53 -34.00
CA THR C 106 -5.65 2.94 -34.14
C THR C 106 -6.43 3.36 -35.41
N PRO C 107 -7.39 2.58 -36.00
CA PRO C 107 -8.13 2.85 -37.24
C PRO C 107 -8.69 4.26 -37.34
N GLU C 108 -9.04 4.88 -36.22
CA GLU C 108 -9.59 6.23 -36.24
C GLU C 108 -8.62 7.26 -36.76
N LEU C 109 -7.33 6.87 -36.64
CA LEU C 109 -6.21 7.73 -37.04
C LEU C 109 -5.74 7.24 -38.40
N GLY C 110 -6.42 6.24 -38.95
CA GLY C 110 -6.06 5.70 -40.26
C GLY C 110 -5.06 4.59 -40.20
N GLY C 111 -4.63 4.21 -39.01
CA GLY C 111 -3.71 3.09 -38.86
C GLY C 111 -2.25 3.43 -39.09
N CYS C 112 -1.94 4.71 -39.24
CA CYS C 112 -0.55 5.12 -39.53
C CYS C 112 -0.23 6.35 -38.70
N TRP C 113 1.05 6.59 -38.41
CA TRP C 113 1.47 7.81 -37.67
C TRP C 113 2.37 8.63 -38.60
N PRO C 114 2.19 9.95 -38.77
CA PRO C 114 1.20 10.72 -38.04
C PRO C 114 -0.24 10.52 -38.51
N PRO C 115 -1.24 10.72 -37.64
CA PRO C 115 -2.61 10.47 -38.00
C PRO C 115 -3.08 11.28 -39.21
N THR C 116 -3.97 10.75 -40.06
CA THR C 116 -4.38 11.46 -41.30
C THR C 116 -4.82 12.87 -40.92
N GLY C 117 -4.51 13.87 -41.74
CA GLY C 117 -4.96 15.24 -41.48
C GLY C 117 -3.97 16.03 -40.67
N ILE C 118 -2.96 15.35 -40.16
CA ILE C 118 -1.97 16.01 -39.30
C ILE C 118 -0.74 16.35 -40.14
N HIS C 119 -0.33 17.62 -40.10
CA HIS C 119 0.88 18.06 -40.83
C HIS C 119 1.86 18.59 -39.78
N PRO C 120 2.84 17.72 -39.38
CA PRO C 120 3.75 18.07 -38.31
C PRO C 120 4.70 19.21 -38.64
N LEU C 121 5.24 19.81 -37.59
CA LEU C 121 6.23 20.87 -37.79
C LEU C 121 7.48 20.15 -38.31
N ASN C 122 8.20 20.77 -39.25
CA ASN C 122 9.40 20.13 -39.79
C ASN C 122 10.35 20.02 -38.62
N PRO C 123 10.97 18.87 -38.36
CA PRO C 123 11.91 18.79 -37.28
C PRO C 123 13.06 19.77 -37.49
N LEU C 124 13.49 19.98 -38.73
CA LEU C 124 14.70 20.79 -39.01
C LEU C 124 14.40 22.28 -39.01
N GLU C 125 13.15 22.70 -38.83
CA GLU C 125 12.82 24.15 -38.98
C GLU C 125 13.02 24.90 -37.67
N VAL C 126 11.95 25.30 -36.99
CA VAL C 126 12.22 25.99 -35.70
C VAL C 126 12.62 24.93 -34.67
N PRO C 127 11.94 23.79 -34.41
CA PRO C 127 12.46 22.85 -33.42
C PRO C 127 13.98 22.60 -33.30
N LEU C 128 14.79 22.70 -34.36
CA LEU C 128 16.23 22.50 -34.35
C LEU C 128 16.86 23.71 -33.69
N LEU C 129 16.28 24.89 -33.91
CA LEU C 129 16.80 26.15 -33.33
C LEU C 129 16.66 26.03 -31.82
N ASN C 130 15.50 25.58 -31.37
CA ASN C 130 15.23 25.40 -29.93
C ASN C 130 16.27 24.47 -29.33
N THR C 131 16.62 23.43 -30.06
CA THR C 131 17.62 22.48 -29.61
C THR C 131 18.99 23.13 -29.45
N SER C 132 19.43 23.93 -30.43
CA SER C 132 20.73 24.59 -30.31
C SER C 132 20.70 25.60 -29.18
N VAL C 133 19.53 26.23 -28.97
CA VAL C 133 19.41 27.22 -27.90
C VAL C 133 19.63 26.58 -26.52
N LEU C 134 18.95 25.48 -26.24
CA LEU C 134 19.13 24.83 -24.94
C LEU C 134 20.49 24.20 -24.75
N LEU C 135 21.02 23.58 -25.80
CA LEU C 135 22.36 22.98 -25.69
C LEU C 135 23.36 24.10 -25.42
N ALA C 136 23.19 25.23 -26.09
CA ALA C 136 24.09 26.36 -25.92
C ALA C 136 24.03 26.89 -24.48
N SER C 137 22.84 26.92 -23.90
CA SER C 137 22.69 27.40 -22.53
C SER C 137 23.31 26.41 -21.55
N GLY C 138 23.47 25.15 -21.98
CA GLY C 138 24.10 24.16 -21.13
C GLY C 138 25.59 24.47 -21.03
N VAL C 139 26.16 24.97 -22.13
CA VAL C 139 27.57 25.33 -22.18
C VAL C 139 27.83 26.62 -21.38
N SER C 140 26.95 27.60 -21.55
CA SER C 140 27.14 28.88 -20.87
C SER C 140 26.96 28.74 -19.39
N ILE C 141 26.07 27.85 -18.97
CA ILE C 141 25.89 27.70 -17.52
C ILE C 141 27.10 27.00 -16.90
N THR C 142 27.80 26.18 -17.69
CA THR C 142 28.99 25.51 -17.19
C THR C 142 30.10 26.55 -17.07
N TRP C 143 30.16 27.49 -18.01
CA TRP C 143 31.14 28.58 -17.92
C TRP C 143 30.82 29.38 -16.65
N ALA C 144 29.54 29.66 -16.41
CA ALA C 144 29.15 30.41 -15.20
C ALA C 144 29.61 29.68 -13.93
N HIS C 145 29.43 28.37 -13.90
CA HIS C 145 29.83 27.59 -12.74
C HIS C 145 31.33 27.69 -12.49
N HIS C 146 32.12 27.50 -13.54
CA HIS C 146 33.55 27.58 -13.40
C HIS C 146 34.02 28.97 -13.00
N SER C 147 33.37 30.01 -13.53
CA SER C 147 33.73 31.38 -13.17
C SER C 147 33.52 31.60 -11.69
N LEU C 148 32.38 31.13 -11.17
CA LEU C 148 32.06 31.27 -9.76
C LEU C 148 33.11 30.56 -8.90
N MET C 149 33.45 29.34 -9.28
CA MET C 149 34.45 28.58 -8.54
C MET C 149 35.81 29.24 -8.57
N GLU C 150 36.11 29.89 -9.69
CA GLU C 150 37.39 30.58 -9.82
C GLU C 150 37.35 31.99 -9.22
N GLY C 151 36.23 32.33 -8.59
CA GLY C 151 36.08 33.63 -7.96
C GLY C 151 35.96 34.81 -8.89
N ASP C 152 35.46 34.57 -10.11
CA ASP C 152 35.30 35.63 -11.08
C ASP C 152 33.86 36.11 -11.13
N ARG C 153 33.59 37.20 -10.42
CA ARG C 153 32.25 37.77 -10.35
C ARG C 153 31.69 38.24 -11.68
N LYS C 154 32.44 39.05 -12.42
CA LYS C 154 31.97 39.60 -13.68
C LYS C 154 31.57 38.55 -14.71
N HIS C 155 32.44 37.58 -14.91
CA HIS C 155 32.20 36.51 -15.87
C HIS C 155 31.13 35.53 -15.45
N MET C 156 30.95 35.38 -14.15
CA MET C 156 29.90 34.50 -13.64
C MET C 156 28.58 35.17 -14.05
N LEU C 157 28.46 36.46 -13.78
CA LEU C 157 27.25 37.21 -14.11
C LEU C 157 26.99 37.25 -15.59
N GLN C 158 28.05 37.38 -16.35
CA GLN C 158 27.97 37.43 -17.80
C GLN C 158 27.45 36.09 -18.35
N ALA C 159 28.07 35.00 -17.92
CA ALA C 159 27.68 33.67 -18.37
C ALA C 159 26.26 33.33 -17.95
N LEU C 160 25.91 33.69 -16.73
CA LEU C 160 24.58 33.41 -16.20
C LEU C 160 23.53 34.22 -16.96
N PHE C 161 23.85 35.46 -17.30
CA PHE C 161 22.93 36.32 -18.04
C PHE C 161 22.65 35.70 -19.42
N ILE C 162 23.70 35.21 -20.05
CA ILE C 162 23.59 34.58 -21.36
C ILE C 162 22.72 33.33 -21.27
N THR C 163 22.89 32.55 -20.21
CA THR C 163 22.11 31.33 -20.01
C THR C 163 20.61 31.66 -19.91
N ILE C 164 20.32 32.70 -19.13
CA ILE C 164 18.94 33.14 -18.93
C ILE C 164 18.32 33.67 -20.21
N THR C 165 19.07 34.47 -20.96
CA THR C 165 18.60 35.03 -22.22
C THR C 165 18.24 33.89 -23.17
N LEU C 166 19.06 32.85 -23.17
CA LEU C 166 18.81 31.71 -24.02
C LEU C 166 17.53 30.98 -23.60
N GLY C 167 17.30 30.81 -22.29
CA GLY C 167 16.09 30.16 -21.83
C GLY C 167 14.86 30.97 -22.23
N VAL C 168 14.96 32.29 -22.16
CA VAL C 168 13.86 33.16 -22.52
C VAL C 168 13.63 33.05 -24.01
N TYR C 169 14.71 33.01 -24.77
CA TYR C 169 14.65 32.89 -26.23
C TYR C 169 13.87 31.61 -26.60
N PHE C 170 14.19 30.51 -25.92
CA PHE C 170 13.51 29.23 -26.16
C PHE C 170 12.02 29.37 -25.86
N THR C 171 11.71 30.02 -24.74
CA THR C 171 10.34 30.22 -24.32
C THR C 171 9.57 31.03 -25.37
N LEU C 172 10.18 32.11 -25.86
CA LEU C 172 9.52 32.94 -26.86
C LEU C 172 9.32 32.17 -28.15
N LEU C 173 10.33 31.40 -28.54
CA LEU C 173 10.25 30.60 -29.76
C LEU C 173 9.13 29.56 -29.67
N GLN C 174 9.02 28.91 -28.50
CA GLN C 174 8.00 27.90 -28.31
C GLN C 174 6.61 28.51 -28.31
N ALA C 175 6.48 29.67 -27.70
CA ALA C 175 5.21 30.38 -27.64
C ALA C 175 4.75 30.66 -29.07
N SER C 176 5.68 31.15 -29.88
CA SER C 176 5.40 31.45 -31.27
C SER C 176 5.03 30.19 -32.05
N GLU C 177 5.75 29.10 -31.81
CA GLU C 177 5.49 27.82 -32.46
C GLU C 177 4.09 27.31 -32.13
N TYR C 178 3.68 27.48 -30.87
CA TYR C 178 2.36 27.06 -30.42
C TYR C 178 1.30 27.83 -31.20
N TYR C 179 1.49 29.13 -31.33
CA TYR C 179 0.55 29.96 -32.07
C TYR C 179 0.49 29.58 -33.56
N GLU C 180 1.60 29.23 -34.18
CA GLU C 180 1.59 28.99 -35.64
C GLU C 180 1.34 27.53 -35.97
N ALA C 181 1.39 26.64 -34.99
CA ALA C 181 1.04 25.25 -35.27
C ALA C 181 -0.35 25.10 -35.87
N PRO C 182 -0.45 24.36 -37.00
CA PRO C 182 -1.72 24.11 -37.70
C PRO C 182 -2.61 23.13 -36.92
N PHE C 183 -2.01 22.40 -35.98
CA PHE C 183 -2.74 21.44 -35.14
C PHE C 183 -2.89 21.99 -33.72
N THR C 184 -3.88 21.49 -33.01
CA THR C 184 -4.16 21.96 -31.65
C THR C 184 -4.17 20.82 -30.65
N ILE C 185 -4.40 21.14 -29.38
CA ILE C 185 -4.46 20.11 -28.33
C ILE C 185 -5.67 19.21 -28.54
N SER C 186 -6.70 19.72 -29.24
CA SER C 186 -7.90 18.93 -29.49
C SER C 186 -7.81 18.09 -30.76
N ASP C 187 -6.65 18.09 -31.42
CA ASP C 187 -6.52 17.31 -32.64
C ASP C 187 -6.06 15.89 -32.39
N GLY C 188 -6.88 15.08 -31.69
CA GLY C 188 -6.59 13.64 -31.57
C GLY C 188 -5.53 13.27 -30.58
N VAL C 189 -4.97 12.07 -30.69
CA VAL C 189 -3.86 11.64 -29.79
C VAL C 189 -2.52 12.20 -30.27
N TYR C 190 -2.47 12.96 -31.35
CA TYR C 190 -1.25 13.63 -31.82
C TYR C 190 -1.14 14.98 -31.12
N GLY C 191 -2.20 15.76 -31.15
CA GLY C 191 -2.17 17.07 -30.50
C GLY C 191 -2.09 16.89 -29.00
N SER C 192 -2.76 15.88 -28.46
CA SER C 192 -2.75 15.62 -27.02
C SER C 192 -1.33 15.39 -26.51
N THR C 193 -0.67 14.39 -27.07
CA THR C 193 0.69 14.06 -26.68
C THR C 193 1.64 15.21 -26.93
N PHE C 194 1.53 15.83 -28.10
CA PHE C 194 2.41 16.94 -28.44
C PHE C 194 2.34 18.11 -27.44
N PHE C 195 1.13 18.64 -27.24
CA PHE C 195 0.99 19.78 -26.36
C PHE C 195 1.13 19.55 -24.88
N VAL C 196 0.69 18.39 -24.40
CA VAL C 196 0.81 18.13 -22.96
C VAL C 196 2.28 17.86 -22.61
N ALA C 197 2.99 17.10 -23.44
CA ALA C 197 4.40 16.81 -23.18
C ALA C 197 5.30 18.05 -23.34
N THR C 198 5.18 18.75 -24.47
CA THR C 198 6.00 19.95 -24.68
C THR C 198 5.51 21.08 -23.78
N GLY C 199 4.23 21.02 -23.38
CA GLY C 199 3.65 22.04 -22.51
C GLY C 199 4.21 21.94 -21.10
N PHE C 200 4.28 20.73 -20.57
CA PHE C 200 4.86 20.53 -19.24
C PHE C 200 6.36 20.82 -19.31
N HIS C 201 6.97 20.51 -20.45
CA HIS C 201 8.39 20.83 -20.59
C HIS C 201 8.60 22.34 -20.58
N GLY C 202 7.74 23.07 -21.30
CA GLY C 202 7.83 24.52 -21.35
C GLY C 202 7.64 25.13 -19.98
N LEU C 203 6.77 24.52 -19.20
CA LEU C 203 6.53 24.97 -17.83
C LEU C 203 7.84 24.81 -17.03
N HIS C 204 8.50 23.65 -17.17
CA HIS C 204 9.77 23.41 -16.48
C HIS C 204 10.85 24.38 -16.92
N VAL C 205 10.82 24.79 -18.19
CA VAL C 205 11.80 25.76 -18.69
C VAL C 205 11.56 27.12 -17.99
N ILE C 206 10.29 27.48 -17.81
CA ILE C 206 9.96 28.73 -17.15
C ILE C 206 10.39 28.68 -15.67
N ILE C 207 10.14 27.55 -15.01
CA ILE C 207 10.52 27.34 -13.61
C ILE C 207 12.07 27.41 -13.51
N GLY C 208 12.73 26.69 -14.42
CA GLY C 208 14.19 26.68 -14.44
C GLY C 208 14.79 28.05 -14.67
N SER C 209 14.22 28.81 -15.59
CA SER C 209 14.71 30.16 -15.88
C SER C 209 14.53 31.04 -14.64
N THR C 210 13.38 30.92 -13.99
CA THR C 210 13.09 31.71 -12.79
C THR C 210 14.12 31.37 -11.71
N PHE C 211 14.44 30.09 -11.60
CA PHE C 211 15.41 29.65 -10.61
C PHE C 211 16.76 30.30 -10.95
N LEU C 212 17.12 30.30 -12.23
CA LEU C 212 18.39 30.93 -12.64
C LEU C 212 18.39 32.45 -12.36
N ILE C 213 17.24 33.09 -12.56
CA ILE C 213 17.11 34.53 -12.30
C ILE C 213 17.30 34.80 -10.81
N VAL C 214 16.76 33.93 -9.97
CA VAL C 214 16.94 34.08 -8.53
C VAL C 214 18.45 34.04 -8.25
N CYS C 215 19.15 33.08 -8.86
CA CYS C 215 20.59 32.96 -8.67
C CYS C 215 21.35 34.18 -9.15
N PHE C 216 20.90 34.74 -10.28
CA PHE C 216 21.55 35.91 -10.81
C PHE C 216 21.51 37.08 -9.80
N PHE C 217 20.34 37.26 -9.16
CA PHE C 217 20.16 38.36 -8.19
C PHE C 217 20.95 38.03 -6.92
N ARG C 218 20.95 36.78 -6.51
CA ARG C 218 21.66 36.46 -5.29
C ARG C 218 23.17 36.68 -5.55
N GLN C 219 23.61 36.39 -6.77
CA GLN C 219 25.01 36.60 -7.16
C GLN C 219 25.31 38.10 -7.14
N LEU C 220 24.41 38.89 -7.72
CA LEU C 220 24.58 40.35 -7.74
C LEU C 220 24.77 40.90 -6.31
N LYS C 221 24.11 40.26 -5.35
CA LYS C 221 24.17 40.65 -3.96
C LYS C 221 25.26 39.96 -3.13
N PHE C 222 26.18 39.28 -3.82
CA PHE C 222 27.34 38.59 -3.22
C PHE C 222 27.01 37.43 -2.26
N HIS C 223 25.86 36.79 -2.45
CA HIS C 223 25.46 35.67 -1.58
C HIS C 223 26.38 34.46 -1.66
N PHE C 224 26.80 34.15 -2.89
CA PHE C 224 27.66 33.00 -3.16
C PHE C 224 29.15 33.22 -2.91
N THR C 225 29.79 32.22 -2.31
CA THR C 225 31.22 32.26 -2.12
C THR C 225 31.72 31.32 -3.23
N SER C 226 33.01 31.37 -3.52
CA SER C 226 33.60 30.52 -4.56
C SER C 226 33.47 29.04 -4.23
N ASN C 227 33.13 28.74 -2.97
CA ASN C 227 33.02 27.36 -2.53
C ASN C 227 31.66 26.91 -2.02
N HIS C 228 30.80 27.85 -1.66
CA HIS C 228 29.49 27.50 -1.15
C HIS C 228 28.46 28.23 -1.97
N HIS C 229 27.70 27.47 -2.76
CA HIS C 229 26.70 28.07 -3.64
C HIS C 229 25.76 26.98 -4.12
N PHE C 230 25.16 26.27 -3.17
CA PHE C 230 24.27 25.19 -3.54
C PHE C 230 23.08 25.61 -4.37
N GLY C 231 22.53 26.79 -4.10
CA GLY C 231 21.40 27.27 -4.87
C GLY C 231 21.73 27.27 -6.36
N PHE C 232 22.93 27.72 -6.70
CA PHE C 232 23.40 27.76 -8.09
C PHE C 232 23.56 26.32 -8.66
N GLU C 233 24.15 25.43 -7.85
CA GLU C 233 24.34 24.05 -8.27
C GLU C 233 22.99 23.38 -8.57
N ALA C 234 22.02 23.58 -7.69
CA ALA C 234 20.69 23.00 -7.89
C ALA C 234 20.04 23.58 -9.17
N ALA C 235 20.17 24.89 -9.35
CA ALA C 235 19.61 25.56 -10.53
C ALA C 235 20.23 24.98 -11.81
N ALA C 236 21.53 24.71 -11.76
CA ALA C 236 22.25 24.12 -12.90
C ALA C 236 21.86 22.65 -13.15
N TRP C 237 21.69 21.85 -12.08
CA TRP C 237 21.27 20.45 -12.23
C TRP C 237 19.89 20.43 -12.84
N TYR C 238 19.02 21.29 -12.32
CA TYR C 238 17.66 21.38 -12.82
C TYR C 238 17.67 21.79 -14.31
N TRP C 239 18.53 22.74 -14.64
CA TRP C 239 18.65 23.23 -16.00
C TRP C 239 19.11 22.13 -16.97
N HIS C 240 20.05 21.29 -16.54
CA HIS C 240 20.51 20.19 -17.39
C HIS C 240 19.43 19.16 -17.60
N PHE C 241 18.61 18.96 -16.58
CA PHE C 241 17.48 18.05 -16.62
C PHE C 241 16.50 18.54 -17.71
N VAL C 242 16.16 19.83 -17.66
CA VAL C 242 15.27 20.46 -18.63
C VAL C 242 15.83 20.29 -20.05
N ASP C 243 17.15 20.40 -20.18
CA ASP C 243 17.87 20.25 -21.43
C ASP C 243 17.74 18.81 -21.93
N VAL C 244 17.98 17.82 -21.06
CA VAL C 244 17.90 16.42 -21.45
C VAL C 244 16.47 16.00 -21.84
N VAL C 245 15.48 16.48 -21.11
CA VAL C 245 14.09 16.15 -21.44
C VAL C 245 13.78 16.67 -22.84
N TRP C 246 14.25 17.88 -23.16
CA TRP C 246 14.04 18.45 -24.49
C TRP C 246 14.64 17.55 -25.56
N LEU C 247 15.88 17.10 -25.36
CA LEU C 247 16.54 16.22 -26.34
C LEU C 247 15.69 14.97 -26.61
N PHE C 248 15.08 14.42 -25.56
CA PHE C 248 14.22 13.25 -25.73
C PHE C 248 12.94 13.63 -26.47
N LEU C 249 12.39 14.80 -26.17
CA LEU C 249 11.18 15.24 -26.87
C LEU C 249 11.49 15.49 -28.35
N TYR C 250 12.60 16.11 -28.66
CA TYR C 250 12.82 16.42 -30.08
C TYR C 250 13.03 15.11 -30.80
N VAL C 251 13.82 14.20 -30.25
CA VAL C 251 14.14 12.92 -30.96
C VAL C 251 12.87 12.13 -31.15
N SER C 252 11.99 12.06 -30.16
CA SER C 252 10.79 11.20 -30.25
C SER C 252 9.58 11.90 -30.86
N ILE C 253 9.13 12.98 -30.27
CA ILE C 253 7.88 13.66 -30.73
C ILE C 253 8.04 14.22 -32.14
N TYR C 254 9.17 14.79 -32.46
CA TYR C 254 9.27 15.47 -33.77
C TYR C 254 9.96 14.59 -34.80
N TRP C 255 11.20 14.24 -34.60
CA TRP C 255 11.91 13.50 -35.67
C TRP C 255 11.29 12.14 -35.91
N TRP C 256 11.10 11.35 -34.86
CA TRP C 256 10.56 9.98 -34.99
C TRP C 256 9.10 9.98 -35.41
N GLY C 257 8.29 10.90 -34.91
CA GLY C 257 6.84 10.91 -35.17
C GLY C 257 6.41 11.81 -36.32
N SER C 258 7.34 12.43 -37.06
CA SER C 258 6.93 13.20 -38.26
C SER C 258 7.13 12.31 -39.48
N ASP D 1 14.67 8.25 35.84
CA ASP D 1 15.71 7.28 36.10
C ASP D 1 15.86 6.36 34.89
N TYR D 2 15.43 6.89 33.73
CA TYR D 2 15.49 6.20 32.40
C TYR D 2 16.91 5.96 31.95
N ALA D 3 17.82 6.76 32.46
CA ALA D 3 19.21 6.71 32.00
C ALA D 3 19.96 5.71 32.85
N LEU D 4 19.39 5.29 33.97
CA LEU D 4 20.13 4.47 34.92
C LEU D 4 19.83 2.99 34.83
N PRO D 5 20.84 2.12 35.17
CA PRO D 5 20.60 0.67 35.12
C PRO D 5 19.41 0.37 36.01
N SER D 6 18.56 -0.54 35.55
CA SER D 6 17.39 -0.91 36.33
C SER D 6 17.31 -2.41 36.62
N TYR D 7 16.36 -2.77 37.47
CA TYR D 7 16.17 -4.16 37.85
C TYR D 7 15.12 -4.78 36.96
N VAL D 8 15.33 -6.05 36.61
CA VAL D 8 14.35 -6.79 35.80
C VAL D 8 14.33 -8.25 36.23
N ASP D 9 13.14 -8.84 36.20
CA ASP D 9 12.97 -10.26 36.52
C ASP D 9 12.71 -10.96 35.20
N ARG D 10 13.74 -11.60 34.67
CA ARG D 10 13.65 -12.29 33.38
C ARG D 10 14.41 -13.63 33.46
N ARG D 11 13.79 -14.69 32.94
CA ARG D 11 14.37 -16.05 32.92
C ARG D 11 15.74 -16.10 32.21
N ASP D 12 15.86 -15.33 31.12
CA ASP D 12 17.09 -15.28 30.33
C ASP D 12 18.10 -14.18 30.70
N TYR D 13 17.85 -13.48 31.82
CA TYR D 13 18.75 -12.44 32.33
C TYR D 13 18.60 -12.62 33.83
N PRO D 14 19.02 -13.80 34.33
CA PRO D 14 18.94 -14.16 35.75
C PRO D 14 19.58 -13.20 36.77
N LEU D 15 20.67 -12.56 36.37
CA LEU D 15 21.39 -11.64 37.25
C LEU D 15 21.31 -10.19 36.74
N PRO D 16 20.29 -9.44 37.19
CA PRO D 16 20.02 -8.05 36.82
C PRO D 16 21.20 -7.12 37.13
N ASP D 17 21.18 -5.95 36.50
CA ASP D 17 22.21 -4.94 36.62
C ASP D 17 22.35 -4.34 38.00
N VAL D 18 21.24 -4.29 38.73
CA VAL D 18 21.23 -3.71 40.06
C VAL D 18 20.52 -4.64 41.02
N ALA D 19 20.38 -4.20 42.26
CA ALA D 19 19.58 -4.95 43.24
C ALA D 19 18.14 -4.43 43.22
N HIS D 20 17.17 -5.25 43.57
CA HIS D 20 15.76 -4.81 43.66
C HIS D 20 15.60 -3.76 44.75
N VAL D 21 16.18 -3.97 45.92
CA VAL D 21 16.13 -2.95 46.99
C VAL D 21 17.52 -2.35 47.10
N LYS D 22 17.66 -1.05 46.87
CA LYS D 22 18.99 -0.39 46.86
C LYS D 22 19.24 0.44 48.14
N ASN D 23 18.17 0.89 48.78
CA ASN D 23 18.34 1.76 49.97
C ASN D 23 18.17 0.84 51.16
N LEU D 24 19.24 0.14 51.51
CA LEU D 24 19.12 -0.86 52.59
C LEU D 24 18.89 -0.12 53.91
N SER D 25 17.88 -0.53 54.68
CA SER D 25 17.67 0.05 56.03
C SER D 25 18.63 -0.61 57.00
N ALA D 26 18.69 -0.21 58.25
CA ALA D 26 19.71 -0.76 59.17
C ALA D 26 19.57 -2.28 59.32
N SER D 27 18.35 -2.79 59.45
CA SER D 27 18.20 -4.25 59.67
C SER D 27 18.72 -4.96 58.43
N GLN D 28 18.33 -4.46 57.26
CA GLN D 28 18.77 -5.02 55.96
C GLN D 28 20.29 -4.83 55.84
N LYS D 29 20.82 -3.69 56.27
CA LYS D 29 22.27 -3.47 56.05
C LYS D 29 23.01 -4.55 56.81
N ALA D 30 22.47 -5.00 57.93
CA ALA D 30 23.20 -5.99 58.75
C ALA D 30 23.10 -7.38 58.13
N LEU D 31 22.00 -7.68 57.43
CA LEU D 31 21.86 -8.99 56.76
C LEU D 31 22.98 -9.06 55.76
N LYS D 32 23.21 -7.96 55.04
CA LYS D 32 24.29 -7.92 54.04
C LYS D 32 25.61 -8.13 54.77
N GLU D 33 25.76 -7.62 55.98
CA GLU D 33 26.98 -7.79 56.80
C GLU D 33 27.17 -9.24 57.29
N LYS D 34 26.10 -9.96 57.64
CA LYS D 34 26.22 -11.39 58.04
C LYS D 34 26.63 -12.25 56.84
N GLU D 35 26.38 -11.80 55.62
CA GLU D 35 26.67 -12.57 54.40
C GLU D 35 28.17 -12.81 54.32
N LYS D 36 28.95 -11.98 54.99
CA LYS D 36 30.43 -12.08 54.87
C LYS D 36 31.05 -13.41 55.39
N ALA D 37 30.50 -14.11 56.40
CA ALA D 37 31.21 -15.32 56.91
C ALA D 37 30.55 -16.64 56.45
N SER D 38 31.12 -17.86 56.74
CA SER D 38 30.57 -19.09 56.18
C SER D 38 29.04 -19.03 56.10
N TRP D 39 28.53 -19.46 54.95
CA TRP D 39 27.08 -19.48 54.68
C TRP D 39 26.35 -20.53 55.51
N SER D 40 27.07 -21.49 56.06
CA SER D 40 26.40 -22.54 56.85
C SER D 40 25.78 -21.85 58.05
N SER D 41 26.36 -20.72 58.47
CA SER D 41 25.88 -20.07 59.72
C SER D 41 24.77 -19.06 59.44
N LEU D 42 24.36 -18.91 58.19
CA LEU D 42 23.21 -18.04 57.87
C LEU D 42 21.98 -18.93 57.97
N SER D 43 21.06 -18.63 58.87
CA SER D 43 19.82 -19.39 59.06
C SER D 43 19.01 -19.35 57.76
N ILE D 44 17.98 -20.21 57.67
CA ILE D 44 17.13 -20.31 56.45
C ILE D 44 16.36 -19.00 56.25
N ASP D 45 16.01 -18.32 57.32
CA ASP D 45 15.36 -17.02 57.23
C ASP D 45 16.31 -15.90 56.84
N GLU D 46 17.55 -15.93 57.26
CA GLU D 46 18.37 -14.83 56.76
C GLU D 46 18.66 -15.18 55.29
N LYS D 47 18.72 -16.45 54.94
CA LYS D 47 19.14 -16.84 53.57
C LYS D 47 18.04 -16.46 52.59
N VAL D 48 16.84 -16.24 53.09
CA VAL D 48 15.78 -15.79 52.17
C VAL D 48 15.81 -14.28 52.19
N GLU D 49 16.17 -13.66 53.33
CA GLU D 49 16.14 -12.18 53.11
C GLU D 49 17.33 -11.87 52.21
N LEU D 50 18.49 -12.52 52.39
CA LEU D 50 19.59 -12.16 51.50
C LEU D 50 19.11 -12.20 50.06
N TYR D 51 18.34 -13.26 49.75
CA TYR D 51 17.80 -13.46 48.42
C TYR D 51 16.85 -12.32 48.07
N ARG D 52 15.96 -12.00 49.00
CA ARG D 52 14.99 -10.94 48.76
C ARG D 52 15.55 -9.53 48.69
N LEU D 53 16.81 -9.34 49.11
CA LEU D 53 17.46 -8.04 49.05
C LEU D 53 17.97 -7.89 47.62
N LYS D 54 18.49 -9.00 47.09
CA LYS D 54 19.04 -9.05 45.75
C LYS D 54 17.98 -9.13 44.65
N PHE D 55 16.92 -9.93 44.77
CA PHE D 55 15.96 -10.12 43.64
C PHE D 55 14.53 -9.84 44.07
N LYS D 56 13.59 -9.70 43.14
CA LYS D 56 12.19 -9.32 43.46
C LYS D 56 11.24 -10.50 43.40
N GLU D 57 11.33 -11.28 42.34
CA GLU D 57 10.50 -12.49 42.23
C GLU D 57 11.41 -13.68 41.98
N SER D 58 11.05 -14.79 42.58
CA SER D 58 11.81 -16.02 42.36
C SER D 58 11.51 -16.45 40.97
N PHE D 59 12.25 -17.41 40.49
CA PHE D 59 11.88 -17.93 39.18
C PHE D 59 10.45 -18.49 39.19
N ALA D 60 10.04 -19.23 40.20
CA ALA D 60 8.69 -19.82 40.15
C ALA D 60 7.66 -18.73 40.03
N GLU D 61 7.74 -17.73 40.90
CA GLU D 61 6.76 -16.63 40.91
C GLU D 61 6.82 -15.91 39.59
N MET D 62 8.01 -15.54 39.14
CA MET D 62 7.97 -14.79 37.88
C MET D 62 7.35 -15.60 36.75
N ASN D 63 7.42 -16.94 36.78
CA ASN D 63 6.89 -17.79 35.69
C ASN D 63 5.58 -18.45 36.10
N ARG D 64 4.69 -17.74 36.79
CA ARG D 64 3.38 -18.28 37.22
C ARG D 64 2.41 -18.24 36.05
N SER D 65 1.42 -19.13 36.01
CA SER D 65 0.36 -19.09 34.97
C SER D 65 -0.89 -18.45 35.57
N THR D 66 -1.56 -17.52 34.87
CA THR D 66 -2.68 -16.79 35.44
C THR D 66 -4.03 -17.21 34.88
N ASN D 67 -5.09 -16.60 35.40
CA ASN D 67 -6.45 -16.87 34.95
C ASN D 67 -6.91 -15.81 33.96
N GLU D 68 -5.97 -15.01 33.46
CA GLU D 68 -6.31 -13.93 32.53
C GLU D 68 -7.07 -14.42 31.29
N TRP D 69 -6.60 -15.57 30.78
CA TRP D 69 -7.17 -16.16 29.53
C TRP D 69 -8.67 -16.38 29.64
N LYS D 70 -9.17 -16.72 30.81
CA LYS D 70 -10.62 -16.86 31.02
C LYS D 70 -11.27 -15.50 30.85
N THR D 71 -10.73 -14.43 31.41
CA THR D 71 -11.40 -13.12 31.33
C THR D 71 -11.36 -12.64 29.89
N VAL D 72 -10.24 -12.77 29.21
CA VAL D 72 -10.12 -12.39 27.81
C VAL D 72 -11.12 -13.11 26.91
N VAL D 73 -11.17 -14.43 27.01
CA VAL D 73 -12.10 -15.22 26.21
C VAL D 73 -13.57 -14.94 26.56
N GLY D 74 -13.89 -14.77 27.82
CA GLY D 74 -15.30 -14.53 28.10
C GLY D 74 -15.69 -13.13 27.74
N ALA D 75 -14.82 -12.14 27.89
CA ALA D 75 -15.18 -10.78 27.46
C ALA D 75 -15.31 -10.70 25.94
N ALA D 76 -14.42 -11.39 25.21
CA ALA D 76 -14.47 -11.41 23.75
C ALA D 76 -15.84 -11.95 23.37
N MET D 77 -16.30 -12.96 24.11
CA MET D 77 -17.55 -13.61 23.69
C MET D 77 -18.76 -12.86 24.20
N PHE D 78 -18.63 -12.02 25.22
CA PHE D 78 -19.76 -11.15 25.57
C PHE D 78 -19.92 -10.09 24.48
N PHE D 79 -18.83 -9.55 23.93
CA PHE D 79 -18.86 -8.48 22.91
C PHE D 79 -19.19 -9.01 21.52
N ILE D 80 -18.88 -10.25 21.20
CA ILE D 80 -19.33 -10.86 19.96
C ILE D 80 -20.83 -11.08 20.12
N GLY D 81 -21.23 -11.37 21.35
CA GLY D 81 -22.63 -11.56 21.64
C GLY D 81 -23.36 -10.25 21.47
N PHE D 82 -22.74 -9.17 21.94
CA PHE D 82 -23.32 -7.84 21.82
C PHE D 82 -23.50 -7.47 20.34
N THR D 83 -22.59 -7.94 19.49
CA THR D 83 -22.66 -7.66 18.05
C THR D 83 -23.96 -8.23 17.45
N ALA D 84 -24.37 -9.41 17.92
CA ALA D 84 -25.59 -10.04 17.46
C ALA D 84 -26.78 -9.13 17.77
N LEU D 85 -26.67 -8.35 18.84
CA LEU D 85 -27.74 -7.43 19.16
C LEU D 85 -27.86 -6.36 18.10
N LEU D 86 -26.72 -5.94 17.56
CA LEU D 86 -26.70 -4.91 16.51
C LEU D 86 -27.30 -5.46 15.24
N LEU D 87 -27.03 -6.73 14.96
CA LEU D 87 -27.55 -7.40 13.78
C LEU D 87 -29.06 -7.59 13.91
N ILE D 88 -29.53 -7.88 15.13
CA ILE D 88 -30.97 -8.04 15.39
C ILE D 88 -31.65 -6.69 15.10
N TRP D 89 -31.06 -5.63 15.63
CA TRP D 89 -31.58 -4.29 15.42
C TRP D 89 -31.66 -3.97 13.92
N GLU D 90 -30.62 -4.32 13.19
CA GLU D 90 -30.59 -4.03 11.77
C GLU D 90 -31.68 -4.77 10.99
N LYS D 91 -31.90 -6.05 11.26
CA LYS D 91 -32.90 -6.88 10.53
C LYS D 91 -34.26 -6.30 10.83
N HIS D 92 -34.40 -5.82 12.03
CA HIS D 92 -35.68 -5.26 12.46
C HIS D 92 -36.01 -3.87 11.92
N TYR D 93 -35.10 -2.91 12.10
CA TYR D 93 -35.36 -1.55 11.64
C TYR D 93 -34.80 -1.09 10.30
N VAL D 94 -33.84 -1.81 9.73
CA VAL D 94 -33.24 -1.37 8.48
C VAL D 94 -33.65 -2.19 7.27
N TYR D 95 -33.52 -3.49 7.38
CA TYR D 95 -33.85 -4.37 6.28
C TYR D 95 -35.34 -4.53 6.04
N GLY D 96 -35.72 -4.43 4.77
CA GLY D 96 -37.11 -4.61 4.35
C GLY D 96 -37.24 -6.07 3.97
N PRO D 97 -38.35 -6.49 3.35
CA PRO D 97 -38.47 -7.91 2.98
C PRO D 97 -37.56 -8.27 1.82
N ILE D 98 -37.15 -9.53 1.75
CA ILE D 98 -36.31 -9.97 0.65
C ILE D 98 -37.18 -10.28 -0.58
N PRO D 99 -36.57 -10.42 -1.77
CA PRO D 99 -37.32 -10.70 -3.01
C PRO D 99 -38.23 -11.92 -2.92
N HIS D 100 -39.31 -11.89 -3.71
CA HIS D 100 -40.28 -12.97 -3.72
C HIS D 100 -39.72 -14.32 -4.20
N THR D 101 -38.54 -14.30 -4.82
CA THR D 101 -37.90 -15.51 -5.35
C THR D 101 -37.41 -16.46 -4.26
N PHE D 102 -37.52 -16.03 -3.02
CA PHE D 102 -37.11 -16.85 -1.88
C PHE D 102 -38.27 -17.62 -1.24
N GLU D 103 -39.49 -17.21 -1.55
CA GLU D 103 -40.69 -17.88 -0.99
C GLU D 103 -40.68 -19.33 -1.42
N GLU D 104 -41.27 -20.22 -0.65
CA GLU D 104 -41.20 -21.67 -0.94
C GLU D 104 -41.85 -22.07 -2.27
N GLU D 105 -42.96 -21.50 -2.69
CA GLU D 105 -43.59 -21.96 -3.94
C GLU D 105 -42.71 -21.58 -5.12
N TRP D 106 -41.69 -20.75 -4.94
CA TRP D 106 -40.78 -20.23 -6.00
C TRP D 106 -39.45 -20.97 -5.97
N VAL D 107 -38.93 -21.23 -4.76
CA VAL D 107 -37.62 -21.92 -4.59
C VAL D 107 -37.84 -23.40 -4.83
N ALA D 108 -39.07 -23.85 -4.95
CA ALA D 108 -39.28 -25.26 -5.27
C ALA D 108 -39.17 -25.36 -6.76
N LYS D 109 -40.05 -24.61 -7.42
CA LYS D 109 -40.14 -24.55 -8.90
C LYS D 109 -38.79 -24.32 -9.51
N GLN D 110 -38.08 -23.35 -9.04
CA GLN D 110 -36.74 -22.96 -9.47
C GLN D 110 -35.80 -24.19 -9.36
N THR D 111 -35.90 -24.90 -8.23
CA THR D 111 -35.11 -26.14 -8.06
C THR D 111 -35.46 -27.11 -9.19
N LYS D 112 -36.76 -27.24 -9.54
CA LYS D 112 -37.19 -28.24 -10.55
C LYS D 112 -36.59 -27.86 -11.86
N ARG D 113 -36.61 -26.61 -12.17
CA ARG D 113 -36.04 -26.04 -13.39
C ARG D 113 -34.53 -26.19 -13.46
N MET D 114 -33.82 -25.96 -12.36
CA MET D 114 -32.37 -26.13 -12.31
C MET D 114 -32.02 -27.60 -12.60
N LEU D 115 -32.87 -28.51 -12.10
CA LEU D 115 -32.66 -29.95 -12.31
C LEU D 115 -32.98 -30.30 -13.77
N ASP D 116 -33.95 -29.59 -14.33
CA ASP D 116 -34.36 -29.80 -15.73
C ASP D 116 -33.28 -29.34 -16.69
N MET D 117 -32.60 -28.23 -16.37
CA MET D 117 -31.54 -27.75 -17.22
C MET D 117 -30.21 -28.39 -16.82
N LYS D 118 -30.28 -29.32 -15.88
CA LYS D 118 -29.14 -30.09 -15.41
C LYS D 118 -27.95 -29.26 -14.92
N VAL D 119 -28.24 -28.30 -14.04
CA VAL D 119 -27.23 -27.43 -13.43
C VAL D 119 -26.22 -28.29 -12.66
N ALA D 120 -24.92 -28.11 -12.96
CA ALA D 120 -23.85 -28.85 -12.29
C ALA D 120 -24.16 -30.36 -12.21
N PRO D 121 -24.23 -31.03 -13.37
CA PRO D 121 -24.53 -32.47 -13.45
C PRO D 121 -23.41 -33.41 -13.10
N ILE D 122 -22.16 -32.93 -13.13
CA ILE D 122 -21.05 -33.82 -12.83
C ILE D 122 -20.81 -33.99 -11.35
N GLN D 123 -21.00 -32.94 -10.56
CA GLN D 123 -20.68 -33.02 -9.11
C GLN D 123 -21.54 -32.06 -8.29
N GLY D 124 -21.66 -30.81 -8.70
CA GLY D 124 -22.32 -29.81 -7.90
C GLY D 124 -23.77 -29.83 -7.45
N PHE D 125 -24.72 -30.12 -8.33
CA PHE D 125 -26.14 -30.04 -7.95
C PHE D 125 -27.00 -31.18 -8.52
N SER D 126 -27.21 -31.20 -9.84
CA SER D 126 -28.00 -32.23 -10.50
C SER D 126 -27.39 -33.59 -10.27
N ALA D 127 -26.08 -33.63 -10.06
CA ALA D 127 -25.37 -34.89 -9.82
C ALA D 127 -25.87 -35.50 -8.51
N LYS D 128 -26.48 -34.68 -7.67
CA LYS D 128 -27.01 -35.09 -6.38
C LYS D 128 -28.47 -35.51 -6.43
N TRP D 129 -29.09 -35.47 -7.62
CA TRP D 129 -30.51 -35.86 -7.79
C TRP D 129 -30.60 -37.10 -8.66
N ASP D 130 -31.29 -38.13 -8.19
CA ASP D 130 -31.44 -39.43 -8.86
C ASP D 130 -32.54 -39.24 -9.89
N TYR D 131 -32.17 -39.13 -11.15
CA TYR D 131 -33.16 -38.90 -12.19
C TYR D 131 -34.05 -40.11 -12.45
N ASP D 132 -33.58 -41.28 -12.06
CA ASP D 132 -34.34 -42.51 -12.25
C ASP D 132 -35.37 -42.68 -11.15
N LYS D 133 -34.93 -42.67 -9.89
CA LYS D 133 -35.83 -42.82 -8.75
C LYS D 133 -36.58 -41.53 -8.41
N ASN D 134 -36.28 -40.47 -9.15
CA ASN D 134 -36.89 -39.16 -8.97
C ASN D 134 -36.88 -38.58 -7.56
N GLU D 135 -35.68 -38.56 -6.96
CA GLU D 135 -35.50 -38.05 -5.62
C GLU D 135 -34.04 -37.69 -5.42
N TRP D 136 -33.76 -37.01 -4.32
CA TRP D 136 -32.37 -36.64 -4.00
C TRP D 136 -31.59 -37.90 -3.64
N LYS D 137 -30.46 -38.21 -4.30
CA LYS D 137 -29.71 -39.43 -4.06
C LYS D 137 -29.48 -39.58 -2.56
N GLU E 1 32.84 -24.75 19.06
CA GLU E 1 34.04 -25.49 19.51
C GLU E 1 33.65 -26.76 20.28
N THR E 2 34.60 -27.62 20.59
CA THR E 2 34.26 -28.92 21.20
C THR E 2 33.62 -28.74 22.56
N ASP E 3 32.77 -29.69 22.97
CA ASP E 3 32.14 -29.63 24.32
C ASP E 3 33.20 -29.37 25.37
N GLU E 4 34.24 -30.20 25.41
CA GLU E 4 35.24 -30.10 26.50
C GLU E 4 35.95 -28.75 26.44
N GLU E 5 36.28 -28.27 25.26
CA GLU E 5 36.87 -26.92 25.16
C GLU E 5 35.83 -25.89 25.60
N PHE E 6 34.56 -26.07 25.25
CA PHE E 6 33.62 -25.03 25.62
C PHE E 6 33.53 -25.02 27.13
N ASP E 7 33.33 -26.21 27.71
CA ASP E 7 33.24 -26.37 29.16
C ASP E 7 34.47 -25.81 29.85
N ALA E 8 35.67 -26.01 29.32
CA ALA E 8 36.85 -25.51 30.07
C ALA E 8 36.95 -23.99 30.03
N ARG E 9 36.57 -23.33 28.94
CA ARG E 9 36.72 -21.85 28.81
C ARG E 9 35.88 -21.14 29.86
N TRP E 10 34.70 -21.69 30.18
CA TRP E 10 33.84 -21.13 31.23
C TRP E 10 34.30 -21.63 32.58
N VAL E 11 34.75 -22.89 32.69
CA VAL E 11 35.23 -23.23 34.02
C VAL E 11 36.35 -22.23 34.32
N THR E 12 37.25 -22.07 33.36
CA THR E 12 38.37 -21.14 33.49
C THR E 12 37.87 -19.73 33.81
N TYR E 13 36.82 -19.31 33.11
CA TYR E 13 36.26 -17.98 33.27
C TYR E 13 35.77 -17.69 34.68
N PHE E 14 34.97 -18.60 35.24
CA PHE E 14 34.45 -18.42 36.59
C PHE E 14 35.48 -18.71 37.69
N ASN E 15 36.57 -19.39 37.32
CA ASN E 15 37.61 -19.71 38.30
C ASN E 15 38.65 -18.63 38.47
N LYS E 16 38.46 -17.49 37.81
CA LYS E 16 39.40 -16.36 37.90
C LYS E 16 39.44 -15.84 39.34
N PRO E 17 40.60 -15.63 39.98
CA PRO E 17 40.63 -15.28 41.39
C PRO E 17 39.97 -13.93 41.66
N ASP E 18 40.08 -12.98 40.74
CA ASP E 18 39.58 -11.60 41.04
C ASP E 18 38.33 -11.23 40.25
N ILE E 19 37.34 -12.12 40.19
CA ILE E 19 36.15 -11.87 39.33
C ILE E 19 35.50 -10.62 39.86
N ASP E 20 35.04 -9.77 38.96
CA ASP E 20 34.27 -8.62 39.47
C ASP E 20 32.85 -9.02 39.29
N ALA E 21 32.04 -8.72 40.25
CA ALA E 21 30.61 -8.92 40.16
C ALA E 21 30.07 -8.78 38.75
N TRP E 22 30.56 -7.79 38.03
CA TRP E 22 30.10 -7.55 36.66
C TRP E 22 30.40 -8.76 35.78
N GLU E 23 31.58 -9.30 35.91
CA GLU E 23 31.84 -10.48 35.09
C GLU E 23 30.98 -11.65 35.56
N LEU E 24 30.65 -11.74 36.84
CA LEU E 24 29.81 -12.90 37.20
C LEU E 24 28.47 -12.75 36.50
N ARG E 25 27.89 -11.57 36.55
CA ARG E 25 26.58 -11.36 35.93
C ARG E 25 26.74 -11.58 34.43
N LYS E 26 27.80 -11.09 33.80
CA LYS E 26 28.00 -11.19 32.35
C LYS E 26 28.15 -12.64 31.92
N GLY E 27 28.91 -13.41 32.68
CA GLY E 27 29.10 -14.81 32.37
C GLY E 27 27.80 -15.60 32.46
N MET E 28 27.07 -15.47 33.56
CA MET E 28 25.83 -16.21 33.70
C MET E 28 24.78 -15.77 32.70
N ASN E 29 24.64 -14.46 32.53
CA ASN E 29 23.65 -13.94 31.60
C ASN E 29 23.93 -14.36 30.15
N THR E 30 25.22 -14.51 29.82
CA THR E 30 25.62 -14.92 28.49
C THR E 30 25.43 -16.43 28.32
N LEU E 31 25.88 -17.18 29.31
CA LEU E 31 25.78 -18.63 29.28
C LEU E 31 24.36 -19.17 29.10
N VAL E 32 23.38 -18.55 29.73
CA VAL E 32 22.00 -19.03 29.60
C VAL E 32 21.37 -18.74 28.25
N GLY E 33 22.09 -18.07 27.38
CA GLY E 33 21.56 -17.78 26.06
C GLY E 33 21.78 -18.94 25.08
N TYR E 34 22.68 -19.82 25.49
CA TYR E 34 23.12 -20.97 24.67
C TYR E 34 22.25 -22.18 24.92
N ASP E 35 22.12 -23.06 23.93
CA ASP E 35 21.25 -24.24 24.04
C ASP E 35 22.03 -25.30 24.75
N LEU E 36 22.21 -25.14 26.06
CA LEU E 36 22.93 -26.12 26.87
C LEU E 36 22.65 -25.79 28.32
N VAL E 37 22.14 -26.74 29.05
CA VAL E 37 22.05 -26.59 30.49
C VAL E 37 23.53 -26.75 30.82
N PRO E 38 24.14 -25.75 31.48
CA PRO E 38 25.57 -25.88 31.78
C PRO E 38 25.94 -27.10 32.62
N GLU E 39 27.09 -27.69 32.28
CA GLU E 39 27.66 -28.85 32.97
C GLU E 39 27.85 -28.55 34.45
N PRO E 40 27.73 -29.55 35.32
CA PRO E 40 27.91 -29.34 36.76
C PRO E 40 29.26 -28.66 37.06
N LYS E 41 30.28 -28.99 36.29
CA LYS E 41 31.60 -28.40 36.50
C LYS E 41 31.62 -26.89 36.31
N ILE E 42 30.81 -26.40 35.37
CA ILE E 42 30.73 -24.96 35.12
C ILE E 42 29.97 -24.30 36.26
N ILE E 43 28.83 -24.85 36.67
CA ILE E 43 27.97 -24.18 37.68
C ILE E 43 28.70 -24.10 39.01
N ASP E 44 29.38 -25.14 39.46
CA ASP E 44 30.13 -25.12 40.74
C ASP E 44 31.22 -24.06 40.67
N ALA E 45 31.92 -23.93 39.56
CA ALA E 45 32.95 -22.88 39.43
C ALA E 45 32.27 -21.52 39.58
N ALA E 46 31.08 -21.37 39.01
CA ALA E 46 30.32 -20.14 39.15
C ALA E 46 29.85 -19.93 40.60
N LEU E 47 29.49 -21.02 41.28
CA LEU E 47 29.03 -20.98 42.66
C LEU E 47 30.17 -20.50 43.58
N ARG E 48 31.37 -20.99 43.26
CA ARG E 48 32.56 -20.66 44.01
C ARG E 48 32.92 -19.19 43.78
N ALA E 49 32.68 -18.69 42.57
CA ALA E 49 32.94 -17.29 42.27
C ALA E 49 31.98 -16.47 43.12
N CYS E 50 30.74 -16.87 43.30
CA CYS E 50 29.81 -16.01 44.08
C CYS E 50 30.27 -15.96 45.53
N ARG E 51 30.99 -16.98 46.00
CA ARG E 51 31.54 -16.92 47.37
C ARG E 51 32.67 -15.91 47.43
N ARG E 52 33.57 -15.93 46.45
CA ARG E 52 34.74 -15.03 46.52
C ARG E 52 34.13 -13.66 46.35
N LEU E 53 32.88 -13.65 45.93
CA LEU E 53 32.24 -12.33 45.83
C LEU E 53 31.26 -12.08 46.97
N ASN E 54 31.20 -13.01 47.93
CA ASN E 54 30.31 -12.91 49.09
C ASN E 54 28.89 -12.65 48.67
N ASP E 55 28.45 -13.35 47.63
CA ASP E 55 27.11 -13.20 47.11
C ASP E 55 26.33 -14.50 47.21
N PHE E 56 25.52 -14.58 48.26
CA PHE E 56 24.73 -15.80 48.47
C PHE E 56 23.64 -15.80 47.45
N ALA E 57 22.89 -14.73 47.48
CA ALA E 57 21.69 -14.63 46.67
C ALA E 57 21.95 -15.08 45.22
N SER E 58 23.06 -14.66 44.63
CA SER E 58 23.36 -15.05 43.25
C SER E 58 23.60 -16.54 43.10
N ALA E 59 24.13 -17.18 44.13
CA ALA E 59 24.39 -18.62 44.10
C ALA E 59 23.06 -19.37 43.97
N VAL E 60 22.02 -18.82 44.62
CA VAL E 60 20.65 -19.40 44.53
C VAL E 60 20.00 -19.06 43.19
N ARG E 61 20.14 -17.86 42.65
CA ARG E 61 19.59 -17.61 41.30
C ARG E 61 20.29 -18.49 40.29
N ILE E 62 21.55 -18.83 40.50
CA ILE E 62 22.32 -19.64 39.52
C ILE E 62 21.79 -21.07 39.54
N LEU E 63 21.17 -21.50 40.65
CA LEU E 63 20.63 -22.88 40.78
C LEU E 63 19.19 -22.86 40.30
N GLU E 64 18.55 -21.71 40.27
CA GLU E 64 17.22 -21.56 39.68
C GLU E 64 17.29 -21.52 38.16
N VAL E 65 18.29 -20.83 37.61
CA VAL E 65 18.41 -20.74 36.17
C VAL E 65 18.76 -22.08 35.52
N VAL E 66 19.51 -22.89 36.24
CA VAL E 66 19.87 -24.20 35.71
C VAL E 66 18.60 -25.06 35.60
N LYS E 67 17.71 -24.96 36.59
CA LYS E 67 16.48 -25.74 36.51
C LYS E 67 15.61 -25.20 35.35
N ASP E 68 15.57 -23.86 35.21
CA ASP E 68 14.79 -23.22 34.17
C ASP E 68 15.23 -23.62 32.78
N LYS E 69 16.54 -23.65 32.57
CA LYS E 69 17.09 -24.01 31.28
C LYS E 69 16.78 -25.43 30.80
N ALA E 70 16.57 -26.35 31.73
CA ALA E 70 16.30 -27.75 31.38
C ALA E 70 14.90 -27.86 30.84
N GLY E 71 13.95 -27.08 31.34
CA GLY E 71 12.61 -27.05 30.76
C GLY E 71 11.91 -28.36 30.91
N PRO E 72 11.44 -28.99 29.82
CA PRO E 72 10.67 -30.21 29.96
C PRO E 72 11.45 -31.35 30.60
N HIS E 73 12.73 -31.50 30.27
CA HIS E 73 13.53 -32.63 30.79
C HIS E 73 13.61 -32.40 32.28
N LYS E 74 13.12 -33.34 33.08
CA LYS E 74 13.04 -33.13 34.53
C LYS E 74 14.16 -33.90 35.19
N GLU E 75 15.08 -34.42 34.41
CA GLU E 75 16.13 -35.27 35.01
C GLU E 75 17.44 -34.49 35.10
N ILE E 76 17.55 -33.38 34.37
CA ILE E 76 18.81 -32.61 34.34
C ILE E 76 19.13 -31.92 35.67
N TYR E 77 18.17 -31.26 36.29
CA TYR E 77 18.36 -30.59 37.59
C TYR E 77 18.60 -31.58 38.73
N PRO E 78 17.92 -32.72 38.89
CA PRO E 78 18.26 -33.58 40.02
C PRO E 78 19.71 -34.09 39.93
N TYR E 79 20.19 -34.46 38.74
CA TYR E 79 21.60 -34.87 38.57
C TYR E 79 22.49 -33.70 38.93
N VAL E 80 22.17 -32.51 38.44
CA VAL E 80 23.09 -31.35 38.68
C VAL E 80 23.14 -31.13 40.17
N ILE E 81 22.01 -31.17 40.87
CA ILE E 81 22.05 -30.84 42.32
C ILE E 81 22.92 -31.90 43.00
N GLN E 82 22.83 -33.16 42.59
CA GLN E 82 23.63 -34.24 43.21
C GLN E 82 25.12 -33.99 42.98
N GLU E 83 25.50 -33.63 41.77
CA GLU E 83 26.94 -33.48 41.47
C GLU E 83 27.48 -32.32 42.27
N LEU E 84 26.64 -31.32 42.57
CA LEU E 84 27.13 -30.09 43.23
C LEU E 84 26.72 -30.11 44.68
N ARG E 85 26.22 -31.23 45.19
CA ARG E 85 25.93 -31.34 46.63
C ARG E 85 27.20 -31.12 47.45
N PRO E 86 28.41 -31.63 47.09
CA PRO E 86 29.58 -31.29 47.86
C PRO E 86 29.86 -29.77 47.93
N THR E 87 29.83 -29.06 46.81
CA THR E 87 30.06 -27.60 46.78
C THR E 87 28.96 -26.89 47.56
N LEU E 88 27.71 -27.27 47.36
CA LEU E 88 26.63 -26.54 48.04
C LEU E 88 26.83 -26.72 49.53
N ASN E 89 27.09 -27.93 50.01
CA ASN E 89 27.16 -28.09 51.49
C ASN E 89 28.33 -27.29 52.04
N GLU E 90 29.48 -27.36 51.38
CA GLU E 90 30.68 -26.67 51.88
C GLU E 90 30.49 -25.15 51.88
N LEU E 91 30.01 -24.59 50.77
CA LEU E 91 29.90 -23.11 50.67
C LEU E 91 28.81 -22.68 51.63
N GLY E 92 27.84 -23.54 51.84
CA GLY E 92 26.72 -23.24 52.75
C GLY E 92 25.58 -22.91 51.86
N ILE E 93 25.49 -23.62 50.74
CA ILE E 93 24.50 -23.13 49.78
C ILE E 93 23.20 -23.94 49.86
N SER E 94 22.13 -23.18 50.15
CA SER E 94 20.78 -23.78 50.25
C SER E 94 20.14 -23.71 48.89
N THR E 95 19.49 -24.78 48.46
CA THR E 95 18.95 -24.81 47.09
C THR E 95 17.73 -23.92 46.99
N PRO E 96 17.24 -23.56 45.80
CA PRO E 96 16.03 -22.80 45.69
C PRO E 96 14.90 -23.53 46.40
N GLU E 97 14.85 -24.85 46.37
CA GLU E 97 13.74 -25.63 46.97
C GLU E 97 13.67 -25.50 48.48
N GLU E 98 14.80 -25.63 49.15
CA GLU E 98 14.81 -25.61 50.62
C GLU E 98 14.34 -24.24 51.07
N LEU E 99 14.83 -23.19 50.42
CA LEU E 99 14.49 -21.81 50.85
C LEU E 99 12.99 -21.61 50.62
N GLY E 100 12.43 -22.33 49.66
CA GLY E 100 10.98 -22.21 49.39
C GLY E 100 10.73 -21.18 48.32
N LEU E 101 11.72 -20.99 47.44
CA LEU E 101 11.58 -20.01 46.35
C LEU E 101 11.09 -20.78 45.13
N ASP E 102 10.83 -22.08 45.29
CA ASP E 102 10.32 -22.92 44.18
C ASP E 102 8.80 -22.99 44.27
N GLY F 1 38.29 39.13 -10.07
CA GLY F 1 37.81 38.65 -8.77
C GLY F 1 36.40 39.08 -8.38
N GLY F 2 36.21 39.44 -7.11
CA GLY F 2 34.91 39.92 -6.66
C GLY F 2 33.96 38.95 -5.99
N VAL F 3 34.35 37.68 -5.90
CA VAL F 3 33.51 36.66 -5.28
C VAL F 3 34.08 36.36 -3.88
N PRO F 4 33.27 36.54 -2.82
CA PRO F 4 33.77 36.27 -1.46
C PRO F 4 34.17 34.82 -1.23
N THR F 5 35.06 34.60 -0.27
CA THR F 5 35.50 33.26 0.08
C THR F 5 34.79 32.85 1.38
N ASP F 6 34.86 31.56 1.72
CA ASP F 6 34.25 31.09 2.95
C ASP F 6 34.94 31.72 4.13
N GLU F 7 36.26 31.89 4.01
CA GLU F 7 37.05 32.48 5.08
C GLU F 7 36.58 33.89 5.37
N GLU F 8 36.18 34.63 4.34
CA GLU F 8 35.72 35.99 4.55
C GLU F 8 34.25 36.10 4.90
N GLN F 9 33.44 35.18 4.39
CA GLN F 9 32.01 35.29 4.58
C GLN F 9 31.24 34.20 5.33
N ALA F 10 31.81 33.00 5.55
CA ALA F 10 31.07 31.95 6.27
C ALA F 10 30.72 32.49 7.67
N THR F 11 29.55 32.13 8.18
CA THR F 11 29.11 32.63 9.47
C THR F 11 28.45 31.52 10.30
N GLY F 12 27.99 31.87 11.50
CA GLY F 12 27.29 30.92 12.36
C GLY F 12 27.97 29.58 12.54
N LEU F 13 27.16 28.52 12.56
CA LEU F 13 27.66 27.17 12.76
C LEU F 13 28.59 26.75 11.65
N GLU F 14 28.30 27.18 10.44
CA GLU F 14 29.14 26.85 9.28
C GLU F 14 30.57 27.30 9.54
N ARG F 15 30.71 28.52 10.03
CA ARG F 15 32.02 29.07 10.33
C ARG F 15 32.75 28.28 11.46
N GLU F 16 32.01 27.96 12.52
CA GLU F 16 32.57 27.20 13.63
C GLU F 16 33.13 25.85 13.19
N VAL F 17 32.34 25.13 12.40
CA VAL F 17 32.77 23.83 11.90
C VAL F 17 34.04 24.01 11.08
N MET F 18 34.06 25.04 10.25
CA MET F 18 35.19 25.36 9.39
C MET F 18 36.46 25.64 10.21
N LEU F 19 36.37 26.60 11.10
CA LEU F 19 37.55 27.03 11.89
C LEU F 19 38.02 25.82 12.71
N ALA F 20 37.11 25.04 13.24
CA ALA F 20 37.53 23.91 14.11
C ALA F 20 38.32 22.88 13.32
N ALA F 21 37.92 22.60 12.09
CA ALA F 21 38.57 21.57 11.28
C ALA F 21 40.01 21.98 11.01
N ARG F 22 40.24 23.27 10.86
CA ARG F 22 41.61 23.77 10.61
C ARG F 22 42.48 23.40 11.80
N LYS F 23 41.93 23.47 13.01
CA LYS F 23 42.70 23.20 14.25
C LYS F 23 42.68 21.70 14.52
N GLY F 24 42.03 20.93 13.66
CA GLY F 24 42.07 19.46 13.82
C GLY F 24 41.10 18.93 14.84
N GLN F 25 40.12 19.73 15.25
CA GLN F 25 39.14 19.29 16.27
C GLN F 25 37.79 18.98 15.62
N ASP F 26 36.88 18.34 16.35
CA ASP F 26 35.56 17.89 15.91
C ASP F 26 34.49 18.11 16.97
N PRO F 27 34.20 19.38 17.32
CA PRO F 27 33.18 19.73 18.32
C PRO F 27 31.76 19.37 17.94
N TYR F 28 31.49 19.28 16.64
CA TYR F 28 30.14 18.97 16.17
C TYR F 28 29.94 17.55 15.69
N ASN F 29 30.79 16.66 16.19
CA ASN F 29 30.69 15.23 15.92
C ASN F 29 30.48 14.83 14.45
N ILE F 30 31.27 15.40 13.55
CA ILE F 30 31.17 15.09 12.14
C ILE F 30 31.91 13.80 11.79
N LEU F 31 32.93 13.47 12.58
CA LEU F 31 33.72 12.28 12.33
C LEU F 31 33.44 11.16 13.32
N ALA F 32 33.70 9.94 12.89
CA ALA F 32 33.51 8.78 13.74
C ALA F 32 34.81 8.61 14.51
N PRO F 33 34.69 8.53 15.84
CA PRO F 33 35.87 8.36 16.69
C PRO F 33 36.52 6.98 16.53
N LYS F 34 37.85 6.96 16.56
CA LYS F 34 38.58 5.70 16.45
C LYS F 34 38.71 5.08 17.83
N ALA F 35 38.47 3.77 17.90
CA ALA F 35 38.54 3.06 19.16
C ALA F 35 39.95 2.82 19.71
N THR F 36 40.06 2.81 21.04
CA THR F 36 41.33 2.49 21.72
C THR F 36 41.26 0.97 21.87
N SER F 37 42.09 0.39 22.72
CA SER F 37 42.05 -1.05 22.93
C SER F 37 40.84 -1.40 23.79
N GLY F 38 40.26 -0.39 24.43
CA GLY F 38 39.08 -0.59 25.27
C GLY F 38 39.25 -1.39 26.55
N THR F 39 40.43 -1.21 27.15
CA THR F 39 40.74 -1.87 28.44
C THR F 39 40.57 -0.84 29.54
N LYS F 40 40.66 -1.22 30.81
CA LYS F 40 40.35 -0.26 31.90
C LYS F 40 41.36 0.88 31.91
N GLU F 41 42.61 0.57 31.64
CA GLU F 41 43.70 1.58 31.70
C GLU F 41 43.53 2.64 30.60
N ASP F 42 43.12 2.25 29.40
CA ASP F 42 42.91 3.18 28.27
C ASP F 42 41.45 3.00 27.86
N PRO F 43 40.47 3.72 28.48
CA PRO F 43 39.11 3.58 28.11
C PRO F 43 38.84 4.48 26.90
N ASN F 44 37.94 4.09 26.02
CA ASN F 44 37.56 5.01 24.94
C ASN F 44 36.98 6.19 25.68
N LEU F 45 37.37 7.42 25.38
CA LEU F 45 36.91 8.58 26.18
C LEU F 45 35.78 9.25 25.41
N VAL F 46 34.55 9.25 25.94
CA VAL F 46 33.36 9.77 25.21
C VAL F 46 33.15 11.24 25.57
N PRO F 47 33.43 12.26 24.72
CA PRO F 47 33.29 13.65 25.14
C PRO F 47 31.83 14.10 25.24
N SER F 48 31.48 14.83 26.28
CA SER F 48 30.07 15.21 26.45
C SER F 48 29.89 16.59 27.04
N ILE F 49 28.85 17.24 26.59
CA ILE F 49 28.47 18.56 27.20
C ILE F 49 27.66 18.29 28.46
N THR F 50 27.35 17.05 28.88
CA THR F 50 26.59 17.00 30.15
C THR F 50 27.00 15.79 30.96
N ASN F 51 26.13 15.29 31.81
CA ASN F 51 26.50 14.21 32.73
C ASN F 51 26.10 12.87 32.13
N LYS F 52 25.64 12.80 30.89
CA LYS F 52 25.36 11.50 30.22
C LYS F 52 25.48 11.61 28.70
N ARG F 53 25.93 10.57 28.02
CA ARG F 53 25.95 10.53 26.54
C ARG F 53 25.53 9.12 26.14
N ILE F 54 24.84 8.91 25.03
CA ILE F 54 24.50 7.52 24.65
C ILE F 54 25.66 6.94 23.90
N VAL F 55 26.03 5.70 24.19
CA VAL F 55 27.09 5.03 23.47
C VAL F 55 26.44 3.92 22.67
N GLY F 56 26.91 3.75 21.43
CA GLY F 56 26.44 2.66 20.60
C GLY F 56 27.69 1.86 20.36
N CYS F 57 27.67 0.57 20.74
CA CYS F 57 28.84 -0.26 20.55
C CYS F 57 28.65 -1.33 19.47
N ILE F 58 29.47 -1.23 18.42
CA ILE F 58 29.48 -2.22 17.33
C ILE F 58 30.57 -3.19 17.79
N CYS F 59 30.21 -4.14 18.63
CA CYS F 59 31.16 -5.07 19.22
C CYS F 59 32.21 -5.68 18.31
N GLU F 60 31.81 -6.26 17.19
CA GLU F 60 32.85 -6.78 16.28
C GLU F 60 32.47 -6.29 14.89
N GLU F 61 33.42 -5.89 14.07
CA GLU F 61 33.03 -5.31 12.77
C GLU F 61 32.21 -6.35 12.04
N ASP F 62 31.18 -5.93 11.31
CA ASP F 62 30.22 -6.83 10.61
C ASP F 62 29.07 -7.18 11.54
N ASN F 63 29.05 -6.62 12.74
CA ASN F 63 27.85 -6.79 13.60
C ASN F 63 26.83 -5.87 12.94
N SER F 64 25.58 -6.31 12.80
CA SER F 64 24.50 -5.50 12.20
C SER F 64 23.72 -4.96 13.38
N THR F 65 23.93 -5.57 14.53
CA THR F 65 23.30 -5.14 15.78
C THR F 65 24.19 -4.16 16.53
N VAL F 66 23.67 -3.00 16.89
CA VAL F 66 24.44 -2.03 17.68
C VAL F 66 23.91 -2.08 19.10
N ILE F 67 24.81 -2.14 20.07
CA ILE F 67 24.43 -2.19 21.49
C ILE F 67 24.44 -0.77 22.05
N TRP F 68 23.26 -0.31 22.51
CA TRP F 68 23.11 1.06 23.03
C TRP F 68 22.95 1.16 24.52
N PHE F 69 23.59 2.17 25.11
CA PHE F 69 23.49 2.37 26.55
C PHE F 69 23.99 3.75 26.95
N TRP F 70 23.62 4.25 28.13
CA TRP F 70 24.03 5.62 28.50
C TRP F 70 25.37 5.56 29.22
N LEU F 71 26.30 6.48 28.94
CA LEU F 71 27.56 6.56 29.70
C LEU F 71 27.32 7.74 30.61
N HIS F 72 27.66 7.63 31.88
CA HIS F 72 27.34 8.67 32.86
C HIS F 72 28.64 9.17 33.43
N LYS F 73 28.63 10.36 33.99
CA LYS F 73 29.90 10.96 34.42
C LYS F 73 30.36 10.27 35.67
N GLY F 74 31.64 9.90 35.71
CA GLY F 74 32.20 9.18 36.85
C GLY F 74 33.13 8.11 36.35
N GLU F 75 32.97 6.88 36.82
CA GLU F 75 33.94 5.84 36.45
C GLU F 75 33.59 5.28 35.08
N ALA F 76 34.37 4.32 34.62
CA ALA F 76 34.15 3.74 33.30
C ALA F 76 33.06 2.68 33.41
N GLN F 77 32.48 2.31 32.29
CA GLN F 77 31.42 1.29 32.17
C GLN F 77 31.81 0.36 31.03
N ARG F 78 31.20 -0.82 31.00
CA ARG F 78 31.52 -1.80 29.96
C ARG F 78 30.31 -2.10 29.10
N CYS F 79 30.55 -2.35 27.80
CA CYS F 79 29.45 -2.69 26.90
C CYS F 79 28.83 -3.99 27.44
N PRO F 80 27.50 -4.00 27.62
CA PRO F 80 26.78 -5.17 28.15
C PRO F 80 26.97 -6.41 27.26
N SER F 81 27.42 -6.21 26.03
CA SER F 81 27.59 -7.33 25.15
C SER F 81 29.02 -7.85 25.02
N CYS F 82 29.99 -6.98 24.75
CA CYS F 82 31.39 -7.42 24.57
C CYS F 82 32.33 -7.05 25.71
N GLY F 83 31.84 -6.25 26.65
CA GLY F 83 32.66 -5.81 27.77
C GLY F 83 33.69 -4.71 27.52
N THR F 84 33.83 -4.17 26.30
CA THR F 84 34.82 -3.11 26.08
C THR F 84 34.49 -1.90 26.95
N HIS F 85 35.49 -1.14 27.41
CA HIS F 85 35.31 -0.05 28.43
C HIS F 85 35.26 1.37 27.85
N TYR F 86 34.42 2.27 28.35
CA TYR F 86 34.28 3.68 27.88
C TYR F 86 34.16 4.58 29.09
N LYS F 87 34.68 5.82 29.09
CA LYS F 87 34.57 6.77 30.22
C LYS F 87 34.18 8.14 29.70
N LEU F 88 33.33 8.89 30.40
CA LEU F 88 32.83 10.19 29.87
C LEU F 88 33.83 11.25 30.27
N VAL F 89 34.12 12.18 29.38
CA VAL F 89 35.09 13.26 29.66
C VAL F 89 34.41 14.58 29.33
N PRO F 90 34.78 15.72 29.95
CA PRO F 90 34.22 17.02 29.60
C PRO F 90 34.45 17.51 28.17
N HIS F 91 33.49 18.22 27.57
CA HIS F 91 33.64 18.65 26.16
C HIS F 91 34.70 19.74 26.06
N GLY G 1 38.55 24.52 -17.67
CA GLY G 1 38.24 25.60 -16.73
C GLY G 1 37.32 26.67 -17.27
N ALA G 2 37.32 27.85 -16.64
CA ALA G 2 36.50 28.96 -17.16
C ALA G 2 36.92 29.32 -18.57
N ARG G 3 38.22 29.33 -18.87
CA ARG G 3 38.63 29.82 -20.20
C ARG G 3 38.05 28.93 -21.30
N THR G 4 38.10 27.62 -21.12
CA THR G 4 37.64 26.74 -22.21
C THR G 4 36.14 26.94 -22.40
N TRP G 5 35.40 27.02 -21.31
CA TRP G 5 33.93 27.24 -21.36
C TRP G 5 33.57 28.63 -21.88
N ARG G 6 34.34 29.67 -21.54
CA ARG G 6 34.05 31.00 -22.12
C ARG G 6 34.20 30.87 -23.62
N PHE G 7 35.23 30.19 -24.09
CA PHE G 7 35.36 30.13 -25.56
C PHE G 7 34.15 29.38 -26.10
N LEU G 8 33.81 28.25 -25.48
CA LEU G 8 32.72 27.44 -26.05
C LEU G 8 31.42 28.25 -26.03
N THR G 9 31.17 29.07 -24.99
CA THR G 9 29.94 29.90 -25.04
C THR G 9 30.01 30.81 -26.24
N PHE G 10 31.13 31.50 -26.47
CA PHE G 10 31.19 32.51 -27.55
C PHE G 10 31.58 31.97 -28.93
N GLY G 11 32.39 30.92 -29.05
CA GLY G 11 32.88 30.46 -30.36
C GLY G 11 32.35 29.17 -30.92
N LEU G 12 31.53 28.39 -30.19
CA LEU G 12 30.91 27.19 -30.79
C LEU G 12 29.40 27.21 -30.54
N ALA G 13 29.01 27.24 -29.28
CA ALA G 13 27.60 27.34 -28.91
C ALA G 13 26.81 28.47 -29.54
N LEU G 14 27.24 29.70 -29.30
CA LEU G 14 26.55 30.85 -29.86
C LEU G 14 26.58 30.86 -31.40
N PRO G 15 27.71 30.47 -32.01
CA PRO G 15 27.75 30.44 -33.48
C PRO G 15 26.72 29.44 -34.01
N SER G 16 26.51 28.33 -33.31
CA SER G 16 25.53 27.31 -33.69
C SER G 16 24.14 27.88 -33.64
N VAL G 17 23.86 28.66 -32.59
CA VAL G 17 22.58 29.29 -32.41
C VAL G 17 22.36 30.34 -33.51
N ALA G 18 23.43 31.04 -33.89
CA ALA G 18 23.33 32.06 -34.95
C ALA G 18 23.01 31.42 -36.31
N LEU G 19 23.74 30.37 -36.68
CA LEU G 19 23.39 29.73 -37.96
C LEU G 19 21.92 29.32 -37.90
N CYS G 20 21.49 28.65 -36.84
CA CYS G 20 20.10 28.13 -36.77
C CYS G 20 19.08 29.28 -36.79
N THR G 21 19.37 30.39 -36.11
CA THR G 21 18.35 31.46 -36.03
C THR G 21 18.06 31.95 -37.43
N LEU G 22 19.12 32.19 -38.18
CA LEU G 22 18.95 32.68 -39.57
C LEU G 22 18.23 31.58 -40.36
N ASN G 23 18.59 30.32 -40.12
CA ASN G 23 17.97 29.20 -40.88
C ASN G 23 16.46 29.27 -40.68
N SER G 24 15.96 29.29 -39.44
CA SER G 24 14.48 29.29 -39.28
C SER G 24 13.87 30.57 -39.82
N TRP G 25 14.45 31.73 -39.52
CA TRP G 25 13.84 33.02 -39.92
C TRP G 25 13.80 33.21 -41.44
N LEU G 26 14.90 32.97 -42.13
CA LEU G 26 14.88 33.07 -43.61
C LEU G 26 14.04 31.93 -44.21
N HIS G 27 14.29 30.69 -43.75
CA HIS G 27 13.54 29.52 -44.28
C HIS G 27 12.25 29.33 -43.48
N SER G 28 11.31 30.26 -43.66
CA SER G 28 10.05 30.22 -42.89
C SER G 28 8.94 30.59 -43.87
N GLY G 29 8.30 31.73 -43.64
CA GLY G 29 7.12 32.14 -44.43
C GLY G 29 5.90 31.56 -43.75
N HIS G 30 4.75 32.22 -43.82
CA HIS G 30 3.55 31.59 -43.22
C HIS G 30 3.21 30.38 -44.08
N ARG G 31 2.78 29.28 -43.46
CA ARG G 31 2.54 28.04 -44.23
C ARG G 31 1.27 28.20 -45.07
N GLU G 32 1.17 27.40 -46.14
CA GLU G 32 -0.06 27.44 -46.97
C GLU G 32 -1.06 26.57 -46.25
N ARG G 33 -2.32 27.00 -46.14
CA ARG G 33 -3.36 26.26 -45.36
C ARG G 33 -3.97 25.10 -46.21
N PRO G 34 -3.94 23.79 -45.79
CA PRO G 34 -4.61 22.71 -46.51
C PRO G 34 -6.13 22.82 -46.51
N ALA G 35 -6.76 22.19 -47.48
CA ALA G 35 -8.20 22.21 -47.60
C ALA G 35 -8.79 21.60 -46.32
N PHE G 36 -9.92 22.12 -45.86
CA PHE G 36 -10.53 21.57 -44.64
C PHE G 36 -11.33 20.31 -44.95
N ILE G 37 -10.99 19.20 -44.29
CA ILE G 37 -11.75 17.91 -44.46
C ILE G 37 -12.30 17.59 -43.08
N PRO G 38 -13.55 17.14 -42.90
CA PRO G 38 -14.06 16.95 -41.55
C PRO G 38 -13.68 15.62 -40.89
N TYR G 39 -12.40 15.33 -40.75
CA TYR G 39 -11.98 14.02 -40.22
C TYR G 39 -12.52 13.93 -38.81
N HIS G 40 -13.11 12.80 -38.44
CA HIS G 40 -13.77 12.69 -37.12
C HIS G 40 -12.81 12.70 -35.93
N HIS G 41 -11.65 12.08 -36.05
CA HIS G 41 -10.66 12.05 -34.95
C HIS G 41 -10.10 13.42 -34.65
N LEU G 42 -10.23 14.40 -35.55
CA LEU G 42 -9.58 15.70 -35.35
C LEU G 42 -10.63 16.73 -34.95
N ARG G 43 -10.21 17.78 -34.25
CA ARG G 43 -11.11 18.86 -33.82
C ARG G 43 -12.10 18.24 -32.88
N ILE G 44 -11.56 17.59 -31.86
CA ILE G 44 -12.43 16.89 -30.84
C ILE G 44 -13.01 17.86 -29.83
N ARG G 45 -14.29 17.76 -29.51
CA ARG G 45 -15.10 18.59 -28.61
C ARG G 45 -16.00 17.68 -27.79
N THR G 46 -15.51 17.24 -26.63
CA THR G 46 -16.32 16.39 -25.77
C THR G 46 -16.89 17.24 -24.63
N LYS G 47 -16.31 18.42 -24.44
CA LYS G 47 -16.74 19.37 -23.42
C LYS G 47 -16.19 20.71 -23.86
N PRO G 48 -17.01 21.78 -23.76
CA PRO G 48 -16.49 23.08 -24.19
C PRO G 48 -15.36 23.59 -23.31
N PHE G 49 -14.44 24.32 -23.95
CA PHE G 49 -13.30 24.90 -23.27
C PHE G 49 -13.80 25.91 -22.25
N SER G 50 -13.06 26.03 -21.14
CA SER G 50 -13.45 26.94 -20.06
C SER G 50 -13.13 28.40 -20.32
N TRP G 51 -13.04 28.78 -21.60
CA TRP G 51 -12.73 30.16 -21.97
C TRP G 51 -13.41 30.53 -23.29
N GLY G 52 -13.47 31.83 -23.57
CA GLY G 52 -14.08 32.32 -24.80
C GLY G 52 -15.48 31.79 -25.04
N ASP G 53 -15.75 31.29 -26.25
CA ASP G 53 -17.07 30.75 -26.57
C ASP G 53 -17.11 29.24 -26.39
N GLY G 54 -16.06 28.70 -25.76
CA GLY G 54 -15.97 27.27 -25.52
C GLY G 54 -15.63 26.44 -26.73
N ASN G 55 -15.44 27.07 -27.88
CA ASN G 55 -15.15 26.35 -29.11
C ASN G 55 -13.79 26.68 -29.74
N HIS G 56 -13.00 27.56 -29.16
CA HIS G 56 -11.72 27.93 -29.81
C HIS G 56 -10.58 27.53 -28.88
N THR G 57 -9.58 26.83 -29.37
CA THR G 57 -8.46 26.34 -28.57
C THR G 57 -7.68 27.51 -27.94
N PHE G 58 -6.91 27.21 -26.90
CA PHE G 58 -6.19 28.24 -26.18
C PHE G 58 -5.34 29.20 -27.00
N PHE G 59 -4.56 28.66 -27.94
CA PHE G 59 -3.70 29.48 -28.81
C PHE G 59 -4.23 29.42 -30.23
N HIS G 60 -5.56 29.49 -30.36
CA HIS G 60 -6.20 29.40 -31.69
C HIS G 60 -5.64 30.45 -32.61
N ASN G 61 -5.32 30.06 -33.82
CA ASN G 61 -4.78 30.89 -34.89
C ASN G 61 -5.80 30.78 -36.03
N PRO G 62 -6.62 31.83 -36.32
CA PRO G 62 -7.65 31.70 -37.34
C PRO G 62 -7.05 31.33 -38.70
N ARG G 63 -5.85 31.79 -39.00
CA ARG G 63 -5.32 31.49 -40.35
C ARG G 63 -5.15 30.00 -40.48
N VAL G 64 -4.65 29.33 -39.46
CA VAL G 64 -4.38 27.90 -39.65
C VAL G 64 -5.16 26.87 -38.85
N ASN G 65 -5.93 27.31 -37.87
CA ASN G 65 -6.70 26.36 -37.07
C ASN G 65 -8.19 26.46 -37.36
N PRO G 66 -8.73 25.48 -38.10
CA PRO G 66 -10.17 25.52 -38.40
C PRO G 66 -10.98 25.06 -37.20
N LEU G 67 -12.19 25.57 -37.14
CA LEU G 67 -13.07 25.18 -36.03
C LEU G 67 -13.70 23.84 -36.46
N PRO G 68 -14.45 23.09 -35.63
CA PRO G 68 -15.00 21.81 -36.09
C PRO G 68 -15.81 21.95 -37.39
N THR G 69 -16.30 23.16 -37.66
CA THR G 69 -17.10 23.44 -38.84
C THR G 69 -16.32 24.03 -40.00
N GLY G 70 -15.05 24.33 -39.81
CA GLY G 70 -14.29 24.78 -40.98
C GLY G 70 -13.70 26.13 -40.71
N TYR G 71 -12.68 26.50 -41.47
CA TYR G 71 -11.93 27.72 -41.15
C TYR G 71 -12.90 28.88 -41.04
N GLU G 72 -12.70 29.72 -40.03
CA GLU G 72 -13.57 30.91 -39.96
C GLU G 72 -12.98 31.91 -40.95
N ILE H 1 -14.88 -21.13 -55.55
CA ILE H 1 -13.73 -21.31 -54.65
C ILE H 1 -14.10 -20.88 -53.21
N LYS H 2 -15.37 -20.59 -52.96
CA LYS H 2 -15.79 -20.20 -51.58
C LYS H 2 -16.51 -21.34 -50.84
N ASN H 3 -17.80 -21.21 -50.49
CA ASN H 3 -18.53 -22.12 -49.59
C ASN H 3 -18.11 -21.91 -48.12
N TYR H 4 -17.93 -20.60 -47.86
CA TYR H 4 -17.44 -20.07 -46.58
C TYR H 4 -18.38 -20.28 -45.41
N GLN H 5 -17.81 -20.65 -44.29
CA GLN H 5 -18.54 -20.79 -43.03
C GLN H 5 -18.29 -19.49 -42.26
N THR H 6 -17.04 -19.28 -41.87
CA THR H 6 -16.63 -18.07 -41.17
C THR H 6 -15.17 -17.73 -41.49
N ALA H 7 -14.75 -16.51 -41.15
CA ALA H 7 -13.38 -16.07 -41.41
C ALA H 7 -12.38 -17.02 -40.75
N PRO H 8 -11.42 -17.57 -41.57
CA PRO H 8 -10.39 -18.48 -41.08
C PRO H 8 -9.38 -17.83 -40.14
N PHE H 9 -8.52 -18.66 -39.55
CA PHE H 9 -7.47 -18.06 -38.70
C PHE H 9 -6.44 -17.42 -39.62
N ASP H 10 -6.02 -16.20 -39.31
CA ASP H 10 -4.97 -15.55 -40.10
C ASP H 10 -3.74 -15.51 -39.22
N SER H 11 -2.61 -15.99 -39.72
CA SER H 11 -1.35 -15.96 -38.97
C SER H 11 -0.99 -14.52 -38.68
N ARG H 12 -1.34 -13.62 -39.57
CA ARG H 12 -0.93 -12.21 -39.42
C ARG H 12 -1.51 -11.66 -38.13
N PHE H 13 -2.71 -12.10 -37.79
CA PHE H 13 -3.38 -11.57 -36.57
C PHE H 13 -3.66 -12.77 -35.68
N PRO H 14 -2.67 -13.31 -34.95
CA PRO H 14 -2.85 -14.53 -34.18
C PRO H 14 -3.18 -14.39 -32.70
N ASN H 15 -3.26 -13.16 -32.18
CA ASN H 15 -3.49 -12.93 -30.73
C ASN H 15 -4.98 -12.74 -30.48
N GLN H 16 -5.34 -12.11 -29.36
CA GLN H 16 -6.75 -11.82 -29.09
C GLN H 16 -7.15 -10.51 -29.74
N ASN H 17 -6.36 -9.45 -29.66
CA ASN H 17 -6.80 -8.19 -30.23
C ASN H 17 -6.93 -8.42 -31.74
N GLN H 18 -8.16 -8.38 -32.26
CA GLN H 18 -8.38 -8.64 -33.69
C GLN H 18 -8.93 -7.38 -34.37
N THR H 19 -8.79 -6.21 -33.77
CA THR H 19 -9.20 -4.93 -34.34
C THR H 19 -8.64 -4.68 -35.75
N ARG H 20 -7.36 -4.95 -35.92
CA ARG H 20 -6.68 -4.74 -37.18
C ARG H 20 -7.18 -5.70 -38.28
N ASN H 21 -7.48 -6.95 -37.90
CA ASN H 21 -7.98 -7.97 -38.83
C ASN H 21 -9.27 -7.45 -39.52
N CYS H 22 -10.18 -6.93 -38.71
CA CYS H 22 -11.42 -6.39 -39.20
C CYS H 22 -11.10 -5.22 -40.13
N TRP H 23 -10.32 -4.27 -39.63
CA TRP H 23 -9.92 -3.07 -40.35
C TRP H 23 -9.26 -3.37 -41.69
N GLN H 24 -8.29 -4.27 -41.65
CA GLN H 24 -7.54 -4.67 -42.84
C GLN H 24 -8.44 -5.18 -43.94
N ASN H 25 -9.33 -6.12 -43.58
CA ASN H 25 -10.19 -6.75 -44.62
C ASN H 25 -11.30 -5.78 -45.04
N TYR H 26 -11.63 -4.76 -44.26
CA TYR H 26 -12.57 -3.72 -44.69
C TYR H 26 -11.84 -2.90 -45.73
N LEU H 27 -10.59 -2.54 -45.45
CA LEU H 27 -9.76 -1.69 -46.34
C LEU H 27 -9.52 -2.44 -47.62
N ASP H 28 -9.01 -3.65 -47.53
CA ASP H 28 -8.62 -4.51 -48.67
C ASP H 28 -9.77 -4.89 -49.58
N PHE H 29 -10.99 -4.98 -49.08
CA PHE H 29 -12.09 -5.23 -50.03
C PHE H 29 -12.12 -4.00 -50.91
N HIS H 30 -12.06 -2.83 -50.29
CA HIS H 30 -12.16 -1.56 -51.05
C HIS H 30 -10.93 -1.34 -51.93
N ARG H 31 -9.72 -1.56 -51.42
CA ARG H 31 -8.49 -1.45 -52.23
C ARG H 31 -8.54 -2.42 -53.41
N CYS H 32 -8.93 -3.69 -53.24
CA CYS H 32 -9.05 -4.64 -54.38
C CYS H 32 -10.18 -4.20 -55.30
N GLU H 33 -11.31 -3.74 -54.78
CA GLU H 33 -12.36 -3.22 -55.69
C GLU H 33 -11.72 -2.18 -56.61
N LYS H 34 -11.01 -1.20 -56.04
CA LYS H 34 -10.42 -0.12 -56.85
C LYS H 34 -9.42 -0.72 -57.83
N ALA H 35 -8.57 -1.63 -57.37
CA ALA H 35 -7.52 -2.16 -58.27
C ALA H 35 -8.13 -2.95 -59.41
N MET H 36 -9.12 -3.78 -59.10
CA MET H 36 -9.72 -4.67 -60.13
C MET H 36 -10.39 -3.79 -61.19
N THR H 37 -11.17 -2.81 -60.77
CA THR H 37 -11.92 -2.03 -61.77
C THR H 37 -10.94 -1.46 -62.79
N ALA H 38 -9.75 -1.02 -62.33
CA ALA H 38 -8.72 -0.42 -63.23
C ALA H 38 -8.27 -1.43 -64.29
N LYS H 39 -8.14 -2.70 -63.92
CA LYS H 39 -7.65 -3.74 -64.86
C LYS H 39 -8.86 -4.48 -65.46
N GLY H 40 -10.00 -3.79 -65.51
CA GLY H 40 -11.25 -4.41 -65.98
C GLY H 40 -11.22 -5.88 -65.62
N GLY H 41 -11.14 -6.14 -64.32
CA GLY H 41 -11.14 -7.52 -63.79
C GLY H 41 -12.37 -7.67 -62.93
N ASP H 42 -12.84 -8.88 -62.68
CA ASP H 42 -14.13 -8.98 -61.94
C ASP H 42 -14.00 -8.43 -60.52
N VAL H 43 -14.97 -7.65 -60.06
CA VAL H 43 -14.98 -7.18 -58.64
C VAL H 43 -15.76 -8.26 -57.91
N SER H 44 -16.17 -9.31 -58.63
CA SER H 44 -16.81 -10.49 -58.00
C SER H 44 -15.68 -11.17 -57.24
N VAL H 45 -14.42 -10.88 -57.49
CA VAL H 45 -13.35 -11.70 -56.82
C VAL H 45 -12.73 -11.06 -55.56
N CYS H 46 -13.17 -9.87 -55.16
CA CYS H 46 -12.69 -9.26 -53.89
C CYS H 46 -13.64 -9.68 -52.79
N GLU H 47 -14.63 -10.51 -53.12
CA GLU H 47 -15.66 -10.95 -52.14
C GLU H 47 -15.02 -11.73 -51.00
N TRP H 48 -13.88 -12.36 -51.20
CA TRP H 48 -13.32 -13.09 -50.05
C TRP H 48 -13.10 -12.10 -48.93
N TYR H 49 -12.58 -10.92 -49.23
CA TYR H 49 -12.45 -9.94 -48.13
C TYR H 49 -13.82 -9.53 -47.60
N ARG H 50 -14.84 -9.39 -48.43
CA ARG H 50 -16.13 -8.88 -47.92
C ARG H 50 -16.66 -9.87 -46.91
N ARG H 51 -16.55 -11.15 -47.23
CA ARG H 51 -17.08 -12.20 -46.36
C ARG H 51 -16.33 -12.12 -45.06
N VAL H 52 -15.03 -11.83 -45.10
CA VAL H 52 -14.20 -11.81 -43.86
C VAL H 52 -14.37 -10.53 -43.02
N TYR H 53 -14.67 -9.35 -43.59
CA TYR H 53 -14.93 -8.13 -42.81
C TYR H 53 -16.34 -8.18 -42.25
N LYS H 54 -17.30 -8.65 -43.02
CA LYS H 54 -18.70 -8.71 -42.52
C LYS H 54 -18.76 -9.66 -41.33
N SER H 55 -18.06 -10.76 -41.38
CA SER H 55 -18.00 -11.75 -40.31
C SER H 55 -17.40 -11.21 -39.03
N LEU H 56 -16.28 -10.52 -39.17
CA LEU H 56 -15.55 -9.99 -38.02
C LEU H 56 -15.92 -8.60 -37.49
N CYS H 57 -16.23 -7.66 -38.37
CA CYS H 57 -16.51 -6.31 -37.94
C CYS H 57 -17.87 -5.99 -37.33
N PRO H 58 -17.87 -5.29 -36.18
CA PRO H 58 -19.10 -4.91 -35.54
C PRO H 58 -19.87 -4.07 -36.54
N ILE H 59 -21.18 -4.29 -36.64
CA ILE H 59 -22.04 -3.53 -37.58
C ILE H 59 -21.82 -2.03 -37.38
N SER H 60 -21.76 -1.50 -36.16
CA SER H 60 -21.63 -0.06 -35.97
C SER H 60 -20.34 0.51 -36.56
N TRP H 61 -19.30 -0.33 -36.59
CA TRP H 61 -17.99 0.06 -37.11
C TRP H 61 -18.12 0.22 -38.63
N VAL H 62 -18.64 -0.82 -39.28
CA VAL H 62 -18.85 -0.83 -40.73
C VAL H 62 -19.77 0.32 -41.11
N SER H 63 -20.84 0.51 -40.34
CA SER H 63 -21.78 1.59 -40.61
C SER H 63 -21.14 2.97 -40.50
N THR H 64 -20.31 3.16 -39.48
CA THR H 64 -19.63 4.45 -39.26
C THR H 64 -18.61 4.72 -40.36
N TRP H 65 -17.86 3.68 -40.73
CA TRP H 65 -16.84 3.75 -41.78
C TRP H 65 -17.49 4.08 -43.14
N ASP H 66 -18.59 3.42 -43.44
CA ASP H 66 -19.34 3.67 -44.69
C ASP H 66 -19.85 5.12 -44.69
N ASP H 67 -20.42 5.61 -43.59
CA ASP H 67 -20.90 6.99 -43.50
C ASP H 67 -19.78 7.97 -43.76
N ARG H 68 -18.59 7.63 -43.24
CA ARG H 68 -17.43 8.49 -43.40
C ARG H 68 -16.83 8.46 -44.80
N ARG H 69 -16.79 7.30 -45.43
CA ARG H 69 -16.30 7.24 -46.82
C ARG H 69 -17.22 8.09 -47.68
N ALA H 70 -18.53 8.10 -47.37
CA ALA H 70 -19.48 8.90 -48.12
C ALA H 70 -19.33 10.39 -47.84
N GLU H 71 -19.05 10.73 -46.59
CA GLU H 71 -18.88 12.12 -46.17
C GLU H 71 -17.54 12.68 -46.66
N GLY H 72 -16.62 11.75 -46.98
CA GLY H 72 -15.29 12.13 -47.53
C GLY H 72 -14.24 12.03 -46.46
N THR H 73 -14.61 11.59 -45.26
CA THR H 73 -13.70 11.66 -44.10
C THR H 73 -13.15 10.30 -43.67
N PHE H 74 -13.08 9.31 -44.54
CA PHE H 74 -12.49 8.03 -44.10
C PHE H 74 -11.03 8.25 -43.74
N PRO H 75 -10.61 7.88 -42.51
CA PRO H 75 -9.23 8.04 -42.10
C PRO H 75 -8.21 7.23 -42.90
N GLY H 76 -8.56 6.03 -43.34
CA GLY H 76 -7.59 5.13 -44.00
C GLY H 76 -7.33 5.37 -45.47
N LYS H 77 -6.36 4.63 -46.02
CA LYS H 77 -6.04 4.75 -47.48
C LYS H 77 -6.77 3.65 -48.26
N ILE H 78 -7.76 4.01 -49.07
CA ILE H 78 -8.53 3.04 -49.89
C ILE H 78 -8.29 3.39 -51.36
N LEU I 1 21.75 -40.90 40.26
CA LEU I 1 21.01 -40.49 39.07
C LEU I 1 21.98 -40.53 37.91
N ALA I 2 21.51 -40.98 36.75
CA ALA I 2 22.34 -41.05 35.54
C ALA I 2 22.34 -39.70 34.82
N LYS I 3 23.49 -39.35 34.26
CA LYS I 3 23.70 -38.08 33.54
C LYS I 3 22.77 -38.00 32.35
N PRO I 4 21.77 -37.08 32.35
CA PRO I 4 20.87 -37.03 31.19
C PRO I 4 21.48 -36.16 30.10
N GLN I 5 20.82 -36.08 28.93
CA GLN I 5 21.30 -35.23 27.83
C GLN I 5 21.05 -33.78 28.20
N MET I 6 22.11 -32.98 28.10
CA MET I 6 22.05 -31.59 28.52
C MET I 6 22.30 -30.55 27.45
N ARG I 7 22.78 -30.99 26.30
CA ARG I 7 23.08 -30.07 25.22
C ARG I 7 22.16 -30.20 24.00
N GLY I 8 21.90 -29.07 23.33
CA GLY I 8 21.09 -29.04 22.12
C GLY I 8 19.68 -29.58 22.23
N LEU I 9 19.03 -29.31 23.36
CA LEU I 9 17.67 -29.82 23.63
C LEU I 9 16.63 -29.06 22.82
N LEU I 10 16.89 -27.82 22.40
CA LEU I 10 15.98 -27.06 21.55
C LEU I 10 16.11 -27.54 20.12
N ALA I 11 17.35 -27.68 19.67
CA ALA I 11 17.63 -28.13 18.31
C ALA I 11 17.13 -29.56 18.07
N ARG I 12 17.31 -30.42 19.08
CA ARG I 12 16.87 -31.80 19.00
C ARG I 12 15.35 -31.84 18.80
N ARG I 13 14.64 -30.99 19.54
CA ARG I 13 13.20 -30.89 19.47
C ARG I 13 12.72 -30.41 18.10
N LEU I 14 13.41 -29.41 17.58
CA LEU I 14 13.07 -28.87 16.28
C LEU I 14 13.22 -29.94 15.19
N ARG I 15 14.37 -30.62 15.19
CA ARG I 15 14.63 -31.65 14.19
C ARG I 15 13.56 -32.74 14.18
N PHE I 16 13.18 -33.20 15.36
CA PHE I 16 12.17 -34.25 15.49
C PHE I 16 10.82 -33.80 14.92
N HIS I 17 10.37 -32.63 15.40
CA HIS I 17 9.08 -32.13 14.92
C HIS I 17 9.18 -31.60 13.52
N ILE I 18 10.39 -31.40 13.00
CA ILE I 18 10.51 -31.00 11.58
C ILE I 18 10.10 -32.21 10.76
N VAL I 19 10.52 -33.41 11.18
CA VAL I 19 10.14 -34.66 10.47
C VAL I 19 8.62 -34.77 10.56
N GLY I 20 8.09 -34.43 11.72
CA GLY I 20 6.63 -34.53 11.91
C GLY I 20 5.87 -33.62 10.97
N ALA I 21 6.25 -32.33 10.94
CA ALA I 21 5.63 -31.25 10.15
C ALA I 21 5.50 -31.63 8.69
N PHE I 22 6.54 -32.19 8.08
CA PHE I 22 6.30 -32.56 6.67
C PHE I 22 5.19 -33.61 6.60
N MET I 23 5.24 -34.58 7.50
CA MET I 23 4.22 -35.67 7.49
C MET I 23 2.82 -35.10 7.76
N VAL I 24 2.67 -34.11 8.62
CA VAL I 24 1.31 -33.53 8.78
C VAL I 24 0.91 -32.84 7.48
N SER I 25 1.79 -32.01 6.90
CA SER I 25 1.46 -31.23 5.67
C SER I 25 1.34 -32.09 4.43
N LEU I 26 2.25 -33.04 4.21
CA LEU I 26 2.09 -33.98 3.07
C LEU I 26 0.99 -34.95 3.48
N GLY I 27 0.55 -34.91 4.73
CA GLY I 27 -0.60 -35.71 5.18
C GLY I 27 -1.80 -35.25 4.44
N PHE I 28 -1.90 -33.95 4.20
CA PHE I 28 -3.01 -33.51 3.34
C PHE I 28 -2.79 -34.18 1.97
N ALA I 29 -1.57 -34.26 1.45
CA ALA I 29 -1.30 -34.78 0.08
C ALA I 29 -1.84 -36.18 -0.24
N THR I 30 -1.05 -37.28 -0.16
CA THR I 30 -1.63 -38.56 -0.57
C THR I 30 -3.13 -38.60 -0.37
N PHE I 31 -3.66 -37.79 0.64
CA PHE I 31 -5.12 -37.62 1.00
C PHE I 31 -6.00 -36.55 0.27
N TYR I 32 -5.69 -35.25 0.17
CA TYR I 32 -6.58 -34.27 -0.55
C TYR I 32 -6.62 -34.66 -2.03
N LYS I 33 -5.51 -35.17 -2.53
CA LYS I 33 -5.46 -35.70 -3.90
C LYS I 33 -6.46 -36.83 -3.99
N PHE I 34 -6.99 -37.30 -2.87
CA PHE I 34 -7.86 -38.49 -2.93
C PHE I 34 -9.29 -38.13 -2.58
N ALA I 35 -9.52 -37.03 -1.88
CA ALA I 35 -10.91 -36.78 -1.48
C ALA I 35 -11.53 -35.70 -2.33
N VAL I 36 -10.70 -34.89 -2.97
CA VAL I 36 -11.20 -33.81 -3.85
C VAL I 36 -10.62 -34.01 -5.23
N ALA I 37 -9.31 -33.98 -5.38
CA ALA I 37 -8.73 -34.02 -6.74
C ALA I 37 -8.97 -35.30 -7.51
N GLU I 38 -8.77 -36.48 -6.96
CA GLU I 38 -9.02 -37.67 -7.78
C GLU I 38 -10.52 -37.90 -7.94
N LYS I 39 -11.34 -37.52 -6.98
CA LYS I 39 -12.80 -37.62 -7.13
C LYS I 39 -13.30 -36.73 -8.25
N ARG I 40 -12.78 -35.52 -8.42
CA ARG I 40 -13.17 -34.70 -9.59
C ARG I 40 -12.73 -35.35 -10.89
N LYS I 41 -11.50 -35.82 -10.99
CA LYS I 41 -11.01 -36.34 -12.26
C LYS I 41 -11.79 -37.58 -12.62
N LYS I 42 -12.10 -38.42 -11.64
CA LYS I 42 -12.88 -39.65 -11.85
C LYS I 42 -14.32 -39.29 -12.17
N ALA I 43 -14.87 -38.27 -11.56
CA ALA I 43 -16.27 -37.87 -11.78
C ALA I 43 -16.49 -37.28 -13.16
N TYR I 44 -15.49 -36.63 -13.74
CA TYR I 44 -15.64 -36.12 -15.09
C TYR I 44 -15.46 -37.22 -16.13
N ALA I 45 -14.50 -38.10 -15.90
CA ALA I 45 -14.24 -39.20 -16.82
C ALA I 45 -15.44 -40.15 -16.84
N ASP I 46 -16.02 -40.37 -15.67
CA ASP I 46 -17.20 -41.25 -15.53
C ASP I 46 -18.41 -40.66 -16.21
N PHE I 47 -18.61 -39.37 -16.01
CA PHE I 47 -19.75 -38.68 -16.59
C PHE I 47 -19.72 -38.69 -18.10
N TYR I 48 -18.57 -38.41 -18.69
CA TYR I 48 -18.47 -38.35 -20.13
C TYR I 48 -18.20 -39.65 -20.87
N ARG I 49 -17.88 -40.72 -20.15
CA ARG I 49 -17.58 -41.99 -20.77
C ARG I 49 -18.67 -42.48 -21.72
N ASN I 50 -19.89 -42.53 -21.23
CA ASN I 50 -21.02 -42.97 -22.04
C ASN I 50 -22.07 -41.88 -22.14
N TYR I 51 -21.61 -40.64 -22.16
CA TYR I 51 -22.51 -39.50 -22.25
C TYR I 51 -23.08 -39.36 -23.68
N ASP I 52 -24.39 -39.11 -23.71
CA ASP I 52 -25.13 -38.97 -24.95
C ASP I 52 -25.68 -37.55 -24.96
N SER I 53 -25.01 -36.66 -25.70
CA SER I 53 -25.40 -35.26 -25.79
C SER I 53 -26.78 -34.99 -26.39
N MET I 54 -27.16 -35.80 -27.39
CA MET I 54 -28.46 -35.64 -28.02
C MET I 54 -29.55 -36.10 -27.08
N LYS I 55 -29.32 -37.20 -26.37
CA LYS I 55 -30.32 -37.68 -25.42
C LYS I 55 -30.51 -36.63 -24.31
N ASP I 56 -29.38 -36.06 -23.85
CA ASP I 56 -29.42 -35.02 -22.82
C ASP I 56 -30.23 -33.83 -23.33
N PHE I 57 -29.97 -33.41 -24.57
CA PHE I 57 -30.70 -32.28 -25.14
C PHE I 57 -32.21 -32.59 -25.28
N GLU I 58 -32.53 -33.80 -25.73
CA GLU I 58 -33.92 -34.16 -25.91
C GLU I 58 -34.65 -34.03 -24.57
N GLU I 59 -34.03 -34.51 -23.50
CA GLU I 59 -34.62 -34.42 -22.16
C GLU I 59 -34.86 -32.97 -21.78
N MET I 60 -33.87 -32.12 -22.02
CA MET I 60 -34.03 -30.71 -21.69
C MET I 60 -35.12 -30.05 -22.53
N ARG I 61 -35.21 -30.43 -23.80
CA ARG I 61 -36.24 -29.85 -24.68
C ARG I 61 -37.64 -30.26 -24.23
N LYS I 62 -37.80 -31.55 -23.92
CA LYS I 62 -39.09 -32.07 -23.45
C LYS I 62 -39.49 -31.43 -22.14
N ALA I 63 -38.51 -30.98 -21.35
CA ALA I 63 -38.83 -30.31 -20.09
C ALA I 63 -39.18 -28.84 -20.36
N GLY I 64 -38.95 -28.40 -21.60
CA GLY I 64 -39.26 -27.04 -22.00
C GLY I 64 -38.34 -25.90 -21.56
N ILE I 65 -37.06 -26.17 -21.31
CA ILE I 65 -36.18 -25.08 -20.86
C ILE I 65 -35.72 -24.15 -21.97
N PHE I 66 -35.76 -24.63 -23.22
CA PHE I 66 -35.31 -23.86 -24.38
C PHE I 66 -36.24 -22.85 -25.01
N GLN I 67 -35.62 -21.81 -25.51
CA GLN I 67 -36.30 -20.72 -26.19
C GLN I 67 -36.32 -20.99 -27.72
N SER I 68 -35.29 -21.69 -28.22
CA SER I 68 -35.18 -21.99 -29.65
C SER I 68 -35.59 -23.42 -30.06
N ALA I 69 -35.87 -24.26 -29.07
CA ALA I 69 -36.26 -25.63 -29.34
C ALA I 69 -37.40 -25.95 -28.38
N LYS I 70 -38.59 -26.14 -28.94
CA LYS I 70 -39.74 -26.45 -28.13
C LYS I 70 -40.12 -27.94 -28.20
N PHE J 1 27.61 47.53 -7.53
CA PHE J 1 27.14 47.02 -6.20
C PHE J 1 28.30 46.76 -5.23
N GLU J 2 27.96 46.79 -3.93
CA GLU J 2 28.92 46.52 -2.85
C GLU J 2 28.40 45.37 -2.00
N ASN J 3 29.32 44.65 -1.37
CA ASN J 3 28.96 43.50 -0.57
C ASN J 3 28.44 43.92 0.82
N ARG J 4 27.13 43.73 1.04
CA ARG J 4 26.47 44.09 2.30
C ARG J 4 25.98 42.86 3.08
N VAL J 5 26.49 41.68 2.75
CA VAL J 5 26.09 40.46 3.42
C VAL J 5 26.34 40.53 4.92
N ALA J 6 27.47 41.12 5.31
CA ALA J 6 27.84 41.27 6.72
C ALA J 6 26.77 42.01 7.49
N GLU J 7 26.16 43.01 6.86
CA GLU J 7 25.11 43.80 7.50
C GLU J 7 23.90 42.94 7.72
N LYS J 8 23.58 42.12 6.72
CA LYS J 8 22.45 41.22 6.77
C LYS J 8 22.67 40.09 7.79
N GLN J 9 23.92 39.66 7.93
CA GLN J 9 24.28 38.63 8.88
C GLN J 9 24.06 39.15 10.29
N LYS J 10 24.40 40.41 10.52
CA LYS J 10 24.24 41.05 11.82
C LYS J 10 22.75 41.12 12.16
N LEU J 11 21.96 41.60 11.21
CA LEU J 11 20.53 41.73 11.37
C LEU J 11 19.81 40.41 11.68
N PHE J 12 20.15 39.37 10.94
CA PHE J 12 19.51 38.08 11.15
C PHE J 12 20.06 37.23 12.28
N GLN J 13 21.14 37.69 12.91
CA GLN J 13 21.72 36.96 14.04
C GLN J 13 21.47 37.70 15.36
N GLU J 14 20.83 38.85 15.24
CA GLU J 14 20.48 39.71 16.36
C GLU J 14 19.60 38.92 17.32
N ASP J 15 20.03 38.78 18.57
CA ASP J 15 19.26 38.02 19.55
C ASP J 15 18.02 38.73 20.07
N ASN J 16 16.97 38.69 19.27
CA ASN J 16 15.69 39.30 19.63
C ASN J 16 14.58 38.24 19.77
N GLY J 17 14.98 36.97 19.71
CA GLY J 17 14.04 35.86 19.84
C GLY J 17 13.01 35.69 18.73
N LEU J 18 13.13 36.46 17.66
CA LEU J 18 12.19 36.36 16.54
C LEU J 18 12.49 35.18 15.59
N PRO J 19 11.43 34.49 15.11
CA PRO J 19 11.58 33.36 14.18
C PRO J 19 12.07 33.91 12.85
N VAL J 20 12.88 33.15 12.12
CA VAL J 20 13.43 33.63 10.85
C VAL J 20 12.44 34.31 9.89
N HIS J 21 11.19 33.89 9.87
CA HIS J 21 10.24 34.49 8.94
C HIS J 21 9.74 35.87 9.31
N LEU J 22 10.14 36.36 10.48
CA LEU J 22 9.73 37.69 10.92
C LEU J 22 10.91 38.53 11.34
N LYS J 23 12.11 37.95 11.30
CA LYS J 23 13.33 38.63 11.73
C LYS J 23 13.82 39.75 10.83
N GLY J 24 13.25 39.86 9.65
CA GLY J 24 13.66 40.90 8.73
C GLY J 24 13.09 42.25 9.12
N GLY J 25 11.98 42.24 9.84
CA GLY J 25 11.37 43.47 10.26
C GLY J 25 9.87 43.49 10.10
N ALA J 26 9.31 44.70 10.16
CA ALA J 26 7.87 44.95 10.05
C ALA J 26 7.22 44.47 8.77
N THR J 27 7.97 44.51 7.68
CA THR J 27 7.46 44.05 6.39
C THR J 27 7.14 42.57 6.38
N ASP J 28 7.95 41.79 7.09
CA ASP J 28 7.74 40.35 7.20
C ASP J 28 6.38 40.11 7.80
N ASN J 29 6.14 40.92 8.84
CA ASN J 29 4.87 40.84 9.58
C ASN J 29 3.75 41.31 8.66
N ILE J 30 3.97 42.37 7.88
CA ILE J 30 2.93 42.76 6.89
C ILE J 30 2.77 41.67 5.85
N LEU J 31 3.85 41.12 5.29
CA LEU J 31 3.76 40.09 4.24
C LEU J 31 3.16 38.80 4.79
N TYR J 32 3.51 38.39 6.01
CA TYR J 32 2.95 37.18 6.66
C TYR J 32 1.49 37.41 6.96
N ARG J 33 1.10 38.57 7.43
CA ARG J 33 -0.34 38.76 7.66
C ARG J 33 -1.13 38.69 6.35
N VAL J 34 -0.60 39.25 5.28
CA VAL J 34 -1.29 39.16 3.96
C VAL J 34 -1.38 37.70 3.48
N THR J 35 -0.33 36.89 3.58
CA THR J 35 -0.36 35.48 3.13
C THR J 35 -1.34 34.72 3.98
N MET J 36 -1.37 34.94 5.29
CA MET J 36 -2.35 34.29 6.20
C MET J 36 -3.78 34.76 5.95
N THR J 37 -4.03 36.03 5.69
CA THR J 37 -5.41 36.48 5.51
C THR J 37 -5.95 35.82 4.26
N LEU J 38 -5.21 35.82 3.17
CA LEU J 38 -5.69 35.24 1.89
C LEU J 38 -5.87 33.75 2.03
N CYS J 39 -5.00 33.04 2.73
CA CYS J 39 -5.07 31.56 2.78
C CYS J 39 -6.30 31.09 3.51
N LEU J 40 -6.58 31.60 4.69
CA LEU J 40 -7.73 31.26 5.52
C LEU J 40 -9.03 31.75 4.91
N GLY J 41 -9.01 32.97 4.38
CA GLY J 41 -10.20 33.53 3.75
C GLY J 41 -10.58 32.71 2.55
N GLY J 42 -9.58 32.40 1.72
CA GLY J 42 -9.79 31.59 0.53
C GLY J 42 -10.29 30.19 0.86
N THR J 43 -9.87 29.66 2.01
CA THR J 43 -10.31 28.33 2.42
C THR J 43 -11.79 28.38 2.81
N LEU J 44 -12.16 29.44 3.53
CA LEU J 44 -13.56 29.61 3.94
C LEU J 44 -14.39 29.72 2.69
N TYR J 45 -13.91 30.50 1.72
CA TYR J 45 -14.62 30.67 0.46
C TYR J 45 -14.76 29.34 -0.29
N SER J 46 -13.72 28.51 -0.27
CA SER J 46 -13.82 27.23 -0.96
C SER J 46 -14.86 26.35 -0.29
N LEU J 47 -14.97 26.46 1.04
CA LEU J 47 -15.95 25.68 1.78
C LEU J 47 -17.35 26.11 1.38
N TYR J 48 -17.52 27.41 1.22
CA TYR J 48 -18.80 27.95 0.79
C TYR J 48 -19.12 27.42 -0.61
N CYS J 49 -18.14 27.42 -1.50
CA CYS J 49 -18.33 26.93 -2.86
C CYS J 49 -18.71 25.46 -2.87
N LEU J 50 -18.12 24.68 -1.97
CA LEU J 50 -18.42 23.26 -1.86
C LEU J 50 -19.88 23.13 -1.41
N GLY J 51 -20.31 24.08 -0.62
CA GLY J 51 -21.72 24.07 -0.28
C GLY J 51 -22.53 24.35 -1.52
N TRP J 52 -22.24 25.42 -2.23
CA TRP J 52 -23.14 25.75 -3.35
C TRP J 52 -23.13 24.63 -4.38
N ALA J 53 -21.97 24.03 -4.65
CA ALA J 53 -21.86 22.99 -5.70
C ALA J 53 -22.61 21.71 -5.33
N SER J 54 -22.43 21.26 -4.09
CA SER J 54 -22.99 19.98 -3.61
C SER J 54 -24.50 20.02 -3.66
N PHE J 55 -25.10 21.18 -3.47
CA PHE J 55 -26.58 21.21 -3.34
C PHE J 55 -27.26 21.60 -4.67
N ASP K 1 -5.90 -12.40 41.66
CA ASP K 1 -6.06 -11.04 41.09
C ASP K 1 -7.52 -10.87 40.75
N PHE K 2 -7.85 -10.04 39.78
CA PHE K 2 -9.25 -10.00 39.33
C PHE K 2 -9.50 -11.35 38.68
N HIS K 3 -8.54 -11.81 37.89
CA HIS K 3 -8.74 -13.05 37.11
C HIS K 3 -8.96 -14.25 38.00
N ASP K 4 -8.19 -14.42 39.07
CA ASP K 4 -8.35 -15.65 39.87
C ASP K 4 -9.72 -15.67 40.53
N LYS K 5 -10.13 -14.54 41.08
CA LYS K 5 -11.45 -14.45 41.72
C LYS K 5 -12.62 -14.64 40.73
N TYR K 6 -12.63 -13.98 39.57
CA TYR K 6 -13.82 -13.99 38.69
C TYR K 6 -13.62 -14.53 37.29
N GLY K 7 -12.45 -15.06 36.96
CA GLY K 7 -12.19 -15.48 35.58
C GLY K 7 -13.11 -16.57 35.15
N ASN K 8 -13.34 -17.55 36.01
CA ASN K 8 -14.15 -18.71 35.59
C ASN K 8 -15.57 -18.23 35.28
N ALA K 9 -16.11 -17.32 36.10
CA ALA K 9 -17.45 -16.76 35.86
C ALA K 9 -17.52 -15.93 34.58
N VAL K 10 -16.44 -15.31 34.11
CA VAL K 10 -16.43 -14.66 32.77
C VAL K 10 -16.35 -15.66 31.63
N LEU K 11 -15.56 -16.71 31.69
CA LEU K 11 -15.54 -17.63 30.53
C LEU K 11 -16.93 -18.23 30.40
N ALA K 12 -17.55 -18.61 31.51
CA ALA K 12 -18.87 -19.30 31.47
C ALA K 12 -20.01 -18.40 31.07
N SER K 13 -20.14 -17.25 31.71
CA SER K 13 -21.29 -16.36 31.46
C SER K 13 -21.21 -15.79 30.05
N GLY K 14 -20.03 -15.35 29.66
CA GLY K 14 -19.85 -14.76 28.33
C GLY K 14 -20.10 -15.78 27.26
N ALA K 15 -19.63 -17.00 27.39
CA ALA K 15 -19.86 -17.94 26.28
C ALA K 15 -21.33 -18.25 26.13
N THR K 16 -22.06 -18.44 27.22
CA THR K 16 -23.52 -18.73 27.18
C THR K 16 -24.27 -17.57 26.54
N PHE K 17 -23.93 -16.30 26.85
CA PHE K 17 -24.58 -15.17 26.16
C PHE K 17 -24.27 -15.23 24.66
N CYS K 18 -23.04 -15.48 24.26
CA CYS K 18 -22.75 -15.44 22.81
C CYS K 18 -23.55 -16.53 22.13
N VAL K 19 -23.59 -17.74 22.66
CA VAL K 19 -24.31 -18.85 21.97
C VAL K 19 -25.78 -18.45 21.95
N ALA K 20 -26.34 -17.94 23.03
CA ALA K 20 -27.75 -17.53 23.09
C ALA K 20 -28.06 -16.46 22.07
N VAL K 21 -27.72 -15.20 22.33
CA VAL K 21 -28.13 -14.17 21.40
C VAL K 21 -27.86 -14.50 19.92
N TRP K 22 -26.79 -15.24 19.62
CA TRP K 22 -26.50 -15.61 18.24
C TRP K 22 -27.50 -16.65 17.73
N VAL K 23 -27.87 -17.61 18.58
CA VAL K 23 -28.84 -18.62 18.20
C VAL K 23 -30.18 -17.93 17.96
N TYR K 24 -30.48 -16.94 18.78
CA TYR K 24 -31.71 -16.20 18.63
C TYR K 24 -31.73 -15.46 17.30
N MET K 25 -30.62 -14.85 16.94
CA MET K 25 -30.48 -14.07 15.70
C MET K 25 -30.57 -14.99 14.50
N ALA K 26 -29.99 -16.17 14.56
CA ALA K 26 -29.99 -16.97 13.34
C ALA K 26 -31.33 -17.68 13.16
N THR K 27 -32.11 -17.88 14.22
CA THR K 27 -33.34 -18.64 14.03
C THR K 27 -34.69 -17.97 14.32
N GLN K 28 -34.70 -16.87 15.05
CA GLN K 28 -35.96 -16.24 15.40
C GLN K 28 -36.33 -14.92 14.79
N ILE K 29 -35.41 -14.37 13.99
CA ILE K 29 -35.60 -12.99 13.47
C ILE K 29 -35.87 -13.02 11.98
N GLY K 30 -35.99 -14.19 11.40
CA GLY K 30 -36.31 -14.27 9.96
C GLY K 30 -35.16 -14.04 9.00
N ILE K 31 -33.92 -14.23 9.42
CA ILE K 31 -32.81 -14.08 8.44
C ILE K 31 -32.98 -15.16 7.38
N GLU K 32 -32.79 -14.81 6.10
CA GLU K 32 -32.85 -15.83 5.04
C GLU K 32 -31.44 -16.29 4.76
N TRP K 33 -31.18 -17.55 5.04
CA TRP K 33 -29.81 -18.02 4.90
C TRP K 33 -29.72 -18.71 3.56
N ASN K 34 -30.85 -19.16 3.01
CA ASN K 34 -30.85 -19.76 1.68
C ASN K 34 -29.94 -20.98 1.57
N PRO K 35 -30.24 -22.02 2.35
CA PRO K 35 -29.44 -23.25 2.32
C PRO K 35 -29.67 -24.04 1.02
N SER K 36 -28.85 -25.04 0.78
CA SER K 36 -28.99 -25.87 -0.41
C SER K 36 -30.30 -26.64 -0.44
N PRO K 37 -31.05 -26.59 -1.58
CA PRO K 37 -32.24 -27.41 -1.72
C PRO K 37 -31.95 -28.91 -1.74
N VAL K 38 -30.72 -29.35 -1.95
CA VAL K 38 -30.36 -30.75 -1.91
C VAL K 38 -30.77 -31.39 -0.59
N GLY K 39 -31.85 -32.15 -0.64
CA GLY K 39 -32.36 -32.74 0.60
C GLY K 39 -33.59 -32.04 1.11
N ARG K 40 -33.66 -30.72 1.03
CA ARG K 40 -34.79 -30.02 1.69
C ARG K 40 -35.96 -29.67 0.76
N VAL K 41 -35.72 -29.13 -0.41
CA VAL K 41 -36.85 -28.63 -1.25
C VAL K 41 -37.39 -29.77 -2.07
N THR K 42 -38.72 -29.93 -2.12
CA THR K 42 -39.30 -30.95 -3.01
C THR K 42 -39.52 -30.23 -4.31
N PRO K 43 -38.87 -30.49 -5.47
CA PRO K 43 -39.15 -29.66 -6.62
C PRO K 43 -40.64 -29.63 -7.01
N LYS K 44 -41.16 -28.52 -7.57
CA LYS K 44 -42.58 -28.37 -8.01
C LYS K 44 -42.54 -27.91 -9.45
N GLU K 45 -43.61 -28.02 -10.22
CA GLU K 45 -43.53 -27.77 -11.68
C GLU K 45 -43.57 -26.28 -12.00
N TRP K 46 -42.53 -25.80 -12.67
CA TRP K 46 -42.40 -24.37 -13.01
C TRP K 46 -43.40 -23.90 -14.06
N ARG K 47 -43.65 -24.69 -15.10
CA ARG K 47 -44.44 -24.22 -16.26
C ARG K 47 -45.93 -24.17 -15.93
N HIS L 1 9.80 27.08 27.01
CA HIS L 1 10.09 25.80 26.29
C HIS L 1 8.80 24.97 26.27
N TYR L 2 8.64 24.15 25.25
CA TYR L 2 7.41 23.34 25.14
C TYR L 2 7.41 22.39 26.31
N GLU L 3 6.28 22.31 27.00
CA GLU L 3 6.17 21.47 28.20
C GLU L 3 6.40 20.02 27.79
N GLU L 4 7.03 19.24 28.65
CA GLU L 4 7.39 17.88 28.23
C GLU L 4 6.90 16.92 29.29
N GLY L 5 6.74 15.66 28.92
CA GLY L 5 6.32 14.65 29.88
C GLY L 5 5.03 14.06 29.40
N PRO L 6 4.37 13.19 30.15
CA PRO L 6 3.21 12.59 29.60
C PRO L 6 1.98 13.51 29.68
N GLY L 7 1.05 13.47 28.71
CA GLY L 7 -0.10 14.35 28.64
C GLY L 7 0.16 15.78 28.19
N LYS L 8 1.41 16.06 27.80
CA LYS L 8 1.81 17.43 27.45
C LYS L 8 2.48 17.46 26.09
N ASN L 9 2.59 16.35 25.39
CA ASN L 9 3.14 16.34 24.04
C ASN L 9 2.03 16.05 23.03
N ILE L 10 0.82 16.54 23.32
CA ILE L 10 -0.33 16.30 22.46
C ILE L 10 -1.17 17.54 22.25
N PRO L 11 -1.89 17.63 21.11
CA PRO L 11 -2.73 18.79 20.81
C PRO L 11 -4.06 18.86 21.57
N PHE L 12 -4.38 17.81 22.33
CA PHE L 12 -5.61 17.78 23.12
C PHE L 12 -5.25 17.64 24.59
N SER L 13 -6.09 18.01 25.54
CA SER L 13 -5.64 17.91 26.95
C SER L 13 -6.17 16.65 27.60
N VAL L 14 -5.38 15.98 28.42
CA VAL L 14 -5.83 14.71 29.03
C VAL L 14 -6.12 14.87 30.52
N GLU L 15 -6.19 16.09 31.06
CA GLU L 15 -6.38 16.35 32.51
C GLU L 15 -7.71 15.87 33.11
N ASN L 16 -8.84 16.02 32.43
CA ASN L 16 -10.10 15.44 32.97
C ASN L 16 -10.47 14.25 32.09
N LYS L 17 -10.77 13.11 32.68
CA LYS L 17 -11.05 11.88 31.91
C LYS L 17 -12.38 12.09 31.22
N TRP L 18 -13.25 12.94 31.74
CA TRP L 18 -14.62 13.07 31.22
C TRP L 18 -14.69 14.11 30.12
N ARG L 19 -13.85 15.13 30.12
CA ARG L 19 -13.74 16.02 28.94
C ARG L 19 -13.05 15.27 27.82
N LEU L 20 -12.04 14.46 28.11
CA LEU L 20 -11.34 13.65 27.10
C LEU L 20 -12.32 12.65 26.49
N LEU L 21 -13.20 12.04 27.25
CA LEU L 21 -14.19 11.14 26.62
C LEU L 21 -15.00 11.98 25.66
N ALA L 22 -15.42 13.18 26.04
CA ALA L 22 -16.26 14.01 25.17
C ALA L 22 -15.53 14.43 23.90
N MET L 23 -14.26 14.78 23.98
CA MET L 23 -13.49 15.27 22.81
C MET L 23 -13.29 14.08 21.91
N MET L 24 -12.91 12.93 22.47
CA MET L 24 -12.57 11.71 21.68
C MET L 24 -13.81 11.06 21.12
N THR L 25 -14.93 11.09 21.82
CA THR L 25 -16.19 10.55 21.28
C THR L 25 -16.58 11.38 20.05
N LEU L 26 -16.45 12.70 20.09
CA LEU L 26 -16.70 13.57 18.92
C LEU L 26 -15.65 13.39 17.84
N PHE L 27 -14.37 13.25 18.16
CA PHE L 27 -13.38 13.16 17.07
C PHE L 27 -13.64 11.88 16.33
N PHE L 28 -13.68 10.77 17.03
CA PHE L 28 -13.81 9.46 16.36
C PHE L 28 -15.21 9.24 15.83
N GLY L 29 -16.23 9.54 16.60
CA GLY L 29 -17.62 9.36 16.18
C GLY L 29 -18.04 10.29 15.08
N SER L 30 -17.45 11.47 14.94
CA SER L 30 -17.71 12.41 13.81
C SER L 30 -17.18 11.82 12.52
N GLY L 31 -16.04 11.15 12.56
CA GLY L 31 -15.50 10.46 11.38
C GLY L 31 -16.34 9.29 10.98
N PHE L 32 -16.78 8.49 11.92
CA PHE L 32 -17.68 7.38 11.59
C PHE L 32 -19.01 7.90 11.03
N ALA L 33 -19.56 8.95 11.59
CA ALA L 33 -20.86 9.49 11.14
C ALA L 33 -20.80 10.09 9.75
N ALA L 34 -19.69 10.70 9.34
CA ALA L 34 -19.62 11.43 8.06
C ALA L 34 -19.96 10.58 6.87
N PRO L 35 -19.49 9.33 6.65
CA PRO L 35 -19.91 8.59 5.49
C PRO L 35 -21.42 8.37 5.41
N PHE L 36 -22.10 8.18 6.52
CA PHE L 36 -23.56 8.03 6.55
C PHE L 36 -24.26 9.33 6.22
N PHE L 37 -23.66 10.47 6.50
CA PHE L 37 -24.41 11.71 6.21
C PHE L 37 -24.22 12.05 4.74
N ILE L 38 -23.20 11.53 4.08
CA ILE L 38 -23.02 11.69 2.62
C ILE L 38 -24.10 10.88 1.93
N VAL L 39 -24.40 9.67 2.40
CA VAL L 39 -25.46 8.80 1.84
C VAL L 39 -26.83 9.44 2.03
N ARG L 40 -27.10 10.10 3.15
CA ARG L 40 -28.38 10.83 3.29
C ARG L 40 -28.43 11.96 2.28
N HIS L 41 -27.37 12.73 2.11
CA HIS L 41 -27.34 13.87 1.18
C HIS L 41 -27.55 13.32 -0.20
N GLN L 42 -26.89 12.23 -0.53
CA GLN L 42 -26.97 11.71 -1.91
C GLN L 42 -28.35 11.17 -2.21
N LEU L 43 -28.98 10.50 -1.26
CA LEU L 43 -30.36 10.00 -1.44
C LEU L 43 -31.38 11.13 -1.45
N LEU L 44 -31.18 12.14 -0.63
CA LEU L 44 -32.13 13.25 -0.45
C LEU L 44 -32.21 14.06 -1.74
N LYS L 45 -31.11 14.28 -2.45
CA LYS L 45 -31.06 15.17 -3.64
C LYS L 45 -32.02 14.65 -4.71
N LYS L 46 -31.94 13.39 -5.06
CA LYS L 46 -32.73 12.67 -6.05
C LYS L 46 -32.34 11.19 -6.06
N ILE M 1 8.56 -5.64 31.64
CA ILE M 1 7.79 -4.40 31.60
C ILE M 1 6.90 -4.30 32.83
N HIS M 2 6.82 -3.09 33.39
CA HIS M 2 5.99 -2.84 34.56
C HIS M 2 5.36 -1.47 34.43
N SER M 3 4.28 -1.26 35.19
CA SER M 3 3.58 0.01 35.19
C SER M 3 3.26 0.41 36.63
N LEU M 4 3.26 1.72 36.86
CA LEU M 4 2.96 2.27 38.18
C LEU M 4 1.47 2.09 38.51
N PRO M 5 1.12 2.08 39.80
CA PRO M 5 -0.30 2.09 40.16
C PRO M 5 -0.95 3.39 39.76
N PRO M 6 -2.26 3.38 39.49
CA PRO M 6 -2.91 4.57 38.94
C PRO M 6 -3.05 5.68 39.98
N GLU M 7 -2.92 6.92 39.51
CA GLU M 7 -3.13 8.09 40.35
C GLU M 7 -4.60 8.27 40.70
N GLY M 8 -5.50 7.77 39.88
CA GLY M 8 -6.90 7.63 40.23
C GLY M 8 -7.43 6.28 39.82
N LYS M 9 -7.89 5.49 40.78
CA LYS M 9 -8.42 4.17 40.45
C LYS M 9 -9.80 4.28 39.83
N LEU M 10 -10.04 3.49 38.79
CA LEU M 10 -11.29 3.56 38.05
C LEU M 10 -12.32 2.61 38.63
N GLY M 11 -13.46 3.15 39.03
CA GLY M 11 -14.51 2.33 39.58
C GLY M 11 -15.33 1.65 38.52
N ILE M 12 -16.31 0.88 38.97
CA ILE M 12 -17.21 0.18 38.05
C ILE M 12 -18.15 1.18 37.39
N MET M 13 -18.71 2.10 38.17
CA MET M 13 -19.60 3.11 37.60
C MET M 13 -18.84 4.13 36.77
N GLU M 14 -17.52 4.24 36.97
CA GLU M 14 -16.73 5.11 36.12
C GLU M 14 -16.49 4.46 34.75
N LEU M 15 -16.30 3.13 34.74
CA LEU M 15 -16.13 2.45 33.46
C LEU M 15 -17.45 2.20 32.77
N ALA M 16 -18.56 2.18 33.52
CA ALA M 16 -19.85 1.91 32.91
C ALA M 16 -20.31 3.09 32.08
N VAL M 17 -20.08 4.31 32.58
CA VAL M 17 -20.44 5.50 31.83
C VAL M 17 -19.53 5.65 30.62
N GLY M 18 -18.25 5.32 30.78
CA GLY M 18 -17.31 5.48 29.69
C GLY M 18 -17.54 4.49 28.55
N LEU M 19 -17.89 3.26 28.90
CA LEU M 19 -18.05 2.23 27.86
C LEU M 19 -19.38 2.40 27.13
N THR M 20 -20.43 2.83 27.85
CA THR M 20 -21.70 3.07 27.17
C THR M 20 -21.70 4.39 26.43
N SER M 21 -20.75 5.29 26.74
CA SER M 21 -20.61 6.48 25.91
C SER M 21 -19.96 6.15 24.58
N CYS M 22 -19.06 5.16 24.58
CA CYS M 22 -18.37 4.79 23.34
C CYS M 22 -19.30 4.06 22.37
N PHE M 23 -20.29 3.35 22.89
CA PHE M 23 -21.17 2.58 22.01
C PHE M 23 -22.33 3.42 21.51
N VAL M 24 -22.99 4.14 22.43
CA VAL M 24 -24.25 4.81 22.11
C VAL M 24 -24.02 5.97 21.14
N THR M 25 -22.90 6.67 21.29
CA THR M 25 -22.66 7.85 20.48
C THR M 25 -22.17 7.54 19.07
N PHE M 26 -22.05 6.28 18.69
CA PHE M 26 -21.87 5.92 17.29
C PHE M 26 -23.12 5.35 16.68
N LEU M 27 -23.96 4.72 17.51
CA LEU M 27 -25.12 4.01 17.00
C LEU M 27 -26.31 4.95 16.86
N LEU M 28 -26.34 6.05 17.63
CA LEU M 28 -27.43 7.00 17.48
C LEU M 28 -27.41 7.77 16.16
N PRO M 29 -26.27 8.32 15.66
CA PRO M 29 -26.35 8.91 14.32
C PRO M 29 -26.49 7.86 13.23
N ALA M 30 -25.89 6.68 13.41
CA ALA M 30 -26.05 5.62 12.43
C ALA M 30 -27.46 5.06 12.47
N GLY M 31 -28.11 5.12 13.63
CA GLY M 31 -29.44 4.53 13.75
C GLY M 31 -30.53 5.41 13.17
N TRP M 32 -30.49 6.71 13.47
CA TRP M 32 -31.55 7.61 13.02
C TRP M 32 -31.51 7.79 11.51
N ILE M 33 -30.34 7.64 10.90
CA ILE M 33 -30.26 7.83 9.46
C ILE M 33 -30.63 6.55 8.72
N LEU M 34 -30.15 5.40 9.20
CA LEU M 34 -30.46 4.15 8.52
C LEU M 34 -31.91 3.73 8.69
N SER M 35 -32.55 4.14 9.80
CA SER M 35 -33.95 3.77 9.98
C SER M 35 -34.86 4.56 9.06
N HIS M 36 -34.59 5.85 8.89
CA HIS M 36 -35.48 6.73 8.15
C HIS M 36 -35.17 6.81 6.67
N LEU M 37 -34.55 5.79 6.09
CA LEU M 37 -34.13 5.85 4.69
C LEU M 37 -35.30 5.87 3.72
N GLU M 38 -36.42 5.25 4.10
CA GLU M 38 -37.61 5.28 3.24
C GLU M 38 -38.25 6.66 3.23
N THR M 39 -38.03 7.44 4.28
CA THR M 39 -38.63 8.77 4.36
C THR M 39 -37.93 9.74 3.41
N TYR M 40 -36.64 9.55 3.18
CA TYR M 40 -35.93 10.42 2.24
C TYR M 40 -36.26 10.03 0.80
N ARG M 41 -36.81 8.84 0.60
CA ARG M 41 -36.97 8.31 -0.75
C ARG M 41 -38.17 8.90 -1.45
N ARG M 42 -39.19 9.32 -0.69
CA ARG M 42 -40.52 9.66 -1.24
C ARG M 42 -40.58 10.85 -2.21
N PRO M 43 -39.63 11.84 -2.23
CA PRO M 43 -39.82 12.71 -3.40
C PRO M 43 -39.15 12.13 -4.65
#